data_4TTC
#
_entry.id   4TTC
#
_cell.length_a   104.747
_cell.length_b   104.747
_cell.length_c   303.338
_cell.angle_alpha   90.00
_cell.angle_beta   90.00
_cell.angle_gamma   120.00
#
_symmetry.space_group_name_H-M   'P 61'
#
loop_
_entity.id
_entity.type
_entity.pdbx_description
1 polymer 'Iodotyrosine dehalogenase 1'
2 non-polymer 'FLAVIN MONONUCLEOTIDE'
3 non-polymer 3-IODO-TYROSINE
4 water water
#
_entity_poly.entity_id   1
_entity_poly.type   'polypeptide(L)'
_entity_poly.pdbx_seq_one_letter_code
;SGEPRTRAEARPWVDEDLKDSSDLHQAEEDADEWQESEENVEHIPFSHNHYPEKEMVKRSQEFYELLNKRRSVRFISNEQ
VPMEVIDNVIRTAGTAPSGAHTEPWTFVVVKDPDVKHKIRKIIEEEEEINYMKRMGHRWVTDLKKLRTNWIKEYLDTAPI
LILIFKQVHGFAANGKKKVHYYNEISVSIACGILLAALQNAGLVTVTTTPLNCGPRLRVLLGRPAHEKLLMLLPVGYPSK
EATVPDLKRKPLDQIMVTVHHHHHH
;
_entity_poly.pdbx_strand_id   A,B,C,D,E,F
#
# COMPACT_ATOMS: atom_id res chain seq x y z
N VAL A 41 -9.44 26.94 5.03
CA VAL A 41 -9.06 26.29 3.77
C VAL A 41 -9.34 24.78 3.76
N GLU A 42 -9.78 24.28 2.62
CA GLU A 42 -10.15 22.88 2.54
C GLU A 42 -8.93 21.97 2.34
N HIS A 43 -9.10 20.70 2.68
CA HIS A 43 -8.10 19.69 2.44
C HIS A 43 -8.54 18.71 1.38
N ILE A 44 -7.61 18.40 0.47
CA ILE A 44 -7.92 17.64 -0.72
C ILE A 44 -7.04 16.42 -0.86
N PRO A 45 -7.46 15.46 -1.67
CA PRO A 45 -6.58 14.30 -1.84
C PRO A 45 -5.27 14.68 -2.50
N PHE A 46 -4.24 13.93 -2.16
CA PHE A 46 -2.93 14.14 -2.75
C PHE A 46 -2.80 13.14 -3.90
N SER A 47 -2.39 13.59 -5.08
CA SER A 47 -2.36 12.64 -6.18
C SER A 47 -1.01 11.92 -6.28
N HIS A 48 -1.06 10.59 -6.15
CA HIS A 48 0.13 9.74 -6.09
C HIS A 48 0.74 9.72 -7.48
N ASN A 49 2.04 9.98 -7.61
CA ASN A 49 2.66 9.73 -8.91
C ASN A 49 3.32 8.34 -8.93
N HIS A 50 2.80 7.41 -9.73
CA HIS A 50 3.31 6.03 -9.76
C HIS A 50 4.55 5.68 -10.66
N TYR A 51 5.72 5.46 -10.02
CA TYR A 51 6.91 4.97 -10.73
C TYR A 51 7.24 3.54 -10.30
N PRO A 52 7.66 2.71 -11.27
CA PRO A 52 8.30 1.44 -10.90
C PRO A 52 9.53 1.70 -10.04
N GLU A 53 9.79 0.86 -9.04
CA GLU A 53 10.97 1.01 -8.19
C GLU A 53 12.26 1.26 -9.01
N LYS A 54 12.42 0.58 -10.14
CA LYS A 54 13.65 0.67 -10.93
C LYS A 54 13.81 1.98 -11.70
N GLU A 55 12.72 2.50 -12.24
CA GLU A 55 12.74 3.81 -12.87
C GLU A 55 13.07 4.89 -11.82
N MET A 56 12.65 4.64 -10.58
CA MET A 56 12.92 5.55 -9.48
C MET A 56 14.43 5.58 -9.26
N VAL A 57 15.05 4.40 -9.16
CA VAL A 57 16.51 4.33 -8.98
C VAL A 57 17.27 5.00 -10.14
N LYS A 58 16.80 4.76 -11.35
CA LYS A 58 17.44 5.32 -12.51
C LYS A 58 17.35 6.84 -12.45
N ARG A 59 16.17 7.36 -12.11
CA ARG A 59 15.98 8.82 -12.02
C ARG A 59 16.87 9.44 -10.93
N SER A 60 17.01 8.72 -9.84
CA SER A 60 17.78 9.20 -8.72
C SER A 60 19.26 9.21 -9.09
N GLN A 61 19.69 8.19 -9.84
CA GLN A 61 21.08 8.13 -10.26
C GLN A 61 21.40 9.26 -11.23
N GLU A 62 20.55 9.47 -12.22
CA GLU A 62 20.80 10.52 -13.20
C GLU A 62 20.85 11.91 -12.57
N PHE A 63 19.89 12.19 -11.67
CA PHE A 63 19.81 13.49 -11.01
C PHE A 63 21.07 13.77 -10.19
N TYR A 64 21.56 12.76 -9.46
CA TYR A 64 22.82 12.91 -8.75
C TYR A 64 23.97 13.28 -9.68
N GLU A 65 24.10 12.54 -10.78
CA GLU A 65 25.17 12.80 -11.74
C GLU A 65 25.06 14.19 -12.34
N LEU A 66 23.84 14.66 -12.55
CA LEU A 66 23.63 16.01 -13.06
C LEU A 66 24.08 17.07 -12.05
N LEU A 67 23.63 16.97 -10.79
CA LEU A 67 23.91 18.03 -9.83
C LEU A 67 25.37 17.98 -9.37
N ASN A 68 25.97 16.79 -9.43
CA ASN A 68 27.36 16.67 -9.06
C ASN A 68 28.27 17.43 -10.03
N LYS A 69 27.78 17.72 -11.24
CA LYS A 69 28.54 18.51 -12.19
C LYS A 69 28.48 20.02 -11.90
N ARG A 70 27.54 20.43 -11.04
CA ARG A 70 27.41 21.82 -10.65
C ARG A 70 28.63 22.26 -9.88
N ARG A 71 29.21 23.38 -10.30
CA ARG A 71 30.33 23.99 -9.59
C ARG A 71 30.06 25.48 -9.47
N SER A 72 30.58 26.08 -8.41
CA SER A 72 30.48 27.52 -8.31
C SER A 72 31.41 28.13 -9.36
N VAL A 73 30.83 28.89 -10.28
CA VAL A 73 31.60 29.47 -11.38
C VAL A 73 31.67 31.00 -11.27
N ARG A 74 32.88 31.50 -11.10
CA ARG A 74 33.11 32.92 -10.85
C ARG A 74 33.55 33.69 -12.11
N PHE A 75 33.40 33.07 -13.27
CA PHE A 75 33.81 33.67 -14.54
C PHE A 75 32.71 33.43 -15.57
N ILE A 76 31.98 34.48 -15.87
CA ILE A 76 30.73 34.32 -16.58
C ILE A 76 30.69 35.14 -17.85
N SER A 77 30.43 34.46 -18.96
CA SER A 77 30.23 35.09 -20.25
C SER A 77 29.15 36.17 -20.20
N ASN A 78 29.21 37.10 -21.14
CA ASN A 78 28.21 38.16 -21.24
C ASN A 78 27.11 37.79 -22.24
N GLU A 79 27.23 36.58 -22.81
CA GLU A 79 26.22 36.10 -23.77
C GLU A 79 24.84 36.10 -23.13
N GLN A 80 23.88 36.70 -23.82
CA GLN A 80 22.53 36.84 -23.27
C GLN A 80 21.85 35.51 -23.01
N VAL A 81 21.03 35.46 -21.96
CA VAL A 81 20.29 34.25 -21.66
C VAL A 81 18.80 34.51 -21.84
N PRO A 82 18.07 33.48 -22.28
CA PRO A 82 16.64 33.65 -22.57
C PRO A 82 15.81 33.88 -21.29
N MET A 83 15.16 35.04 -21.22
CA MET A 83 14.42 35.46 -20.04
C MET A 83 13.32 34.49 -19.60
N GLU A 84 12.93 33.58 -20.48
CA GLU A 84 11.90 32.62 -20.14
C GLU A 84 12.50 31.54 -19.25
N VAL A 85 13.77 31.22 -19.48
CA VAL A 85 14.49 30.24 -18.67
C VAL A 85 14.64 30.77 -17.25
N ILE A 86 14.93 32.06 -17.14
CA ILE A 86 14.99 32.71 -15.84
C ILE A 86 13.62 32.66 -15.15
N ASP A 87 12.56 33.02 -15.89
CA ASP A 87 11.20 32.98 -15.36
C ASP A 87 10.87 31.61 -14.78
N ASN A 88 11.21 30.56 -15.53
CA ASN A 88 10.92 29.20 -15.12
C ASN A 88 11.76 28.74 -13.93
N VAL A 89 13.01 29.16 -13.95
CA VAL A 89 13.93 28.78 -12.90
C VAL A 89 13.50 29.44 -11.55
N ILE A 90 13.00 30.68 -11.64
CA ILE A 90 12.45 31.34 -10.47
C ILE A 90 11.05 30.82 -10.06
N ARG A 91 10.17 30.52 -11.02
CA ARG A 91 8.92 29.81 -10.73
C ARG A 91 9.19 28.56 -9.86
N THR A 92 10.25 27.84 -10.24
CA THR A 92 10.62 26.58 -9.59
C THR A 92 11.00 26.85 -8.15
N ALA A 93 11.80 27.90 -7.95
CA ALA A 93 12.24 28.28 -6.61
C ALA A 93 11.05 28.57 -5.72
N GLY A 94 10.01 29.17 -6.31
CA GLY A 94 8.81 29.51 -5.59
C GLY A 94 7.94 28.31 -5.24
N THR A 95 8.30 27.10 -5.69
CA THR A 95 7.56 25.88 -5.34
C THR A 95 8.13 25.28 -4.05
N ALA A 96 9.16 25.92 -3.50
CA ALA A 96 9.79 25.50 -2.27
C ALA A 96 8.78 25.47 -1.12
N PRO A 97 8.98 24.57 -0.14
CA PRO A 97 8.20 24.66 1.09
C PRO A 97 8.53 25.95 1.85
N SER A 98 7.63 26.39 2.72
CA SER A 98 7.93 27.54 3.57
C SER A 98 7.16 27.38 4.89
N GLY A 99 7.76 27.85 5.98
CA GLY A 99 7.16 27.74 7.31
C GLY A 99 5.77 28.34 7.33
N ALA A 100 4.79 27.52 7.74
CA ALA A 100 3.37 27.90 7.77
C ALA A 100 2.89 28.53 6.47
N HIS A 101 3.48 28.10 5.35
CA HIS A 101 3.11 28.60 4.03
C HIS A 101 3.12 30.14 3.94
N THR A 102 4.29 30.72 4.17
CA THR A 102 4.43 32.16 4.17
C THR A 102 5.11 32.66 2.88
N GLU A 103 5.79 31.77 2.15
CA GLU A 103 6.50 32.15 0.92
C GLU A 103 7.30 33.46 1.05
N PRO A 104 8.21 33.53 2.02
CA PRO A 104 8.81 34.83 2.37
C PRO A 104 9.97 35.24 1.48
N TRP A 105 9.85 35.05 0.17
CA TRP A 105 10.97 35.29 -0.71
C TRP A 105 10.65 36.26 -1.83
N THR A 106 11.57 37.18 -2.05
CA THR A 106 11.54 38.02 -3.23
C THR A 106 12.84 37.86 -4.04
N PHE A 107 12.69 37.42 -5.28
CA PHE A 107 13.78 37.27 -6.20
C PHE A 107 13.87 38.48 -7.10
N VAL A 108 14.84 39.34 -6.81
CA VAL A 108 15.08 40.50 -7.64
C VAL A 108 16.06 40.19 -8.77
N VAL A 109 15.58 40.30 -9.99
CA VAL A 109 16.40 40.07 -11.18
C VAL A 109 16.85 41.39 -11.84
N VAL A 110 18.16 41.55 -11.96
CA VAL A 110 18.72 42.78 -12.51
C VAL A 110 19.37 42.50 -13.88
N LYS A 111 18.85 43.17 -14.90
CA LYS A 111 19.31 43.03 -16.29
C LYS A 111 20.14 44.24 -16.74
N ASP A 112 19.78 45.40 -16.19
CA ASP A 112 20.33 46.71 -16.54
C ASP A 112 21.83 46.87 -16.24
N PRO A 113 22.62 47.14 -17.30
CA PRO A 113 24.07 47.37 -17.17
C PRO A 113 24.40 48.45 -16.15
N ASP A 114 23.58 49.51 -16.11
CA ASP A 114 23.81 50.62 -15.19
C ASP A 114 23.63 50.25 -13.72
N VAL A 115 22.52 49.56 -13.40
CA VAL A 115 22.25 49.16 -12.03
C VAL A 115 23.30 48.16 -11.59
N LYS A 116 23.58 47.21 -12.48
CA LYS A 116 24.59 46.18 -12.24
C LYS A 116 25.93 46.79 -11.87
N HIS A 117 26.31 47.88 -12.55
CA HIS A 117 27.58 48.51 -12.26
C HIS A 117 27.57 49.18 -10.87
N LYS A 118 26.42 49.78 -10.50
CA LYS A 118 26.31 50.38 -9.17
C LYS A 118 26.36 49.32 -8.08
N ILE A 119 25.86 48.14 -8.39
CA ILE A 119 25.94 47.03 -7.45
C ILE A 119 27.41 46.59 -7.32
N ARG A 120 28.09 46.50 -8.45
CA ARG A 120 29.50 46.12 -8.48
C ARG A 120 30.37 47.05 -7.64
N LYS A 121 30.16 48.36 -7.79
CA LYS A 121 30.88 49.35 -6.98
C LYS A 121 30.63 49.09 -5.52
N ILE A 122 29.37 48.85 -5.16
CA ILE A 122 29.01 48.66 -3.77
C ILE A 122 29.70 47.43 -3.19
N ILE A 123 29.60 46.32 -3.91
CA ILE A 123 30.14 45.06 -3.39
C ILE A 123 31.66 45.07 -3.37
N GLU A 124 32.30 45.56 -4.42
CA GLU A 124 33.76 45.62 -4.40
C GLU A 124 34.28 46.52 -3.29
N GLU A 125 33.60 47.65 -3.09
CA GLU A 125 33.94 48.57 -2.03
C GLU A 125 33.88 47.90 -0.64
N GLU A 126 32.77 47.21 -0.35
CA GLU A 126 32.63 46.56 0.94
C GLU A 126 33.50 45.31 1.09
N GLU A 127 33.62 44.51 0.02
CA GLU A 127 34.48 43.31 0.08
C GLU A 127 35.95 43.69 0.36
N GLU A 128 36.40 44.82 -0.19
CA GLU A 128 37.74 45.28 0.12
C GLU A 128 37.92 45.49 1.62
N ILE A 129 37.01 46.25 2.23
CA ILE A 129 37.02 46.38 3.68
C ILE A 129 36.92 45.00 4.37
N ASN A 130 36.12 44.10 3.79
CA ASN A 130 35.97 42.76 4.36
C ASN A 130 37.29 41.96 4.36
N TYR A 131 38.01 41.95 3.24
CA TYR A 131 39.30 41.24 3.17
C TYR A 131 40.35 41.93 4.04
N MET A 132 40.37 43.26 4.02
CA MET A 132 41.42 43.98 4.75
C MET A 132 41.19 44.01 6.26
N LYS A 133 39.93 44.01 6.70
CA LYS A 133 39.69 44.15 8.12
C LYS A 133 38.61 43.25 8.74
N ARG A 134 37.39 43.25 8.18
CA ARG A 134 36.20 42.70 8.88
C ARG A 134 36.11 41.18 8.98
N MET A 135 36.64 40.46 8.00
CA MET A 135 36.53 38.99 8.05
C MET A 135 37.52 38.36 9.03
N GLY A 136 38.71 38.96 9.14
CA GLY A 136 39.71 38.42 10.06
C GLY A 136 40.65 37.44 9.41
N HIS A 137 41.82 37.24 10.03
CA HIS A 137 42.91 36.45 9.47
C HIS A 137 42.48 35.05 9.07
N ARG A 138 41.85 34.34 9.99
CA ARG A 138 41.51 32.94 9.80
C ARG A 138 40.61 32.75 8.58
N TRP A 139 39.60 33.61 8.49
CA TRP A 139 38.63 33.57 7.41
C TRP A 139 39.33 33.82 6.08
N VAL A 140 40.15 34.86 6.03
CA VAL A 140 40.94 35.20 4.84
C VAL A 140 41.91 34.08 4.44
N THR A 141 42.51 33.44 5.44
CA THR A 141 43.37 32.29 5.20
C THR A 141 42.54 31.13 4.64
N ASP A 142 41.36 30.92 5.22
CA ASP A 142 40.45 29.86 4.76
C ASP A 142 39.96 30.02 3.33
N LEU A 143 40.02 31.24 2.80
CA LEU A 143 39.57 31.51 1.45
C LEU A 143 40.69 31.42 0.40
N LYS A 144 41.93 31.23 0.84
CA LYS A 144 43.05 31.20 -0.10
C LYS A 144 42.90 30.17 -1.19
N LYS A 145 42.51 28.95 -0.82
CA LYS A 145 42.34 27.87 -1.79
C LYS A 145 41.36 28.23 -2.92
N LEU A 146 40.49 29.22 -2.70
CA LEU A 146 39.50 29.62 -3.68
C LEU A 146 40.00 30.78 -4.55
N ARG A 147 41.08 31.43 -4.11
CA ARG A 147 41.70 32.54 -4.85
C ARG A 147 40.71 33.68 -5.17
N THR A 148 39.72 33.84 -4.31
CA THR A 148 38.78 34.95 -4.40
C THR A 148 39.45 36.20 -3.84
N ASN A 149 39.06 37.36 -4.35
CA ASN A 149 39.48 38.64 -3.78
C ASN A 149 38.34 39.63 -3.92
N TRP A 150 38.59 40.92 -3.70
CA TRP A 150 37.47 41.86 -3.70
C TRP A 150 37.10 42.35 -5.12
N ILE A 151 37.76 41.84 -6.16
CA ILE A 151 37.38 42.16 -7.54
C ILE A 151 36.30 41.20 -8.07
N LYS A 152 35.16 41.75 -8.46
CA LYS A 152 34.03 40.89 -8.88
C LYS A 152 33.55 41.24 -10.29
N GLU A 153 34.33 40.81 -11.28
CA GLU A 153 34.07 41.20 -12.65
C GLU A 153 32.73 40.62 -13.15
N TYR A 154 32.35 39.47 -12.58
CA TYR A 154 31.14 38.80 -13.01
C TYR A 154 29.89 39.65 -12.78
N LEU A 155 29.92 40.57 -11.82
CA LEU A 155 28.78 41.45 -11.56
C LEU A 155 28.45 42.39 -12.73
N ASP A 156 29.44 42.66 -13.58
CA ASP A 156 29.20 43.39 -14.83
C ASP A 156 28.98 42.43 -16.00
N THR A 157 29.87 41.44 -16.13
CA THR A 157 29.82 40.57 -17.31
C THR A 157 28.56 39.69 -17.36
N ALA A 158 28.13 39.17 -16.22
CA ALA A 158 26.93 38.32 -16.20
C ALA A 158 25.72 39.06 -16.76
N PRO A 159 24.96 38.41 -17.66
CA PRO A 159 23.79 39.06 -18.27
C PRO A 159 22.74 39.41 -17.21
N ILE A 160 22.67 38.57 -16.18
CA ILE A 160 21.64 38.69 -15.14
C ILE A 160 22.21 38.47 -13.74
N LEU A 161 21.77 39.31 -12.81
CA LEU A 161 22.02 39.12 -11.39
C LEU A 161 20.69 38.77 -10.69
N ILE A 162 20.68 37.68 -9.92
CA ILE A 162 19.51 37.41 -9.06
C ILE A 162 19.83 37.69 -7.60
N LEU A 163 19.17 38.70 -7.04
CA LEU A 163 19.30 39.01 -5.62
C LEU A 163 18.14 38.43 -4.82
N ILE A 164 18.45 37.53 -3.90
CA ILE A 164 17.41 36.88 -3.13
C ILE A 164 17.24 37.51 -1.76
N PHE A 165 16.06 38.06 -1.54
CA PHE A 165 15.72 38.75 -0.30
C PHE A 165 14.77 37.90 0.50
N LYS A 166 15.06 37.77 1.78
CA LYS A 166 14.11 37.15 2.70
C LYS A 166 13.19 38.21 3.27
N GLN A 167 11.92 37.88 3.42
CA GLN A 167 10.99 38.77 4.08
C GLN A 167 10.93 38.39 5.55
N VAL A 168 11.58 39.20 6.39
CA VAL A 168 11.71 38.82 7.80
C VAL A 168 10.37 38.88 8.47
N HIS A 169 9.43 39.63 7.88
CA HIS A 169 8.00 39.48 8.20
C HIS A 169 7.19 39.97 7.01
N GLY A 170 5.87 39.90 7.11
CA GLY A 170 5.00 40.39 6.05
C GLY A 170 3.86 41.26 6.56
N PHE A 171 2.91 41.56 5.67
CA PHE A 171 1.72 42.35 6.06
C PHE A 171 0.43 41.73 5.53
N ALA A 172 -0.59 41.64 6.39
CA ALA A 172 -1.89 41.21 5.89
C ALA A 172 -2.56 42.33 5.10
N ALA A 173 -3.72 42.05 4.49
CA ALA A 173 -4.43 43.05 3.72
C ALA A 173 -4.87 44.22 4.61
N ASN A 174 -5.18 43.91 5.85
CA ASN A 174 -5.58 44.92 6.82
C ASN A 174 -4.42 45.78 7.35
N GLY A 175 -3.21 45.45 6.94
CA GLY A 175 -2.05 46.23 7.34
C GLY A 175 -1.39 45.82 8.65
N LYS A 176 -1.82 44.71 9.22
CA LYS A 176 -1.17 44.15 10.39
C LYS A 176 0.00 43.25 9.94
N LYS A 177 1.05 43.15 10.77
CA LYS A 177 2.22 42.34 10.43
C LYS A 177 1.91 40.86 10.58
N LYS A 178 2.17 40.06 9.54
CA LYS A 178 2.16 38.61 9.75
C LYS A 178 3.56 38.01 9.94
N VAL A 179 3.63 37.04 10.86
CA VAL A 179 4.88 36.36 11.16
C VAL A 179 5.31 35.39 10.06
N HIS A 180 6.60 35.46 9.73
CA HIS A 180 7.22 34.57 8.78
C HIS A 180 8.17 33.58 9.47
N TYR A 181 7.57 32.51 9.99
CA TYR A 181 8.28 31.46 10.71
C TYR A 181 9.42 30.87 9.88
N TYR A 182 10.63 30.85 10.44
CA TYR A 182 11.85 30.32 9.81
C TYR A 182 12.05 30.86 8.40
N ASN A 183 11.93 32.17 8.23
CA ASN A 183 12.00 32.72 6.89
C ASN A 183 13.39 32.51 6.29
N GLU A 184 14.45 32.63 7.09
CA GLU A 184 15.79 32.49 6.53
C GLU A 184 16.04 31.04 6.07
N ILE A 185 15.62 30.06 6.86
CA ILE A 185 15.77 28.69 6.42
C ILE A 185 14.91 28.47 5.17
N SER A 186 13.69 29.00 5.18
CA SER A 186 12.78 28.82 4.05
C SER A 186 13.37 29.40 2.77
N VAL A 187 13.84 30.63 2.84
CA VAL A 187 14.41 31.24 1.65
C VAL A 187 15.65 30.47 1.17
N SER A 188 16.48 30.05 2.11
CA SER A 188 17.65 29.27 1.77
C SER A 188 17.25 27.96 1.06
N ILE A 189 16.20 27.30 1.55
CA ILE A 189 15.71 26.11 0.88
C ILE A 189 15.32 26.46 -0.56
N ALA A 190 14.64 27.59 -0.74
CA ALA A 190 14.26 28.05 -2.07
C ALA A 190 15.49 28.29 -2.93
N CYS A 191 16.54 28.81 -2.33
CA CYS A 191 17.76 29.08 -3.09
C CYS A 191 18.39 27.76 -3.54
N GLY A 192 18.40 26.77 -2.65
CA GLY A 192 18.85 25.44 -3.02
C GLY A 192 18.10 24.91 -4.25
N ILE A 193 16.78 25.07 -4.25
CA ILE A 193 15.96 24.60 -5.38
C ILE A 193 16.31 25.43 -6.62
N LEU A 194 16.53 26.72 -6.41
CA LEU A 194 16.98 27.60 -7.49
C LEU A 194 18.31 27.13 -8.11
N LEU A 195 19.27 26.77 -7.26
CA LEU A 195 20.56 26.29 -7.73
C LEU A 195 20.41 25.04 -8.57
N ALA A 196 19.55 24.12 -8.14
CA ALA A 196 19.30 22.91 -8.91
C ALA A 196 18.70 23.24 -10.26
N ALA A 197 17.71 24.13 -10.27
CA ALA A 197 17.02 24.52 -11.50
C ALA A 197 17.99 25.15 -12.51
N LEU A 198 18.88 26.01 -12.04
CA LEU A 198 19.87 26.59 -12.92
C LEU A 198 20.76 25.51 -13.49
N GLN A 199 21.19 24.59 -12.63
CA GLN A 199 22.03 23.48 -13.09
C GLN A 199 21.31 22.65 -14.15
N ASN A 200 20.04 22.38 -13.92
CA ASN A 200 19.23 21.62 -14.86
C ASN A 200 19.04 22.37 -16.18
N ALA A 201 19.06 23.69 -16.13
CA ALA A 201 18.86 24.46 -17.36
C ALA A 201 20.18 24.82 -18.07
N GLY A 202 21.31 24.28 -17.59
CA GLY A 202 22.58 24.56 -18.22
C GLY A 202 23.06 25.99 -18.02
N LEU A 203 22.62 26.63 -16.95
CA LEU A 203 23.17 27.90 -16.54
C LEU A 203 24.13 27.66 -15.38
N VAL A 204 24.97 28.66 -15.10
CA VAL A 204 25.91 28.56 -13.99
C VAL A 204 25.80 29.80 -13.16
N THR A 205 26.35 29.71 -11.95
CA THR A 205 26.33 30.80 -11.00
C THR A 205 27.36 30.52 -9.92
N VAL A 206 27.51 31.48 -9.01
CA VAL A 206 28.17 31.22 -7.74
C VAL A 206 27.30 31.84 -6.66
N THR A 207 27.03 31.07 -5.60
CA THR A 207 26.25 31.53 -4.47
C THR A 207 27.10 32.49 -3.63
N THR A 208 26.73 33.76 -3.54
CA THR A 208 27.58 34.69 -2.79
C THR A 208 26.83 35.36 -1.67
N THR A 209 27.57 35.67 -0.61
CA THR A 209 27.04 36.39 0.54
C THR A 209 27.93 37.60 0.79
N PRO A 210 27.60 38.73 0.13
CA PRO A 210 28.37 39.98 0.22
C PRO A 210 28.16 40.63 1.58
N LEU A 211 29.11 40.42 2.50
CA LEU A 211 29.05 40.99 3.84
C LEU A 211 28.76 42.50 3.88
N ASN A 212 27.81 42.88 4.74
CA ASN A 212 27.50 44.28 5.02
C ASN A 212 26.94 45.08 3.84
N CYS A 213 26.53 44.39 2.78
CA CYS A 213 26.03 45.08 1.60
C CYS A 213 24.51 45.17 1.52
N GLY A 214 23.82 44.50 2.44
CA GLY A 214 22.37 44.39 2.37
C GLY A 214 21.64 45.71 2.28
N PRO A 215 21.78 46.56 3.33
CA PRO A 215 21.11 47.87 3.37
C PRO A 215 21.33 48.76 2.14
N ARG A 216 22.58 48.98 1.73
CA ARG A 216 22.85 49.78 0.53
C ARG A 216 22.13 49.18 -0.68
N LEU A 217 22.15 47.86 -0.80
CA LEU A 217 21.57 47.22 -1.98
C LEU A 217 20.04 47.28 -1.94
N ARG A 218 19.50 47.18 -0.73
CA ARG A 218 18.06 47.29 -0.53
C ARG A 218 17.54 48.65 -1.00
N VAL A 219 18.19 49.70 -0.53
CA VAL A 219 17.83 51.06 -0.89
C VAL A 219 18.04 51.32 -2.40
N LEU A 220 19.15 50.83 -2.94
CA LEU A 220 19.41 51.00 -4.36
C LEU A 220 18.31 50.41 -5.24
N LEU A 221 17.85 49.22 -4.89
CA LEU A 221 16.88 48.52 -5.73
C LEU A 221 15.45 48.78 -5.26
N GLY A 222 15.31 49.66 -4.28
CA GLY A 222 14.01 50.09 -3.81
C GLY A 222 13.16 49.00 -3.20
N ARG A 223 13.77 48.19 -2.33
CA ARG A 223 13.03 47.13 -1.67
C ARG A 223 12.58 47.60 -0.30
N PRO A 224 11.42 47.11 0.13
CA PRO A 224 10.83 47.56 1.38
C PRO A 224 11.66 47.09 2.55
N ALA A 225 11.47 47.77 3.68
CA ALA A 225 12.29 47.57 4.85
C ALA A 225 12.18 46.15 5.43
N HIS A 226 11.09 45.44 5.13
CA HIS A 226 10.92 44.08 5.67
C HIS A 226 11.69 43.02 4.85
N GLU A 227 12.28 43.43 3.73
CA GLU A 227 13.17 42.55 2.95
C GLU A 227 14.64 42.74 3.33
N LYS A 228 15.36 41.63 3.47
CA LYS A 228 16.79 41.69 3.74
C LYS A 228 17.51 40.75 2.78
N LEU A 229 18.57 41.23 2.14
CA LEU A 229 19.32 40.43 1.16
C LEU A 229 19.93 39.22 1.83
N LEU A 230 19.71 38.04 1.26
CA LEU A 230 20.31 36.84 1.82
C LEU A 230 21.52 36.39 0.96
N MET A 231 21.37 36.44 -0.34
CA MET A 231 22.48 36.15 -1.23
C MET A 231 22.27 36.65 -2.65
N LEU A 232 23.37 36.61 -3.40
CA LEU A 232 23.42 37.12 -4.74
C LEU A 232 24.03 36.07 -5.67
N LEU A 233 23.33 35.79 -6.76
CA LEU A 233 23.80 34.86 -7.77
C LEU A 233 23.97 35.59 -9.10
N PRO A 234 25.21 35.66 -9.61
CA PRO A 234 25.38 36.12 -10.99
C PRO A 234 25.01 34.96 -11.88
N VAL A 235 24.23 35.19 -12.93
CA VAL A 235 23.76 34.07 -13.74
C VAL A 235 24.10 34.24 -15.21
N GLY A 236 24.59 33.17 -15.84
CA GLY A 236 24.84 33.15 -17.28
C GLY A 236 25.54 31.89 -17.77
N TYR A 237 26.13 31.95 -18.95
CA TYR A 237 26.94 30.82 -19.40
C TYR A 237 28.31 31.06 -18.81
N PRO A 238 29.09 29.99 -18.60
CA PRO A 238 30.46 30.22 -18.15
C PRO A 238 31.27 30.86 -19.27
N SER A 239 32.16 31.81 -18.95
CA SER A 239 33.06 32.35 -19.97
C SER A 239 34.03 31.25 -20.45
N LYS A 240 34.66 31.48 -21.60
CA LYS A 240 35.50 30.45 -22.23
C LYS A 240 36.67 30.03 -21.36
N GLU A 241 37.27 31.00 -20.69
CA GLU A 241 38.46 30.72 -19.89
C GLU A 241 38.15 30.42 -18.43
N ALA A 242 36.91 30.05 -18.14
CA ALA A 242 36.49 29.83 -16.76
C ALA A 242 37.24 28.67 -16.11
N THR A 243 37.61 28.85 -14.86
CA THR A 243 38.21 27.78 -14.07
C THR A 243 37.46 27.53 -12.76
N VAL A 244 37.76 26.41 -12.11
CA VAL A 244 37.24 26.16 -10.77
C VAL A 244 38.37 25.62 -9.91
N PRO A 245 38.27 25.80 -8.58
CA PRO A 245 39.27 25.16 -7.73
C PRO A 245 39.09 23.67 -7.85
N ASP A 246 40.17 22.90 -7.72
CA ASP A 246 40.06 21.46 -7.82
C ASP A 246 39.62 20.91 -6.45
N LEU A 247 38.35 21.11 -6.10
CA LEU A 247 37.88 20.67 -4.80
C LEU A 247 37.27 19.29 -4.91
N LYS A 248 37.32 18.55 -3.81
CA LYS A 248 36.77 17.22 -3.73
C LYS A 248 35.63 17.21 -2.71
N ARG A 249 34.52 16.58 -3.06
CA ARG A 249 33.42 16.44 -2.09
C ARG A 249 33.58 15.19 -1.26
N LYS A 250 33.10 15.24 -0.02
CA LYS A 250 33.13 14.09 0.88
C LYS A 250 32.47 12.87 0.24
N PRO A 251 33.01 11.67 0.49
CA PRO A 251 32.34 10.42 0.09
C PRO A 251 31.09 10.21 0.93
N LEU A 252 30.11 9.48 0.40
CA LEU A 252 28.85 9.27 1.09
C LEU A 252 28.96 8.89 2.57
N ASP A 253 29.86 7.97 2.89
CA ASP A 253 29.95 7.49 4.27
C ASP A 253 30.45 8.57 5.20
N GLN A 254 30.72 9.76 4.68
CA GLN A 254 31.19 10.81 5.55
C GLN A 254 30.18 11.92 5.75
N ILE A 255 29.06 11.83 5.04
CA ILE A 255 27.98 12.78 5.24
C ILE A 255 26.69 12.08 5.62
N MET A 256 26.69 10.75 5.54
CA MET A 256 25.49 9.97 5.84
C MET A 256 25.78 8.95 6.94
N VAL A 257 24.90 8.91 7.92
CA VAL A 257 24.98 7.95 9.01
C VAL A 257 23.65 7.20 9.11
N THR A 258 23.71 5.87 8.97
CA THR A 258 22.53 5.02 9.07
C THR A 258 22.49 4.39 10.46
N VAL A 259 21.29 4.29 11.05
CA VAL A 259 21.14 3.82 12.44
C VAL A 259 20.28 2.56 12.61
N HIS A 260 20.74 1.62 13.46
CA HIS A 260 19.98 0.42 13.88
C HIS A 260 20.08 0.08 15.38
N VAL B 41 45.93 24.05 -3.23
CA VAL B 41 45.10 23.32 -4.20
C VAL B 41 45.09 24.02 -5.57
N GLU B 42 45.09 23.21 -6.63
CA GLU B 42 45.18 23.69 -8.01
C GLU B 42 43.83 24.14 -8.58
N HIS B 43 43.86 24.96 -9.62
CA HIS B 43 42.63 25.36 -10.32
C HIS B 43 42.60 24.78 -11.73
N ILE B 44 41.45 24.27 -12.15
CA ILE B 44 41.36 23.53 -13.40
C ILE B 44 40.28 24.15 -14.28
N PRO B 45 40.33 23.90 -15.61
CA PRO B 45 39.30 24.45 -16.49
C PRO B 45 37.90 23.90 -16.20
N PHE B 46 36.87 24.71 -16.47
CA PHE B 46 35.52 24.26 -16.20
C PHE B 46 34.85 23.73 -17.45
N SER B 47 34.39 22.48 -17.38
CA SER B 47 33.74 21.79 -18.49
C SER B 47 32.22 21.77 -18.38
N HIS B 48 31.57 22.37 -19.37
CA HIS B 48 30.13 22.59 -19.42
C HIS B 48 29.40 21.91 -20.60
N ASN B 49 28.24 21.30 -20.35
CA ASN B 49 27.34 20.85 -21.43
C ASN B 49 26.48 22.00 -21.91
N HIS B 50 26.71 22.49 -23.13
CA HIS B 50 25.94 23.62 -23.66
C HIS B 50 24.64 23.14 -24.30
N TYR B 51 23.53 23.78 -23.92
CA TYR B 51 22.22 23.47 -24.47
C TYR B 51 21.82 24.61 -25.39
N PRO B 52 21.20 24.26 -26.54
CA PRO B 52 20.54 25.22 -27.42
C PRO B 52 19.46 25.96 -26.64
N GLU B 53 19.25 27.25 -26.92
CA GLU B 53 18.21 28.05 -26.27
C GLU B 53 16.85 27.32 -26.14
N LYS B 54 16.47 26.57 -27.16
CA LYS B 54 15.18 25.88 -27.15
C LYS B 54 15.17 24.68 -26.23
N GLU B 55 16.30 23.97 -26.18
CA GLU B 55 16.46 22.86 -25.24
C GLU B 55 16.43 23.35 -23.77
N MET B 56 16.96 24.54 -23.52
CA MET B 56 16.99 25.12 -22.17
C MET B 56 15.58 25.42 -21.67
N VAL B 57 14.81 26.09 -22.53
CA VAL B 57 13.43 26.44 -22.21
C VAL B 57 12.62 25.18 -21.93
N LYS B 58 12.85 24.13 -22.69
CA LYS B 58 12.13 22.90 -22.48
C LYS B 58 12.50 22.25 -21.15
N ARG B 59 13.81 22.15 -20.86
CA ARG B 59 14.27 21.52 -19.62
C ARG B 59 13.81 22.30 -18.39
N SER B 60 13.83 23.61 -18.53
CA SER B 60 13.47 24.48 -17.43
C SER B 60 11.97 24.38 -17.16
N GLN B 61 11.18 24.24 -18.22
CA GLN B 61 9.73 24.13 -18.13
C GLN B 61 9.33 22.82 -17.45
N GLU B 62 9.95 21.73 -17.90
CA GLU B 62 9.64 20.41 -17.36
C GLU B 62 10.00 20.34 -15.87
N PHE B 63 11.16 20.86 -15.51
CA PHE B 63 11.64 20.83 -14.13
C PHE B 63 10.71 21.63 -13.22
N TYR B 64 10.23 22.79 -13.69
CA TYR B 64 9.22 23.54 -12.96
C TYR B 64 7.92 22.72 -12.74
N GLU B 65 7.41 22.11 -13.81
CA GLU B 65 6.19 21.31 -13.70
C GLU B 65 6.39 20.13 -12.77
N LEU B 66 7.59 19.58 -12.81
CA LEU B 66 7.92 18.47 -11.94
C LEU B 66 7.92 18.85 -10.46
N LEU B 67 8.60 19.94 -10.11
CA LEU B 67 8.77 20.32 -8.71
C LEU B 67 7.51 20.96 -8.16
N ASN B 68 6.76 21.61 -9.02
CA ASN B 68 5.49 22.20 -8.61
C ASN B 68 4.46 21.15 -8.16
N LYS B 69 4.66 19.89 -8.54
CA LYS B 69 3.81 18.81 -8.04
C LYS B 69 4.19 18.39 -6.62
N ARG B 70 5.36 18.81 -6.16
CA ARG B 70 5.79 18.49 -4.79
C ARG B 70 4.92 19.18 -3.73
N ARG B 71 4.41 18.41 -2.76
CA ARG B 71 3.67 18.98 -1.64
C ARG B 71 4.20 18.37 -0.36
N SER B 72 4.14 19.10 0.74
CA SER B 72 4.51 18.50 2.01
C SER B 72 3.42 17.50 2.35
N VAL B 73 3.82 16.24 2.49
CA VAL B 73 2.89 15.15 2.70
C VAL B 73 3.06 14.56 4.10
N ARG B 74 2.02 14.67 4.92
CA ARG B 74 2.12 14.29 6.33
C ARG B 74 1.50 12.93 6.65
N PHE B 75 1.25 12.15 5.60
CA PHE B 75 0.64 10.84 5.74
C PHE B 75 1.40 9.86 4.85
N ILE B 76 2.17 8.99 5.48
CA ILE B 76 3.14 8.21 4.72
C ILE B 76 2.98 6.69 4.92
N SER B 77 2.84 5.96 3.80
CA SER B 77 2.76 4.50 3.77
C SER B 77 3.96 3.85 4.46
N ASN B 78 3.81 2.61 4.89
CA ASN B 78 4.91 1.89 5.55
C ASN B 78 5.68 1.03 4.57
N GLU B 79 5.24 1.06 3.33
CA GLU B 79 5.94 0.29 2.31
C GLU B 79 7.38 0.72 2.13
N GLN B 80 8.28 -0.27 2.14
CA GLN B 80 9.72 -0.03 2.04
C GLN B 80 10.11 0.69 0.75
N VAL B 81 11.15 1.51 0.85
CA VAL B 81 11.66 2.22 -0.32
C VAL B 81 13.04 1.67 -0.66
N PRO B 82 13.39 1.67 -1.95
CA PRO B 82 14.69 1.12 -2.34
C PRO B 82 15.80 1.97 -1.76
N MET B 83 16.65 1.36 -0.93
CA MET B 83 17.71 2.09 -0.24
C MET B 83 18.71 2.80 -1.16
N GLU B 84 18.73 2.43 -2.44
CA GLU B 84 19.66 3.07 -3.35
C GLU B 84 19.09 4.43 -3.75
N VAL B 85 17.76 4.55 -3.78
CA VAL B 85 17.18 5.86 -4.04
C VAL B 85 17.51 6.83 -2.90
N ILE B 86 17.43 6.37 -1.66
CA ILE B 86 17.83 7.18 -0.51
C ILE B 86 19.31 7.61 -0.60
N ASP B 87 20.18 6.66 -0.90
CA ASP B 87 21.62 6.92 -1.00
C ASP B 87 21.93 8.03 -2.01
N ASN B 88 21.31 7.95 -3.19
CA ASN B 88 21.54 8.91 -4.26
C ASN B 88 20.99 10.27 -3.91
N VAL B 89 19.85 10.24 -3.24
CA VAL B 89 19.14 11.43 -2.86
C VAL B 89 19.99 12.20 -1.84
N ILE B 90 20.68 11.50 -0.96
CA ILE B 90 21.60 12.16 -0.03
C ILE B 90 22.95 12.53 -0.68
N ARG B 91 23.49 11.67 -1.53
CA ARG B 91 24.67 12.03 -2.34
C ARG B 91 24.45 13.36 -3.01
N THR B 92 23.26 13.54 -3.56
CA THR B 92 22.89 14.74 -4.29
C THR B 92 22.90 15.95 -3.36
N ALA B 93 22.35 15.77 -2.16
CA ALA B 93 22.34 16.87 -1.21
C ALA B 93 23.76 17.32 -0.93
N GLY B 94 24.70 16.39 -0.91
CA GLY B 94 26.10 16.69 -0.63
C GLY B 94 26.84 17.43 -1.74
N THR B 95 26.14 17.67 -2.86
CA THR B 95 26.69 18.42 -3.99
C THR B 95 26.40 19.90 -3.84
N ALA B 96 25.68 20.25 -2.77
CA ALA B 96 25.35 21.65 -2.49
C ALA B 96 26.60 22.50 -2.31
N PRO B 97 26.50 23.78 -2.64
CA PRO B 97 27.61 24.66 -2.26
C PRO B 97 27.68 24.75 -0.73
N SER B 98 28.83 25.13 -0.18
CA SER B 98 28.93 25.36 1.27
C SER B 98 29.94 26.47 1.46
N GLY B 99 29.72 27.30 2.47
CA GLY B 99 30.60 28.43 2.73
C GLY B 99 32.05 28.00 2.86
N ALA B 100 32.94 28.57 2.05
CA ALA B 100 34.37 28.21 2.03
C ALA B 100 34.64 26.71 1.93
N HIS B 101 33.75 26.00 1.22
CA HIS B 101 33.85 24.56 1.01
C HIS B 101 34.07 23.78 2.32
N THR B 102 33.10 23.89 3.22
CA THR B 102 33.19 23.26 4.53
C THR B 102 32.31 22.03 4.70
N GLU B 103 31.31 21.89 3.84
CA GLU B 103 30.35 20.78 3.86
C GLU B 103 29.80 20.42 5.26
N PRO B 104 29.22 21.39 5.97
CA PRO B 104 28.87 21.20 7.38
C PRO B 104 27.55 20.45 7.65
N TRP B 105 27.32 19.36 6.93
CA TRP B 105 26.08 18.63 7.00
C TRP B 105 26.29 17.17 7.35
N THR B 106 25.46 16.67 8.25
CA THR B 106 25.36 15.25 8.54
C THR B 106 23.91 14.82 8.30
N PHE B 107 23.73 13.88 7.39
CA PHE B 107 22.41 13.33 7.18
C PHE B 107 22.31 12.00 7.92
N VAL B 108 21.63 12.02 9.06
CA VAL B 108 21.42 10.82 9.85
C VAL B 108 20.17 10.10 9.37
N VAL B 109 20.36 8.91 8.81
CA VAL B 109 19.24 8.12 8.31
C VAL B 109 18.82 6.99 9.24
N VAL B 110 17.58 7.02 9.68
CA VAL B 110 17.06 6.05 10.62
C VAL B 110 16.06 5.09 9.97
N LYS B 111 16.40 3.80 10.01
CA LYS B 111 15.59 2.73 9.42
C LYS B 111 14.88 1.93 10.51
N ASP B 112 15.58 1.76 11.64
CA ASP B 112 15.11 0.95 12.75
C ASP B 112 13.83 1.49 13.42
N PRO B 113 12.74 0.71 13.30
CA PRO B 113 11.43 1.04 13.87
C PRO B 113 11.50 1.32 15.37
N ASP B 114 12.42 0.66 16.07
CA ASP B 114 12.59 0.85 17.51
C ASP B 114 13.05 2.26 17.81
N VAL B 115 14.07 2.69 17.07
CA VAL B 115 14.64 4.03 17.22
C VAL B 115 13.61 5.07 16.80
N LYS B 116 12.95 4.79 15.68
CA LYS B 116 11.95 5.68 15.14
C LYS B 116 10.86 5.94 16.18
N HIS B 117 10.43 4.90 16.88
CA HIS B 117 9.38 5.04 17.88
C HIS B 117 9.85 5.90 19.04
N LYS B 118 11.12 5.78 19.43
CA LYS B 118 11.63 6.64 20.50
C LYS B 118 11.67 8.08 20.04
N ILE B 119 11.90 8.28 18.74
CA ILE B 119 11.91 9.62 18.17
C ILE B 119 10.49 10.20 18.22
N ARG B 120 9.53 9.36 17.86
CA ARG B 120 8.12 9.74 17.91
C ARG B 120 7.69 10.12 19.33
N LYS B 121 8.09 9.34 20.32
CA LYS B 121 7.77 9.66 21.71
C LYS B 121 8.27 11.06 22.11
N ILE B 122 9.52 11.36 21.76
CA ILE B 122 10.16 12.62 22.12
C ILE B 122 9.48 13.83 21.46
N ILE B 123 9.29 13.73 20.14
CA ILE B 123 8.75 14.85 19.39
C ILE B 123 7.28 15.09 19.80
N GLU B 124 6.51 14.02 19.96
CA GLU B 124 5.12 14.19 20.40
C GLU B 124 5.02 14.81 21.78
N GLU B 125 5.90 14.40 22.67
CA GLU B 125 5.95 15.03 23.99
C GLU B 125 6.19 16.53 23.89
N GLU B 126 7.22 16.93 23.13
CA GLU B 126 7.59 18.34 23.06
C GLU B 126 6.59 19.17 22.26
N GLU B 127 6.10 18.61 21.17
CA GLU B 127 5.11 19.28 20.35
C GLU B 127 3.81 19.55 21.12
N GLU B 128 3.42 18.61 21.98
CA GLU B 128 2.21 18.82 22.79
C GLU B 128 2.37 20.08 23.64
N ILE B 129 3.47 20.14 24.37
CA ILE B 129 3.81 21.35 25.11
C ILE B 129 3.94 22.55 24.14
N ASN B 130 4.47 22.32 22.92
CA ASN B 130 4.57 23.43 21.96
C ASN B 130 3.23 24.01 21.59
N TYR B 131 2.28 23.14 21.24
CA TYR B 131 0.95 23.59 20.87
C TYR B 131 0.18 24.18 22.05
N MET B 132 0.29 23.56 23.22
CA MET B 132 -0.49 24.00 24.38
C MET B 132 0.08 25.28 24.99
N LYS B 133 1.40 25.44 24.96
CA LYS B 133 2.04 26.57 25.64
C LYS B 133 3.11 27.35 24.88
N ARG B 134 4.14 26.68 24.35
CA ARG B 134 5.35 27.40 23.92
C ARG B 134 5.23 28.19 22.61
N MET B 135 4.41 27.75 21.65
CA MET B 135 4.32 28.48 20.38
C MET B 135 3.51 29.79 20.46
N GLY B 136 2.48 29.83 21.31
CA GLY B 136 1.66 31.02 21.43
C GLY B 136 0.45 31.01 20.51
N HIS B 137 -0.56 31.80 20.89
CA HIS B 137 -1.84 31.85 20.19
C HIS B 137 -1.66 32.16 18.71
N ARG B 138 -0.87 33.17 18.40
CA ARG B 138 -0.73 33.64 17.02
C ARG B 138 -0.24 32.53 16.11
N TRP B 139 0.81 31.85 16.54
CA TRP B 139 1.41 30.77 15.77
C TRP B 139 0.40 29.62 15.58
N VAL B 140 -0.22 29.21 16.69
CA VAL B 140 -1.20 28.12 16.65
C VAL B 140 -2.35 28.43 15.72
N THR B 141 -2.77 29.69 15.73
CA THR B 141 -3.80 30.12 14.80
C THR B 141 -3.30 30.04 13.36
N ASP B 142 -2.05 30.48 13.14
CA ASP B 142 -1.46 30.46 11.80
C ASP B 142 -1.33 29.03 11.26
N LEU B 143 -1.39 28.03 12.15
CA LEU B 143 -1.32 26.65 11.68
C LEU B 143 -2.68 25.95 11.42
N LYS B 144 -3.80 26.59 11.77
CA LYS B 144 -5.11 25.96 11.60
C LYS B 144 -5.31 25.47 10.16
N LYS B 145 -4.95 26.31 9.18
CA LYS B 145 -5.09 25.95 7.78
C LYS B 145 -4.35 24.65 7.41
N LEU B 146 -3.39 24.23 8.24
CA LEU B 146 -2.68 22.99 7.96
C LEU B 146 -3.23 21.78 8.71
N ARG B 147 -4.10 22.01 9.70
CA ARG B 147 -4.72 20.95 10.53
C ARG B 147 -3.70 20.03 11.21
N THR B 148 -2.51 20.54 11.46
CA THR B 148 -1.46 19.83 12.16
C THR B 148 -1.67 19.90 13.67
N ASN B 149 -1.21 18.88 14.38
CA ASN B 149 -1.15 18.93 15.84
C ASN B 149 0.07 18.10 16.26
N TRP B 150 0.15 17.74 17.53
CA TRP B 150 1.33 17.04 18.05
C TRP B 150 1.30 15.54 17.80
N ILE B 151 0.27 15.04 17.12
CA ILE B 151 0.23 13.63 16.75
C ILE B 151 0.94 13.40 15.41
N LYS B 152 2.01 12.60 15.46
CA LYS B 152 2.88 12.40 14.30
C LYS B 152 3.03 10.93 13.93
N GLU B 153 2.02 10.37 13.30
CA GLU B 153 2.02 8.94 13.02
C GLU B 153 3.12 8.57 12.02
N TYR B 154 3.45 9.51 11.14
CA TYR B 154 4.46 9.22 10.10
C TYR B 154 5.85 8.90 10.66
N LEU B 155 6.14 9.36 11.88
CA LEU B 155 7.42 9.03 12.48
C LEU B 155 7.55 7.52 12.70
N ASP B 156 6.40 6.83 12.83
CA ASP B 156 6.41 5.36 12.90
C ASP B 156 6.19 4.72 11.54
N THR B 157 5.17 5.16 10.82
CA THR B 157 4.81 4.49 9.57
C THR B 157 5.87 4.67 8.45
N ALA B 158 6.44 5.87 8.30
CA ALA B 158 7.42 6.08 7.24
C ALA B 158 8.61 5.12 7.39
N PRO B 159 8.99 4.47 6.30
CA PRO B 159 10.09 3.50 6.36
C PRO B 159 11.40 4.17 6.79
N ILE B 160 11.55 5.44 6.43
CA ILE B 160 12.80 6.15 6.65
C ILE B 160 12.62 7.56 7.20
N LEU B 161 13.45 7.91 8.18
CA LEU B 161 13.58 9.28 8.68
C LEU B 161 14.95 9.87 8.36
N ILE B 162 14.98 11.02 7.69
CA ILE B 162 16.25 11.73 7.51
C ILE B 162 16.32 12.89 8.46
N LEU B 163 17.22 12.81 9.44
CA LEU B 163 17.42 13.95 10.32
C LEU B 163 18.62 14.73 9.86
N ILE B 164 18.43 15.99 9.51
CA ILE B 164 19.54 16.79 9.05
C ILE B 164 20.12 17.64 10.16
N PHE B 165 21.40 17.39 10.45
CA PHE B 165 22.17 18.10 11.49
C PHE B 165 23.13 19.07 10.87
N LYS B 166 23.18 20.30 11.38
CA LYS B 166 24.21 21.21 10.95
C LYS B 166 25.44 21.07 11.85
N GLN B 167 26.63 21.18 11.25
CA GLN B 167 27.86 21.23 12.04
C GLN B 167 28.22 22.68 12.28
N VAL B 168 27.95 23.17 13.49
CA VAL B 168 28.12 24.59 13.79
C VAL B 168 29.59 24.95 13.76
N HIS B 169 30.45 23.95 13.91
CA HIS B 169 31.86 24.06 13.49
C HIS B 169 32.35 22.66 13.17
N GLY B 170 33.59 22.54 12.73
CA GLY B 170 34.16 21.24 12.41
C GLY B 170 35.52 21.03 13.02
N PHE B 171 36.20 19.96 12.60
CA PHE B 171 37.55 19.70 13.07
C PHE B 171 38.49 19.33 11.92
N ALA B 172 39.69 19.92 11.93
CA ALA B 172 40.76 19.52 11.04
C ALA B 172 41.39 18.20 11.51
N ALA B 173 42.37 17.69 10.76
CA ALA B 173 43.05 16.44 11.14
C ALA B 173 43.82 16.56 12.45
N ASN B 174 44.40 17.74 12.69
CA ASN B 174 45.15 17.99 13.92
C ASN B 174 44.27 18.16 15.17
N GLY B 175 42.96 18.21 14.98
CA GLY B 175 42.02 18.31 16.08
C GLY B 175 41.66 19.72 16.52
N LYS B 176 42.12 20.72 15.76
CA LYS B 176 41.74 22.12 16.00
C LYS B 176 40.41 22.41 15.30
N LYS B 177 39.66 23.35 15.87
CA LYS B 177 38.35 23.70 15.30
C LYS B 177 38.53 24.45 13.98
N LYS B 178 37.88 23.98 12.91
CA LYS B 178 37.75 24.82 11.72
C LYS B 178 36.37 25.50 11.72
N VAL B 179 36.34 26.76 11.32
CA VAL B 179 35.11 27.54 11.25
C VAL B 179 34.21 27.12 10.10
N HIS B 180 32.91 27.04 10.36
CA HIS B 180 31.91 26.72 9.33
C HIS B 180 31.05 27.95 8.99
N TYR B 181 31.59 28.78 8.10
CA TYR B 181 30.94 30.00 7.65
C TYR B 181 29.55 29.70 7.07
N TYR B 182 28.55 30.41 7.59
CA TYR B 182 27.17 30.29 7.16
C TYR B 182 26.69 28.84 7.13
N ASN B 183 26.97 28.10 8.21
CA ASN B 183 26.66 26.69 8.22
C ASN B 183 25.16 26.45 8.12
N GLU B 184 24.36 27.27 8.78
CA GLU B 184 22.91 27.04 8.78
C GLU B 184 22.35 27.26 7.38
N ILE B 185 22.81 28.31 6.71
CA ILE B 185 22.40 28.55 5.34
C ILE B 185 22.84 27.45 4.39
N SER B 186 24.08 27.01 4.56
CA SER B 186 24.64 25.98 3.69
C SER B 186 23.85 24.69 3.77
N VAL B 187 23.61 24.25 5.00
CA VAL B 187 22.84 23.03 5.22
C VAL B 187 21.40 23.18 4.69
N SER B 188 20.77 24.33 4.92
CA SER B 188 19.44 24.58 4.40
C SER B 188 19.40 24.51 2.87
N ILE B 189 20.41 25.08 2.23
CA ILE B 189 20.51 25.00 0.77
C ILE B 189 20.58 23.54 0.36
N ALA B 190 21.39 22.78 1.08
CA ALA B 190 21.49 21.34 0.87
C ALA B 190 20.14 20.65 1.09
N CYS B 191 19.36 21.13 2.05
CA CYS B 191 18.04 20.54 2.29
C CYS B 191 17.12 20.82 1.10
N GLY B 192 17.21 22.03 0.55
CA GLY B 192 16.51 22.33 -0.69
C GLY B 192 16.84 21.34 -1.81
N ILE B 193 18.11 21.06 -2.00
CA ILE B 193 18.54 20.13 -3.05
C ILE B 193 18.06 18.71 -2.71
N LEU B 194 18.09 18.35 -1.43
CA LEU B 194 17.54 17.09 -0.97
C LEU B 194 16.03 16.97 -1.35
N LEU B 195 15.26 18.03 -1.10
CA LEU B 195 13.84 18.05 -1.44
C LEU B 195 13.59 17.86 -2.95
N ALA B 196 14.38 18.55 -3.77
CA ALA B 196 14.26 18.40 -5.22
C ALA B 196 14.57 16.95 -5.62
N ALA B 197 15.60 16.35 -5.02
CA ALA B 197 15.97 14.98 -5.34
C ALA B 197 14.86 13.98 -4.97
N LEU B 198 14.26 14.15 -3.80
CA LEU B 198 13.14 13.27 -3.41
C LEU B 198 11.96 13.40 -4.38
N GLN B 199 11.62 14.63 -4.77
CA GLN B 199 10.53 14.81 -5.74
C GLN B 199 10.84 14.15 -7.08
N ASN B 200 12.09 14.31 -7.53
CA ASN B 200 12.56 13.79 -8.81
C ASN B 200 12.59 12.26 -8.84
N ALA B 201 12.80 11.66 -7.68
CA ALA B 201 12.87 10.20 -7.58
C ALA B 201 11.49 9.63 -7.17
N GLY B 202 10.46 10.48 -7.16
CA GLY B 202 9.10 10.08 -6.85
C GLY B 202 8.77 9.65 -5.42
N LEU B 203 9.54 10.12 -4.46
CA LEU B 203 9.20 9.93 -3.06
C LEU B 203 8.59 11.21 -2.49
N VAL B 204 7.97 11.12 -1.32
CA VAL B 204 7.36 12.30 -0.72
C VAL B 204 7.88 12.49 0.70
N THR B 205 7.69 13.70 1.22
CA THR B 205 8.16 14.01 2.57
C THR B 205 7.47 15.28 3.07
N VAL B 206 7.70 15.63 4.34
CA VAL B 206 7.39 16.98 4.78
C VAL B 206 8.58 17.52 5.56
N THR B 207 8.97 18.75 5.24
CA THR B 207 10.08 19.40 5.92
C THR B 207 9.60 19.76 7.30
N THR B 208 10.15 19.18 8.36
CA THR B 208 9.64 19.57 9.69
C THR B 208 10.74 20.11 10.58
N THR B 209 10.34 21.04 11.44
CA THR B 209 11.22 21.63 12.41
C THR B 209 10.62 21.48 13.82
N PRO B 210 10.89 20.33 14.46
CA PRO B 210 10.34 20.07 15.79
C PRO B 210 11.02 20.89 16.87
N LEU B 211 10.40 22.01 17.24
CA LEU B 211 10.87 22.87 18.32
C LEU B 211 11.24 22.10 19.59
N ASN B 212 12.41 22.41 20.15
CA ASN B 212 12.89 21.88 21.44
C ASN B 212 13.16 20.38 21.46
N CYS B 213 13.22 19.74 20.29
CA CYS B 213 13.46 18.31 20.24
C CYS B 213 14.92 17.97 19.96
N GLY B 214 15.70 19.01 19.65
CA GLY B 214 17.07 18.86 19.18
C GLY B 214 18.03 18.14 20.12
N PRO B 215 18.28 18.74 21.29
CA PRO B 215 19.19 18.16 22.29
C PRO B 215 18.88 16.69 22.60
N ARG B 216 17.62 16.39 22.90
CA ARG B 216 17.22 15.02 23.17
C ARG B 216 17.48 14.10 21.97
N LEU B 217 17.16 14.55 20.76
CA LEU B 217 17.30 13.72 19.57
C LEU B 217 18.78 13.53 19.24
N ARG B 218 19.56 14.54 19.54
CA ARG B 218 21.00 14.48 19.38
C ARG B 218 21.57 13.39 20.26
N VAL B 219 21.21 13.42 21.55
CA VAL B 219 21.69 12.45 22.53
C VAL B 219 21.27 11.02 22.19
N LEU B 220 20.01 10.85 21.82
CA LEU B 220 19.47 9.55 21.42
C LEU B 220 20.23 8.89 20.27
N LEU B 221 20.61 9.68 19.27
CA LEU B 221 21.24 9.13 18.07
C LEU B 221 22.78 9.18 18.11
N GLY B 222 23.32 9.57 19.27
CA GLY B 222 24.76 9.58 19.46
C GLY B 222 25.51 10.52 18.52
N ARG B 223 25.01 11.74 18.36
CA ARG B 223 25.67 12.72 17.54
C ARG B 223 26.46 13.63 18.45
N PRO B 224 27.64 14.07 17.99
CA PRO B 224 28.60 14.87 18.77
C PRO B 224 28.07 16.26 19.08
N ALA B 225 28.66 16.91 20.06
CA ALA B 225 28.14 18.18 20.55
C ALA B 225 28.16 19.29 19.51
N HIS B 226 29.04 19.21 18.51
CA HIS B 226 29.15 20.28 17.52
C HIS B 226 28.06 20.13 16.43
N GLU B 227 27.27 19.06 16.51
CA GLU B 227 26.12 18.90 15.64
C GLU B 227 24.81 19.36 16.31
N LYS B 228 24.00 20.07 15.56
CA LYS B 228 22.69 20.52 16.03
C LYS B 228 21.64 20.22 14.98
N LEU B 229 20.53 19.62 15.39
CA LEU B 229 19.47 19.25 14.45
C LEU B 229 18.85 20.48 13.80
N LEU B 230 18.75 20.49 12.48
CA LEU B 230 18.13 21.62 11.80
C LEU B 230 16.72 21.31 11.35
N MET B 231 16.50 20.12 10.80
CA MET B 231 15.17 19.66 10.45
C MET B 231 15.07 18.17 10.26
N LEU B 232 13.84 17.69 10.21
CA LEU B 232 13.57 16.26 10.09
C LEU B 232 12.60 16.01 8.93
N LEU B 233 12.99 15.10 8.05
CA LEU B 233 12.12 14.71 6.94
C LEU B 233 11.79 13.23 6.98
N PRO B 234 10.50 12.92 7.16
CA PRO B 234 10.04 11.55 6.99
C PRO B 234 9.96 11.22 5.50
N VAL B 235 10.47 10.07 5.08
CA VAL B 235 10.47 9.81 3.64
C VAL B 235 9.82 8.47 3.32
N GLY B 236 8.96 8.47 2.30
CA GLY B 236 8.36 7.26 1.81
C GLY B 236 7.35 7.50 0.71
N TYR B 237 6.47 6.52 0.48
CA TYR B 237 5.40 6.72 -0.46
C TYR B 237 4.23 7.32 0.29
N PRO B 238 3.33 8.02 -0.42
CA PRO B 238 2.15 8.51 0.28
C PRO B 238 1.22 7.37 0.67
N SER B 239 0.70 7.39 1.89
CA SER B 239 -0.31 6.44 2.31
C SER B 239 -1.56 6.70 1.50
N LYS B 240 -2.46 5.72 1.44
CA LYS B 240 -3.63 5.82 0.57
C LYS B 240 -4.54 6.97 0.99
N GLU B 241 -4.56 7.26 2.29
CA GLU B 241 -5.42 8.32 2.81
C GLU B 241 -4.76 9.71 2.84
N ALA B 242 -3.68 9.88 2.08
CA ALA B 242 -2.95 11.13 2.12
C ALA B 242 -3.77 12.26 1.56
N THR B 243 -3.78 13.36 2.30
CA THR B 243 -4.36 14.59 1.84
C THR B 243 -3.32 15.70 2.00
N VAL B 244 -3.59 16.83 1.36
CA VAL B 244 -2.84 18.06 1.59
C VAL B 244 -3.80 19.23 1.76
N PRO B 245 -3.35 20.30 2.42
CA PRO B 245 -4.16 21.52 2.44
C PRO B 245 -4.28 22.07 1.02
N ASP B 246 -5.39 22.71 0.67
CA ASP B 246 -5.54 23.27 -0.66
C ASP B 246 -4.89 24.66 -0.71
N LEU B 247 -3.56 24.68 -0.73
CA LEU B 247 -2.82 25.91 -0.72
C LEU B 247 -2.50 26.35 -2.15
N LYS B 248 -2.43 27.66 -2.33
CA LYS B 248 -2.13 28.25 -3.61
C LYS B 248 -0.77 28.94 -3.51
N ARG B 249 0.08 28.77 -4.51
CA ARG B 249 1.35 29.49 -4.53
C ARG B 249 1.20 30.82 -5.24
N LYS B 250 1.98 31.80 -4.80
CA LYS B 250 1.99 33.10 -5.44
C LYS B 250 2.28 33.01 -6.93
N PRO B 251 1.62 33.85 -7.71
CA PRO B 251 1.95 33.98 -9.14
C PRO B 251 3.34 34.60 -9.30
N LEU B 252 4.00 34.31 -10.42
CA LEU B 252 5.36 34.79 -10.67
C LEU B 252 5.56 36.27 -10.36
N ASP B 253 4.64 37.13 -10.79
CA ASP B 253 4.81 38.57 -10.58
C ASP B 253 4.76 38.99 -9.11
N GLN B 254 4.61 38.02 -8.21
CA GLN B 254 4.57 38.34 -6.77
C GLN B 254 5.75 37.81 -5.97
N ILE B 255 6.61 37.06 -6.64
CA ILE B 255 7.85 36.61 -6.02
C ILE B 255 9.05 37.10 -6.83
N MET B 256 8.80 37.67 -7.99
CA MET B 256 9.87 38.15 -8.88
C MET B 256 9.71 39.62 -9.25
N VAL B 257 10.80 40.35 -9.13
CA VAL B 257 10.86 41.77 -9.50
C VAL B 257 12.02 42.01 -10.47
N THR B 258 11.72 42.56 -11.63
CA THR B 258 12.75 42.89 -12.61
C THR B 258 13.08 44.38 -12.54
N VAL B 259 14.37 44.72 -12.65
CA VAL B 259 14.79 46.12 -12.50
C VAL B 259 15.46 46.66 -13.76
N HIS B 260 15.07 47.90 -14.10
CA HIS B 260 15.69 48.70 -15.16
C HIS B 260 15.84 50.17 -14.73
N VAL C 41 -49.97 2.54 -14.95
CA VAL C 41 -49.10 3.20 -13.99
C VAL C 41 -49.32 4.72 -13.99
N GLU C 42 -49.25 5.31 -12.79
CA GLU C 42 -49.56 6.74 -12.61
C GLU C 42 -48.39 7.68 -12.94
N HIS C 43 -48.71 8.95 -13.18
CA HIS C 43 -47.71 9.98 -13.41
C HIS C 43 -47.70 11.04 -12.31
N ILE C 44 -46.50 11.41 -11.87
CA ILE C 44 -46.34 12.25 -10.70
C ILE C 44 -45.48 13.47 -11.01
N PRO C 45 -45.66 14.55 -10.21
CA PRO C 45 -44.88 15.77 -10.43
C PRO C 45 -43.40 15.56 -10.21
N PHE C 46 -42.56 16.31 -10.93
CA PHE C 46 -41.13 16.14 -10.80
C PHE C 46 -40.53 17.20 -9.88
N SER C 47 -39.83 16.73 -8.85
CA SER C 47 -39.24 17.58 -7.81
C SER C 47 -37.76 17.84 -8.07
N HIS C 48 -37.39 19.11 -8.14
CA HIS C 48 -36.03 19.46 -8.55
C HIS C 48 -35.13 20.17 -7.51
N ASN C 49 -33.85 19.78 -7.42
CA ASN C 49 -32.88 20.60 -6.69
C ASN C 49 -32.31 21.68 -7.59
N HIS C 50 -32.76 22.92 -7.37
CA HIS C 50 -32.34 24.05 -8.21
C HIS C 50 -31.03 24.66 -7.72
N TYR C 51 -30.12 24.87 -8.66
CA TYR C 51 -28.85 25.48 -8.34
C TYR C 51 -28.79 26.89 -8.91
N PRO C 52 -28.21 27.82 -8.12
CA PRO C 52 -27.88 29.15 -8.62
C PRO C 52 -26.95 28.98 -9.82
N GLU C 53 -27.07 29.82 -10.84
CA GLU C 53 -26.19 29.75 -12.00
C GLU C 53 -24.69 29.54 -11.69
N LYS C 54 -24.20 30.21 -10.65
CA LYS C 54 -22.77 30.15 -10.31
C LYS C 54 -22.40 28.82 -9.67
N GLU C 55 -23.31 28.30 -8.84
CA GLU C 55 -23.13 26.98 -8.25
C GLU C 55 -23.11 25.91 -9.36
N MET C 56 -23.90 26.14 -10.42
CA MET C 56 -23.94 25.20 -11.52
C MET C 56 -22.59 25.15 -12.19
N VAL C 57 -22.07 26.33 -12.53
CA VAL C 57 -20.78 26.45 -13.18
C VAL C 57 -19.66 25.81 -12.37
N LYS C 58 -19.71 26.00 -11.05
CA LYS C 58 -18.67 25.45 -10.20
C LYS C 58 -18.71 23.92 -10.21
N ARG C 59 -19.91 23.36 -10.03
CA ARG C 59 -20.11 21.93 -9.98
C ARG C 59 -19.77 21.25 -11.30
N SER C 60 -20.08 21.93 -12.39
CA SER C 60 -19.84 21.39 -13.71
C SER C 60 -18.34 21.37 -13.97
N GLN C 61 -17.66 22.42 -13.48
CA GLN C 61 -16.21 22.54 -13.61
C GLN C 61 -15.52 21.46 -12.77
N GLU C 62 -15.99 21.25 -11.55
CA GLU C 62 -15.35 20.25 -10.70
C GLU C 62 -15.49 18.87 -11.28
N PHE C 63 -16.71 18.54 -11.74
CA PHE C 63 -16.98 17.20 -12.27
C PHE C 63 -16.11 16.90 -13.48
N TYR C 64 -15.95 17.89 -14.36
CA TYR C 64 -15.06 17.72 -15.49
C TYR C 64 -13.64 17.41 -15.03
N GLU C 65 -13.14 18.19 -14.08
CA GLU C 65 -11.79 18.01 -13.60
C GLU C 65 -11.63 16.65 -12.94
N LEU C 66 -12.65 16.19 -12.25
CA LEU C 66 -12.60 14.86 -11.64
C LEU C 66 -12.53 13.77 -12.71
N LEU C 67 -13.40 13.86 -13.71
CA LEU C 67 -13.49 12.80 -14.72
C LEU C 67 -12.33 12.81 -15.72
N ASN C 68 -11.75 13.98 -15.96
CA ASN C 68 -10.60 14.13 -16.85
C ASN C 68 -9.31 13.44 -16.34
N LYS C 69 -9.28 13.16 -15.04
CA LYS C 69 -8.20 12.38 -14.43
C LYS C 69 -8.38 10.88 -14.67
N ARG C 70 -9.57 10.46 -15.09
CA ARG C 70 -9.81 9.05 -15.37
C ARG C 70 -9.01 8.59 -16.60
N ARG C 71 -8.23 7.54 -16.41
CA ARG C 71 -7.50 6.92 -17.51
C ARG C 71 -7.75 5.44 -17.43
N SER C 72 -7.69 4.78 -18.56
CA SER C 72 -7.79 3.33 -18.55
C SER C 72 -6.47 2.84 -17.94
N VAL C 73 -6.58 2.09 -16.85
CA VAL C 73 -5.41 1.60 -16.13
C VAL C 73 -5.29 0.09 -16.27
N ARG C 74 -4.18 -0.36 -16.87
CA ARG C 74 -4.04 -1.78 -17.17
C ARG C 74 -3.13 -2.53 -16.17
N PHE C 75 -2.87 -1.90 -15.03
CA PHE C 75 -2.02 -2.48 -13.98
C PHE C 75 -2.64 -2.27 -12.62
N ILE C 76 -3.16 -3.35 -12.04
CA ILE C 76 -4.06 -3.24 -10.89
C ILE C 76 -3.56 -4.04 -9.69
N SER C 77 -3.41 -3.36 -8.56
CA SER C 77 -3.03 -3.99 -7.30
C SER C 77 -3.98 -5.12 -6.89
N ASN C 78 -3.49 -6.02 -6.04
CA ASN C 78 -4.33 -7.11 -5.57
C ASN C 78 -5.03 -6.76 -4.24
N GLU C 79 -4.73 -5.56 -3.74
CA GLU C 79 -5.33 -5.07 -2.52
C GLU C 79 -6.85 -5.02 -2.63
N GLN C 80 -7.50 -5.59 -1.61
CA GLN C 80 -8.96 -5.70 -1.56
C GLN C 80 -9.65 -4.34 -1.53
N VAL C 81 -10.86 -4.32 -2.10
CA VAL C 81 -11.66 -3.11 -2.11
C VAL C 81 -12.91 -3.30 -1.27
N PRO C 82 -13.37 -2.22 -0.63
CA PRO C 82 -14.55 -2.36 0.20
C PRO C 82 -15.78 -2.70 -0.66
N MET C 83 -16.36 -3.86 -0.39
CA MET C 83 -17.46 -4.40 -1.18
C MET C 83 -18.69 -3.48 -1.21
N GLU C 84 -18.74 -2.52 -0.31
CA GLU C 84 -19.86 -1.60 -0.26
C GLU C 84 -19.74 -0.52 -1.33
N VAL C 85 -18.51 -0.14 -1.65
CA VAL C 85 -18.25 0.83 -2.71
C VAL C 85 -18.65 0.23 -4.06
N ILE C 86 -18.36 -1.05 -4.22
CA ILE C 86 -18.79 -1.83 -5.38
C ILE C 86 -20.31 -1.88 -5.50
N ASP C 87 -20.96 -2.19 -4.39
CA ASP C 87 -22.42 -2.25 -4.33
C ASP C 87 -23.01 -0.91 -4.79
N ASN C 88 -22.46 0.18 -4.28
CA ASN C 88 -23.00 1.50 -4.58
C ASN C 88 -22.77 1.90 -6.02
N VAL C 89 -21.60 1.52 -6.51
CA VAL C 89 -21.18 1.86 -7.84
C VAL C 89 -22.06 1.11 -8.86
N ILE C 90 -22.46 -0.10 -8.53
CA ILE C 90 -23.41 -0.80 -9.39
C ILE C 90 -24.86 -0.29 -9.26
N ARG C 91 -25.26 0.03 -8.03
CA ARG C 91 -26.54 0.70 -7.80
C ARG C 91 -26.66 1.90 -8.73
N THR C 92 -25.56 2.64 -8.86
CA THR C 92 -25.53 3.85 -9.66
C THR C 92 -25.71 3.55 -11.15
N ALA C 93 -25.03 2.53 -11.65
CA ALA C 93 -25.18 2.12 -13.04
C ALA C 93 -26.63 1.78 -13.33
N GLY C 94 -27.30 1.19 -12.34
CA GLY C 94 -28.69 0.80 -12.48
C GLY C 94 -29.68 1.96 -12.52
N THR C 95 -29.18 3.19 -12.33
CA THR C 95 -30.01 4.39 -12.44
C THR C 95 -30.00 4.93 -13.87
N ALA C 96 -29.23 4.28 -14.75
CA ALA C 96 -29.20 4.71 -16.14
C ALA C 96 -30.60 4.66 -16.75
N PRO C 97 -30.87 5.54 -17.73
CA PRO C 97 -32.11 5.40 -18.50
C PRO C 97 -32.07 4.11 -19.29
N SER C 98 -33.21 3.57 -19.71
CA SER C 98 -33.21 2.39 -20.56
C SER C 98 -34.43 2.50 -21.46
N GLY C 99 -34.29 1.99 -22.67
CA GLY C 99 -35.38 2.05 -23.64
C GLY C 99 -36.67 1.44 -23.11
N ALA C 100 -37.75 2.23 -23.14
CA ALA C 100 -39.03 1.78 -22.64
C ALA C 100 -38.94 1.21 -21.21
N HIS C 101 -38.01 1.73 -20.42
CA HIS C 101 -37.80 1.32 -19.03
C HIS C 101 -37.67 -0.20 -18.91
N THR C 102 -36.65 -0.77 -19.53
CA THR C 102 -36.48 -2.21 -19.51
C THR C 102 -35.35 -2.69 -18.59
N GLU C 103 -34.45 -1.79 -18.23
CA GLU C 103 -33.30 -2.13 -17.40
C GLU C 103 -32.61 -3.44 -17.82
N PRO C 104 -32.18 -3.55 -19.09
CA PRO C 104 -31.76 -4.87 -19.59
C PRO C 104 -30.31 -5.25 -19.25
N TRP C 105 -29.91 -4.97 -18.02
CA TRP C 105 -28.53 -5.16 -17.63
C TRP C 105 -28.34 -6.12 -16.47
N THR C 106 -27.36 -7.00 -16.62
CA THR C 106 -26.86 -7.86 -15.54
C THR C 106 -25.36 -7.62 -15.28
N PHE C 107 -25.03 -7.19 -14.07
CA PHE C 107 -23.65 -7.00 -13.66
C PHE C 107 -23.17 -8.20 -12.86
N VAL C 108 -22.35 -9.03 -13.49
CA VAL C 108 -21.76 -10.18 -12.80
C VAL C 108 -20.43 -9.79 -12.13
N VAL C 109 -20.41 -9.81 -10.80
CA VAL C 109 -19.22 -9.47 -10.03
C VAL C 109 -18.50 -10.71 -9.54
N VAL C 110 -17.24 -10.86 -9.94
CA VAL C 110 -16.46 -12.05 -9.62
C VAL C 110 -15.31 -11.75 -8.64
N LYS C 111 -15.35 -12.42 -7.49
CA LYS C 111 -14.35 -12.23 -6.43
C LYS C 111 -13.39 -13.43 -6.35
N ASP C 112 -13.93 -14.61 -6.64
CA ASP C 112 -13.20 -15.86 -6.47
C ASP C 112 -11.97 -15.99 -7.37
N PRO C 113 -10.78 -16.14 -6.75
CA PRO C 113 -9.51 -16.30 -7.44
C PRO C 113 -9.55 -17.42 -8.47
N ASP C 114 -10.26 -18.50 -8.15
CA ASP C 114 -10.36 -19.62 -9.07
C ASP C 114 -11.15 -19.26 -10.32
N VAL C 115 -12.29 -18.61 -10.12
CA VAL C 115 -13.13 -18.25 -11.25
C VAL C 115 -12.36 -17.25 -12.11
N LYS C 116 -11.76 -16.26 -11.45
CA LYS C 116 -10.98 -15.25 -12.14
C LYS C 116 -9.88 -15.84 -13.00
N HIS C 117 -9.20 -16.86 -12.49
CA HIS C 117 -8.10 -17.46 -13.22
C HIS C 117 -8.61 -18.18 -14.47
N LYS C 118 -9.77 -18.82 -14.36
CA LYS C 118 -10.36 -19.50 -15.53
C LYS C 118 -10.75 -18.49 -16.60
N ILE C 119 -11.15 -17.30 -16.15
CA ILE C 119 -11.47 -16.21 -17.05
C ILE C 119 -10.19 -15.74 -17.75
N ARG C 120 -9.12 -15.60 -16.98
CA ARG C 120 -7.83 -15.22 -17.55
C ARG C 120 -7.33 -16.21 -18.60
N LYS C 121 -7.43 -17.50 -18.32
CA LYS C 121 -7.05 -18.52 -19.29
C LYS C 121 -7.87 -18.33 -20.58
N ILE C 122 -9.18 -18.11 -20.43
CA ILE C 122 -10.09 -17.97 -21.56
C ILE C 122 -9.74 -16.75 -22.42
N ILE C 123 -9.57 -15.61 -21.76
CA ILE C 123 -9.33 -14.38 -22.48
C ILE C 123 -7.96 -14.35 -23.16
N GLU C 124 -6.92 -14.80 -22.45
CA GLU C 124 -5.58 -14.84 -23.06
C GLU C 124 -5.56 -15.80 -24.23
N GLU C 125 -6.24 -16.93 -24.08
CA GLU C 125 -6.34 -17.91 -25.15
C GLU C 125 -6.90 -17.25 -26.40
N GLU C 126 -8.01 -16.52 -26.26
CA GLU C 126 -8.64 -15.86 -27.40
C GLU C 126 -7.88 -14.60 -27.86
N GLU C 127 -7.38 -13.81 -26.91
CA GLU C 127 -6.63 -12.61 -27.31
C GLU C 127 -5.38 -12.97 -28.14
N GLU C 128 -4.72 -14.09 -27.81
CA GLU C 128 -3.58 -14.54 -28.61
C GLU C 128 -3.95 -14.73 -30.08
N ILE C 129 -4.99 -15.52 -30.32
CA ILE C 129 -5.50 -15.68 -31.68
C ILE C 129 -5.90 -14.34 -32.30
N ASN C 130 -6.48 -13.46 -31.48
CA ASN C 130 -6.89 -12.15 -31.96
C ASN C 130 -5.71 -11.36 -32.47
N TYR C 131 -4.62 -11.31 -31.71
CA TYR C 131 -3.45 -10.58 -32.15
C TYR C 131 -2.76 -11.21 -33.36
N MET C 132 -2.65 -12.53 -33.38
CA MET C 132 -1.93 -13.19 -34.46
C MET C 132 -2.74 -13.29 -35.78
N LYS C 133 -4.06 -13.47 -35.66
CA LYS C 133 -4.88 -13.73 -36.84
C LYS C 133 -6.20 -12.93 -36.94
N ARG C 134 -7.03 -12.92 -35.89
CA ARG C 134 -8.41 -12.44 -36.06
C ARG C 134 -8.59 -10.92 -36.13
N MET C 135 -7.77 -10.14 -35.46
CA MET C 135 -7.97 -8.68 -35.49
C MET C 135 -7.46 -8.05 -36.79
N GLY C 136 -6.37 -8.58 -37.35
CA GLY C 136 -5.86 -8.03 -38.58
C GLY C 136 -4.77 -6.98 -38.42
N HIS C 137 -3.98 -6.78 -39.47
CA HIS C 137 -2.79 -5.93 -39.46
C HIS C 137 -3.08 -4.51 -39.02
N ARG C 138 -4.11 -3.90 -39.61
CA ARG C 138 -4.44 -2.50 -39.35
C ARG C 138 -4.78 -2.28 -37.88
N TRP C 139 -5.65 -3.14 -37.35
CA TRP C 139 -6.12 -3.06 -35.97
C TRP C 139 -4.94 -3.24 -35.01
N VAL C 140 -4.11 -4.25 -35.26
CA VAL C 140 -2.92 -4.48 -34.44
C VAL C 140 -1.95 -3.27 -34.46
N THR C 141 -1.81 -2.66 -35.63
CA THR C 141 -0.97 -1.48 -35.76
C THR C 141 -1.55 -0.31 -34.96
N ASP C 142 -2.86 -0.11 -35.07
CA ASP C 142 -3.55 0.97 -34.37
C ASP C 142 -3.44 0.85 -32.84
N LEU C 143 -3.13 -0.34 -32.36
CA LEU C 143 -2.96 -0.61 -30.94
C LEU C 143 -1.50 -0.50 -30.46
N LYS C 144 -0.55 -0.30 -31.37
CA LYS C 144 0.84 -0.22 -30.95
C LYS C 144 1.02 0.86 -29.88
N LYS C 145 0.40 2.02 -30.09
CA LYS C 145 0.52 3.11 -29.12
C LYS C 145 0.06 2.76 -27.69
N LEU C 146 -0.75 1.71 -27.55
CA LEU C 146 -1.22 1.35 -26.23
C LEU C 146 -0.34 0.25 -25.61
N ARG C 147 0.51 -0.37 -26.43
CA ARG C 147 1.42 -1.43 -25.98
C ARG C 147 0.72 -2.59 -25.28
N THR C 148 -0.52 -2.84 -25.66
CA THR C 148 -1.27 -3.97 -25.15
C THR C 148 -0.84 -5.24 -25.86
N ASN C 149 -0.97 -6.38 -25.18
CA ASN C 149 -0.75 -7.70 -25.80
C ASN C 149 -1.71 -8.73 -25.23
N TRP C 150 -1.49 -10.02 -25.54
CA TRP C 150 -2.49 -11.01 -25.10
C TRP C 150 -2.31 -11.48 -23.65
N ILE C 151 -1.34 -10.92 -22.92
CA ILE C 151 -1.17 -11.21 -21.50
C ILE C 151 -1.99 -10.26 -20.65
N LYS C 152 -2.92 -10.80 -19.86
CA LYS C 152 -3.83 -9.98 -19.08
C LYS C 152 -3.69 -10.30 -17.59
N GLU C 153 -2.62 -9.81 -16.99
CA GLU C 153 -2.32 -10.15 -15.62
C GLU C 153 -3.37 -9.59 -14.67
N TYR C 154 -4.02 -8.49 -15.05
CA TYR C 154 -5.02 -7.88 -14.17
C TYR C 154 -6.24 -8.77 -13.89
N LEU C 155 -6.53 -9.71 -14.78
CA LEU C 155 -7.63 -10.64 -14.56
C LEU C 155 -7.41 -11.51 -13.32
N ASP C 156 -6.14 -11.69 -12.91
CA ASP C 156 -5.82 -12.35 -11.64
C ASP C 156 -5.55 -11.35 -10.50
N THR C 157 -4.77 -10.31 -10.77
CA THR C 157 -4.37 -9.39 -9.71
C THR C 157 -5.54 -8.54 -9.18
N ALA C 158 -6.41 -8.06 -10.05
CA ALA C 158 -7.54 -7.23 -9.58
C ALA C 158 -8.45 -7.98 -8.59
N PRO C 159 -8.80 -7.32 -7.46
CA PRO C 159 -9.66 -8.00 -6.48
C PRO C 159 -11.01 -8.39 -7.07
N ILE C 160 -11.47 -7.59 -8.01
CA ILE C 160 -12.82 -7.73 -8.58
C ILE C 160 -12.84 -7.61 -10.09
N LEU C 161 -13.60 -8.51 -10.72
CA LEU C 161 -13.95 -8.37 -12.15
C LEU C 161 -15.44 -8.11 -12.33
N ILE C 162 -15.78 -7.04 -13.04
CA ILE C 162 -17.18 -6.82 -13.37
C ILE C 162 -17.40 -7.16 -14.82
N LEU C 163 -18.15 -8.23 -15.05
CA LEU C 163 -18.54 -8.59 -16.40
C LEU C 163 -19.98 -8.09 -16.64
N ILE C 164 -20.13 -7.18 -17.60
CA ILE C 164 -21.44 -6.60 -17.85
C ILE C 164 -22.16 -7.27 -19.02
N PHE C 165 -23.32 -7.84 -18.73
CA PHE C 165 -24.11 -8.54 -19.73
C PHE C 165 -25.33 -7.74 -20.15
N LYS C 166 -25.54 -7.66 -21.45
CA LYS C 166 -26.79 -7.09 -21.96
C LYS C 166 -27.82 -8.21 -22.09
N GLN C 167 -29.07 -7.94 -21.74
CA GLN C 167 -30.16 -8.90 -21.95
C GLN C 167 -30.83 -8.62 -23.28
N VAL C 168 -30.57 -9.46 -24.28
CA VAL C 168 -31.02 -9.17 -25.64
C VAL C 168 -32.52 -9.22 -25.73
N HIS C 169 -33.13 -9.91 -24.76
CA HIS C 169 -34.56 -9.75 -24.48
C HIS C 169 -34.77 -10.09 -23.01
N GLY C 170 -35.99 -9.96 -22.53
CA GLY C 170 -36.29 -10.30 -21.16
C GLY C 170 -37.51 -11.19 -21.07
N PHE C 171 -37.99 -11.42 -19.85
CA PHE C 171 -39.19 -12.22 -19.66
C PHE C 171 -40.16 -11.54 -18.69
N ALA C 172 -41.44 -11.56 -19.04
CA ALA C 172 -42.51 -11.17 -18.12
C ALA C 172 -42.73 -12.31 -17.11
N ALA C 173 -43.64 -12.09 -16.16
CA ALA C 173 -43.94 -13.12 -15.16
C ALA C 173 -44.59 -14.35 -15.80
N ASN C 174 -45.39 -14.14 -16.85
CA ASN C 174 -46.05 -15.24 -17.55
C ASN C 174 -45.09 -16.09 -18.41
N GLY C 175 -43.85 -15.65 -18.52
CA GLY C 175 -42.81 -16.37 -19.25
C GLY C 175 -42.74 -16.01 -20.73
N LYS C 176 -43.51 -15.00 -21.13
CA LYS C 176 -43.46 -14.50 -22.49
C LYS C 176 -42.32 -13.51 -22.63
N LYS C 177 -41.75 -13.43 -23.83
CA LYS C 177 -40.62 -12.55 -24.09
C LYS C 177 -41.06 -11.09 -24.11
N LYS C 178 -40.42 -10.24 -23.30
CA LYS C 178 -40.58 -8.79 -23.51
C LYS C 178 -39.38 -8.27 -24.32
N VAL C 179 -39.66 -7.35 -25.23
CA VAL C 179 -38.65 -6.73 -26.07
C VAL C 179 -37.79 -5.76 -25.27
N HIS C 180 -36.48 -5.83 -25.47
CA HIS C 180 -35.57 -4.88 -24.85
C HIS C 180 -35.04 -3.91 -25.88
N TYR C 181 -35.85 -2.88 -26.14
CA TYR C 181 -35.54 -1.84 -27.10
C TYR C 181 -34.20 -1.20 -26.80
N TYR C 182 -33.33 -1.19 -27.82
CA TYR C 182 -32.00 -0.61 -27.75
C TYR C 182 -31.23 -1.11 -26.55
N ASN C 183 -31.25 -2.42 -26.32
CA ASN C 183 -30.64 -2.91 -25.10
C ASN C 183 -29.15 -2.62 -25.05
N GLU C 184 -28.45 -2.76 -26.19
CA GLU C 184 -27.02 -2.55 -26.19
C GLU C 184 -26.65 -1.10 -25.90
N ILE C 185 -27.39 -0.15 -26.46
CA ILE C 185 -27.09 1.25 -26.17
C ILE C 185 -27.34 1.55 -24.69
N SER C 186 -28.44 1.00 -24.18
CA SER C 186 -28.86 1.22 -22.80
C SER C 186 -27.78 0.74 -21.83
N VAL C 187 -27.33 -0.48 -22.05
CA VAL C 187 -26.30 -1.05 -21.21
C VAL C 187 -25.02 -0.27 -21.33
N SER C 188 -24.66 0.13 -22.54
CA SER C 188 -23.48 0.94 -22.73
C SER C 188 -23.58 2.25 -21.96
N ILE C 189 -24.77 2.86 -22.01
CA ILE C 189 -25.02 4.07 -21.24
C ILE C 189 -24.80 3.81 -19.74
N ALA C 190 -25.32 2.70 -19.25
CA ALA C 190 -25.16 2.37 -17.85
C ALA C 190 -23.67 2.16 -17.50
N CYS C 191 -22.93 1.58 -18.43
CA CYS C 191 -21.51 1.34 -18.21
C CYS C 191 -20.73 2.65 -18.11
N GLY C 192 -21.07 3.61 -18.97
CA GLY C 192 -20.53 4.95 -18.84
C GLY C 192 -20.77 5.53 -17.45
N ILE C 193 -21.98 5.34 -16.93
CA ILE C 193 -22.32 5.83 -15.60
C ILE C 193 -21.52 5.06 -14.55
N LEU C 194 -21.41 3.75 -14.75
CA LEU C 194 -20.56 2.91 -13.92
C LEU C 194 -19.10 3.41 -13.91
N LEU C 195 -18.55 3.72 -15.08
CA LEU C 195 -17.17 4.23 -15.17
C LEU C 195 -17.01 5.55 -14.40
N ALA C 196 -17.98 6.44 -14.53
CA ALA C 196 -17.96 7.70 -13.79
C ALA C 196 -18.02 7.45 -12.28
N ALA C 197 -18.87 6.53 -11.85
CA ALA C 197 -19.00 6.21 -10.43
C ALA C 197 -17.68 5.66 -9.85
N LEU C 198 -17.01 4.76 -10.60
CA LEU C 198 -15.71 4.23 -10.16
C LEU C 198 -14.65 5.35 -9.99
N GLN C 199 -14.60 6.27 -10.95
CA GLN C 199 -13.69 7.41 -10.84
C GLN C 199 -14.00 8.26 -9.60
N ASN C 200 -15.29 8.46 -9.33
CA ASN C 200 -15.73 9.26 -8.20
C ASN C 200 -15.33 8.61 -6.87
N ALA C 201 -15.28 7.29 -6.86
CA ALA C 201 -14.96 6.56 -5.65
C ALA C 201 -13.46 6.23 -5.60
N GLY C 202 -12.70 6.80 -6.53
CA GLY C 202 -11.25 6.62 -6.54
C GLY C 202 -10.75 5.22 -6.85
N LEU C 203 -11.55 4.42 -7.56
CA LEU C 203 -11.11 3.14 -8.09
C LEU C 203 -10.75 3.30 -9.55
N VAL C 204 -10.05 2.31 -10.10
CA VAL C 204 -9.64 2.37 -11.50
C VAL C 204 -10.01 1.10 -12.18
N THR C 205 -10.01 1.16 -13.51
CA THR C 205 -10.35 0.02 -14.34
C THR C 205 -9.87 0.29 -15.76
N VAL C 206 -10.04 -0.71 -16.62
CA VAL C 206 -9.94 -0.47 -18.05
C VAL C 206 -11.15 -1.11 -18.73
N THR C 207 -11.82 -0.36 -19.60
CA THR C 207 -12.96 -0.89 -20.35
C THR C 207 -12.50 -1.89 -21.38
N THR C 208 -12.88 -3.16 -21.26
CA THR C 208 -12.43 -4.12 -22.27
C THR C 208 -13.57 -4.83 -22.96
N THR C 209 -13.33 -5.11 -24.22
CA THR C 209 -14.23 -5.88 -25.05
C THR C 209 -13.39 -7.00 -25.64
N PRO C 210 -13.32 -8.12 -24.90
CA PRO C 210 -12.58 -9.34 -25.24
C PRO C 210 -13.28 -10.10 -26.37
N LEU C 211 -12.77 -9.93 -27.59
CA LEU C 211 -13.31 -10.61 -28.78
C LEU C 211 -13.51 -12.13 -28.61
N ASN C 212 -14.68 -12.62 -29.02
CA ASN C 212 -14.96 -14.06 -29.09
C ASN C 212 -14.91 -14.79 -27.76
N CYS C 213 -14.94 -14.04 -26.67
CA CYS C 213 -14.90 -14.63 -25.34
C CYS C 213 -16.32 -14.77 -24.76
N GLY C 214 -17.29 -14.21 -25.46
CA GLY C 214 -18.65 -14.08 -24.95
C GLY C 214 -19.30 -15.38 -24.55
N PRO C 215 -19.51 -16.28 -25.51
CA PRO C 215 -20.13 -17.59 -25.26
C PRO C 215 -19.45 -18.39 -24.15
N ARG C 216 -18.12 -18.57 -24.22
CA ARG C 216 -17.41 -19.33 -23.20
C ARG C 216 -17.61 -18.76 -21.79
N LEU C 217 -17.57 -17.43 -21.67
CA LEU C 217 -17.67 -16.80 -20.35
C LEU C 217 -19.09 -16.86 -19.80
N ARG C 218 -20.08 -16.80 -20.70
CA ARG C 218 -21.48 -16.92 -20.32
C ARG C 218 -21.75 -18.28 -19.69
N VAL C 219 -21.33 -19.33 -20.39
CA VAL C 219 -21.52 -20.69 -19.93
C VAL C 219 -20.80 -20.91 -18.61
N LEU C 220 -19.55 -20.44 -18.56
CA LEU C 220 -18.71 -20.53 -17.37
C LEU C 220 -19.34 -19.90 -16.13
N LEU C 221 -19.97 -18.74 -16.30
CA LEU C 221 -20.51 -17.99 -15.16
C LEU C 221 -21.98 -18.30 -14.89
N GLY C 222 -22.50 -19.30 -15.58
CA GLY C 222 -23.87 -19.75 -15.38
C GLY C 222 -24.88 -18.67 -15.72
N ARG C 223 -24.71 -18.03 -16.87
CA ARG C 223 -25.65 -17.02 -17.31
C ARG C 223 -26.60 -17.57 -18.38
N PRO C 224 -27.86 -17.11 -18.36
CA PRO C 224 -28.91 -17.59 -19.26
C PRO C 224 -28.66 -17.20 -20.71
N ALA C 225 -29.30 -17.89 -21.64
CA ALA C 225 -29.03 -17.71 -23.06
C ALA C 225 -29.35 -16.30 -23.56
N HIS C 226 -30.28 -15.64 -22.88
CA HIS C 226 -30.71 -14.30 -23.31
C HIS C 226 -29.75 -13.19 -22.82
N GLU C 227 -28.73 -13.57 -22.04
CA GLU C 227 -27.65 -12.65 -21.67
C GLU C 227 -26.43 -12.79 -22.60
N LYS C 228 -25.88 -11.66 -23.03
CA LYS C 228 -24.66 -11.66 -23.84
C LYS C 228 -23.66 -10.66 -23.28
N LEU C 229 -22.41 -11.08 -23.11
CA LEU C 229 -21.39 -10.20 -22.53
C LEU C 229 -21.12 -8.99 -23.41
N LEU C 230 -21.12 -7.80 -22.83
CA LEU C 230 -20.82 -6.60 -23.60
C LEU C 230 -19.40 -6.11 -23.33
N MET C 231 -18.99 -6.15 -22.06
CA MET C 231 -17.61 -5.81 -21.71
C MET C 231 -17.22 -6.25 -20.32
N LEU C 232 -15.92 -6.17 -20.06
CA LEU C 232 -15.35 -6.64 -18.81
C LEU C 232 -14.50 -5.54 -18.20
N LEU C 233 -14.74 -5.23 -16.93
CA LEU C 233 -13.93 -4.26 -16.23
C LEU C 233 -13.25 -4.91 -15.04
N PRO C 234 -11.91 -4.98 -15.06
CA PRO C 234 -11.17 -5.37 -13.87
C PRO C 234 -11.16 -4.18 -12.93
N VAL C 235 -11.43 -4.37 -11.64
CA VAL C 235 -11.57 -3.21 -10.77
C VAL C 235 -10.69 -3.32 -9.53
N GLY C 236 -10.02 -2.23 -9.17
CA GLY C 236 -9.24 -2.16 -7.94
C GLY C 236 -8.46 -0.87 -7.86
N TYR C 237 -7.44 -0.82 -6.99
CA TYR C 237 -6.56 0.33 -6.91
C TYR C 237 -5.47 0.15 -7.95
N PRO C 238 -4.85 1.25 -8.39
CA PRO C 238 -3.72 1.05 -9.32
C PRO C 238 -2.51 0.43 -8.62
N SER C 239 -1.85 -0.54 -9.26
CA SER C 239 -0.62 -1.10 -8.72
C SER C 239 0.42 -0.01 -8.72
N LYS C 240 1.47 -0.15 -7.90
CA LYS C 240 2.42 0.94 -7.74
C LYS C 240 3.21 1.32 -8.98
N GLU C 241 3.55 0.37 -9.84
CA GLU C 241 4.32 0.74 -11.01
C GLU C 241 3.40 1.05 -12.20
N ALA C 242 2.14 1.39 -11.92
CA ALA C 242 1.16 1.59 -13.00
C ALA C 242 1.49 2.81 -13.87
N THR C 243 1.41 2.62 -15.19
CA THR C 243 1.59 3.70 -16.12
C THR C 243 0.46 3.75 -17.13
N VAL C 244 0.36 4.86 -17.87
CA VAL C 244 -0.60 4.95 -18.96
C VAL C 244 0.05 5.52 -20.21
N PRO C 245 -0.55 5.26 -21.39
CA PRO C 245 -0.01 5.91 -22.58
C PRO C 245 -0.19 7.43 -22.50
N ASP C 246 0.74 8.17 -23.08
CA ASP C 246 0.62 9.61 -23.08
C ASP C 246 -0.31 10.07 -24.19
N LEU C 247 -1.61 9.86 -23.98
CA LEU C 247 -2.60 10.22 -24.98
C LEU C 247 -3.17 11.60 -24.69
N LYS C 248 -3.58 12.30 -25.74
CA LYS C 248 -4.17 13.62 -25.61
C LYS C 248 -5.62 13.56 -26.04
N ARG C 249 -6.51 14.23 -25.29
CA ARG C 249 -7.90 14.33 -25.73
C ARG C 249 -8.11 15.56 -26.58
N LYS C 250 -9.03 15.44 -27.53
CA LYS C 250 -9.38 16.54 -28.41
C LYS C 250 -9.78 17.78 -27.62
N PRO C 251 -9.38 18.95 -28.13
CA PRO C 251 -9.90 20.17 -27.51
C PRO C 251 -11.40 20.29 -27.79
N LEU C 252 -12.11 21.01 -26.94
CA LEU C 252 -13.55 21.17 -27.09
C LEU C 252 -13.97 21.51 -28.52
N ASP C 253 -13.30 22.45 -29.16
CA ASP C 253 -13.75 22.90 -30.48
C ASP C 253 -13.63 21.81 -31.55
N GLN C 254 -13.16 20.63 -31.15
CA GLN C 254 -13.04 19.50 -32.08
C GLN C 254 -13.99 18.32 -31.79
N ILE C 255 -14.78 18.43 -30.72
CA ILE C 255 -15.85 17.46 -30.45
C ILE C 255 -17.22 18.14 -30.35
N MET C 256 -17.24 19.47 -30.31
CA MET C 256 -18.47 20.23 -30.13
C MET C 256 -18.68 21.21 -31.27
N VAL C 257 -19.89 21.18 -31.82
CA VAL C 257 -20.29 22.10 -32.88
C VAL C 257 -21.60 22.80 -32.50
N THR C 258 -21.55 24.13 -32.44
CA THR C 258 -22.70 24.97 -32.11
C THR C 258 -23.34 25.57 -33.36
N VAL C 259 -24.66 25.62 -33.41
CA VAL C 259 -25.39 26.05 -34.60
C VAL C 259 -26.26 27.31 -34.43
N HIS C 260 -26.17 28.21 -35.43
CA HIS C 260 -27.05 29.37 -35.59
C HIS C 260 -27.45 29.62 -37.05
N VAL D 41 4.07 6.67 -29.46
CA VAL D 41 3.82 7.42 -28.22
C VAL D 41 4.37 6.75 -26.96
N GLU D 42 4.82 7.59 -26.05
CA GLU D 42 5.45 7.19 -24.81
C GLU D 42 4.41 6.87 -23.72
N HIS D 43 4.83 6.12 -22.71
CA HIS D 43 4.03 5.87 -21.51
C HIS D 43 4.59 6.60 -20.29
N ILE D 44 3.67 7.16 -19.52
CA ILE D 44 4.03 8.08 -18.46
C ILE D 44 3.45 7.60 -17.14
N PRO D 45 3.99 8.10 -16.02
CA PRO D 45 3.39 7.65 -14.76
C PRO D 45 1.93 8.05 -14.65
N PHE D 46 1.19 7.24 -13.92
CA PHE D 46 -0.22 7.49 -13.70
C PHE D 46 -0.46 8.15 -12.35
N SER D 47 -1.13 9.30 -12.30
CA SER D 47 -1.33 9.92 -10.98
C SER D 47 -2.76 9.70 -10.49
N HIS D 48 -2.90 9.05 -9.34
CA HIS D 48 -4.24 8.75 -8.86
C HIS D 48 -4.54 9.46 -7.55
N ASN D 49 -5.76 9.94 -7.41
CA ASN D 49 -6.23 10.42 -6.12
C ASN D 49 -6.74 9.26 -5.27
N HIS D 50 -5.99 8.87 -4.24
CA HIS D 50 -6.43 7.80 -3.33
C HIS D 50 -7.26 8.36 -2.14
N TYR D 51 -8.38 7.70 -1.86
CA TYR D 51 -9.27 8.06 -0.77
C TYR D 51 -9.18 7.01 0.34
N PRO D 52 -9.29 7.45 1.60
CA PRO D 52 -9.45 6.51 2.74
C PRO D 52 -10.65 5.62 2.49
N GLU D 53 -10.57 4.34 2.85
CA GLU D 53 -11.67 3.40 2.65
C GLU D 53 -13.03 4.01 3.07
N LYS D 54 -13.05 4.78 4.16
CA LYS D 54 -14.30 5.38 4.63
C LYS D 54 -14.77 6.55 3.76
N GLU D 55 -13.83 7.38 3.31
CA GLU D 55 -14.14 8.48 2.40
C GLU D 55 -14.67 7.94 1.07
N MET D 56 -14.18 6.76 0.68
CA MET D 56 -14.61 6.10 -0.54
C MET D 56 -16.08 5.69 -0.46
N VAL D 57 -16.45 5.03 0.62
CA VAL D 57 -17.83 4.62 0.83
C VAL D 57 -18.78 5.82 0.79
N LYS D 58 -18.37 6.92 1.41
CA LYS D 58 -19.20 8.10 1.49
C LYS D 58 -19.41 8.69 0.11
N ARG D 59 -18.35 8.79 -0.67
CA ARG D 59 -18.46 9.37 -2.01
C ARG D 59 -19.33 8.50 -2.91
N SER D 60 -19.18 7.19 -2.76
CA SER D 60 -19.91 6.27 -3.60
C SER D 60 -21.39 6.33 -3.23
N GLN D 61 -21.65 6.50 -1.94
CA GLN D 61 -23.01 6.60 -1.43
C GLN D 61 -23.67 7.90 -1.91
N GLU D 62 -22.97 9.02 -1.75
CA GLU D 62 -23.53 10.31 -2.13
C GLU D 62 -23.83 10.34 -3.62
N PHE D 63 -22.89 9.87 -4.44
CA PHE D 63 -23.02 9.86 -5.90
C PHE D 63 -24.21 9.02 -6.37
N TYR D 64 -24.41 7.85 -5.76
CA TYR D 64 -25.60 7.04 -6.04
C TYR D 64 -26.89 7.81 -5.75
N GLU D 65 -26.95 8.45 -4.57
CA GLU D 65 -28.14 9.20 -4.21
C GLU D 65 -28.35 10.34 -5.18
N LEU D 66 -27.26 10.95 -5.64
CA LEU D 66 -27.36 12.03 -6.60
C LEU D 66 -27.93 11.56 -7.95
N LEU D 67 -27.37 10.47 -8.49
CA LEU D 67 -27.79 10.01 -9.80
C LEU D 67 -29.14 9.30 -9.76
N ASN D 68 -29.48 8.69 -8.62
CA ASN D 68 -30.78 8.05 -8.49
C ASN D 68 -31.94 9.04 -8.54
N LYS D 69 -31.65 10.32 -8.28
CA LYS D 69 -32.67 11.35 -8.43
C LYS D 69 -32.87 11.74 -9.89
N ARG D 70 -31.98 11.31 -10.78
CA ARG D 70 -32.12 11.61 -12.20
C ARG D 70 -33.31 10.90 -12.82
N ARG D 71 -34.16 11.67 -13.49
CA ARG D 71 -35.28 11.11 -14.22
C ARG D 71 -35.30 11.70 -15.61
N SER D 72 -35.79 10.94 -16.58
CA SER D 72 -35.99 11.48 -17.92
C SER D 72 -37.16 12.45 -17.82
N VAL D 73 -36.90 13.71 -18.17
CA VAL D 73 -37.89 14.77 -18.07
C VAL D 73 -38.30 15.29 -19.44
N ARG D 74 -39.59 15.13 -19.80
CA ARG D 74 -40.08 15.44 -21.16
C ARG D 74 -40.81 16.80 -21.26
N PHE D 75 -40.66 17.61 -20.23
CA PHE D 75 -41.29 18.91 -20.15
C PHE D 75 -40.27 19.93 -19.65
N ILE D 76 -39.80 20.80 -20.53
CA ILE D 76 -38.62 21.61 -20.22
C ILE D 76 -38.88 23.11 -20.35
N SER D 77 -38.63 23.85 -19.27
CA SER D 77 -38.73 25.30 -19.25
C SER D 77 -37.90 25.96 -20.35
N ASN D 78 -38.26 27.17 -20.74
CA ASN D 78 -37.52 27.88 -21.79
C ASN D 78 -36.48 28.82 -21.21
N GLU D 79 -36.37 28.83 -19.89
CA GLU D 79 -35.37 29.64 -19.19
C GLU D 79 -33.96 29.30 -19.67
N GLN D 80 -33.20 30.33 -20.03
CA GLN D 80 -31.86 30.17 -20.58
C GLN D 80 -30.90 29.50 -19.58
N VAL D 81 -29.96 28.73 -20.12
CA VAL D 81 -28.93 28.07 -19.33
C VAL D 81 -27.56 28.62 -19.70
N PRO D 82 -26.65 28.69 -18.71
CA PRO D 82 -25.31 29.25 -18.92
C PRO D 82 -24.45 28.39 -19.85
N MET D 83 -24.03 28.97 -20.97
CA MET D 83 -23.30 28.26 -22.00
C MET D 83 -21.98 27.65 -21.52
N GLU D 84 -21.49 28.10 -20.37
CA GLU D 84 -20.25 27.55 -19.86
C GLU D 84 -20.54 26.19 -19.22
N VAL D 85 -21.73 26.05 -18.64
CA VAL D 85 -22.09 24.75 -18.06
C VAL D 85 -22.22 23.70 -19.15
N ILE D 86 -22.84 24.09 -20.26
CA ILE D 86 -22.94 23.22 -21.43
C ILE D 86 -21.56 22.84 -21.92
N ASP D 87 -20.70 23.83 -22.04
CA ASP D 87 -19.32 23.61 -22.48
C ASP D 87 -18.62 22.59 -21.60
N ASN D 88 -18.78 22.70 -20.29
CA ASN D 88 -18.11 21.82 -19.33
C ASN D 88 -18.65 20.41 -19.35
N VAL D 89 -19.96 20.34 -19.51
CA VAL D 89 -20.69 19.10 -19.50
C VAL D 89 -20.31 18.25 -20.72
N ILE D 90 -20.10 18.91 -21.85
CA ILE D 90 -19.60 18.25 -23.05
C ILE D 90 -18.12 17.90 -22.99
N ARG D 91 -17.31 18.80 -22.42
CA ARG D 91 -15.91 18.49 -22.12
C ARG D 91 -15.85 17.15 -21.39
N THR D 92 -16.74 17.00 -20.43
CA THR D 92 -16.77 15.84 -19.57
C THR D 92 -17.05 14.57 -20.37
N ALA D 93 -18.00 14.67 -21.29
CA ALA D 93 -18.37 13.57 -22.15
C ALA D 93 -17.17 13.10 -22.98
N GLY D 94 -16.37 14.06 -23.39
CA GLY D 94 -15.19 13.77 -24.19
C GLY D 94 -14.04 13.11 -23.45
N THR D 95 -14.22 12.91 -22.14
CA THR D 95 -13.24 12.19 -21.32
C THR D 95 -13.54 10.70 -21.28
N ALA D 96 -14.65 10.31 -21.88
CA ALA D 96 -15.04 8.90 -21.93
C ALA D 96 -13.95 8.09 -22.59
N PRO D 97 -13.84 6.80 -22.22
CA PRO D 97 -12.95 5.94 -22.99
C PRO D 97 -13.45 5.75 -24.43
N SER D 98 -12.58 5.37 -25.35
CA SER D 98 -13.01 5.03 -26.70
C SER D 98 -12.06 3.98 -27.27
N GLY D 99 -12.57 3.09 -28.11
CA GLY D 99 -11.80 2.02 -28.70
C GLY D 99 -10.57 2.53 -29.46
N ALA D 100 -9.40 2.04 -29.07
CA ALA D 100 -8.14 2.48 -29.66
C ALA D 100 -7.98 4.00 -29.69
N HIS D 101 -8.53 4.67 -28.67
CA HIS D 101 -8.42 6.12 -28.55
C HIS D 101 -8.82 6.85 -29.82
N THR D 102 -10.07 6.66 -30.23
CA THR D 102 -10.56 7.26 -31.47
C THR D 102 -11.46 8.49 -31.22
N GLU D 103 -12.00 8.62 -30.01
CA GLU D 103 -12.89 9.74 -29.65
C GLU D 103 -13.95 10.02 -30.75
N PRO D 104 -14.70 8.99 -31.17
CA PRO D 104 -15.54 9.08 -32.38
C PRO D 104 -16.89 9.74 -32.18
N TRP D 105 -16.90 10.85 -31.46
CA TRP D 105 -18.14 11.52 -31.11
C TRP D 105 -18.13 12.99 -31.53
N THR D 106 -19.25 13.44 -32.10
CA THR D 106 -19.48 14.86 -32.34
C THR D 106 -20.74 15.28 -31.61
N PHE D 107 -20.60 16.25 -30.71
CA PHE D 107 -21.76 16.79 -30.02
C PHE D 107 -22.22 18.09 -30.66
N VAL D 108 -23.33 18.00 -31.38
CA VAL D 108 -23.92 19.17 -32.03
C VAL D 108 -24.87 19.87 -31.08
N VAL D 109 -24.52 21.10 -30.71
CA VAL D 109 -25.35 21.93 -29.83
C VAL D 109 -26.13 22.97 -30.61
N VAL D 110 -27.45 22.90 -30.50
CA VAL D 110 -28.31 23.81 -31.24
C VAL D 110 -29.00 24.80 -30.29
N LYS D 111 -28.77 26.10 -30.51
CA LYS D 111 -29.36 27.17 -29.69
C LYS D 111 -30.45 27.89 -30.47
N ASP D 112 -30.23 28.02 -31.77
CA ASP D 112 -31.08 28.82 -32.66
C ASP D 112 -32.51 28.30 -32.77
N PRO D 113 -33.48 29.14 -32.38
CA PRO D 113 -34.91 28.83 -32.42
C PRO D 113 -35.38 28.34 -33.79
N ASP D 114 -34.79 28.90 -34.84
CA ASP D 114 -35.18 28.57 -36.21
C ASP D 114 -34.82 27.14 -36.56
N VAL D 115 -33.59 26.76 -36.25
CA VAL D 115 -33.07 25.43 -36.51
C VAL D 115 -33.79 24.43 -35.62
N LYS D 116 -33.94 24.79 -34.35
CA LYS D 116 -34.63 23.93 -33.40
C LYS D 116 -36.03 23.55 -33.86
N HIS D 117 -36.78 24.50 -34.42
CA HIS D 117 -38.13 24.23 -34.90
C HIS D 117 -38.16 23.31 -36.13
N LYS D 118 -37.18 23.43 -37.03
CA LYS D 118 -37.12 22.56 -38.20
C LYS D 118 -36.86 21.12 -37.77
N ILE D 119 -36.13 20.97 -36.69
CA ILE D 119 -35.84 19.67 -36.09
C ILE D 119 -37.14 19.11 -35.56
N ARG D 120 -37.90 19.98 -34.89
CA ARG D 120 -39.21 19.58 -34.38
C ARG D 120 -40.11 19.09 -35.52
N LYS D 121 -40.15 19.83 -36.61
CA LYS D 121 -40.96 19.43 -37.76
C LYS D 121 -40.60 18.04 -38.23
N ILE D 122 -39.30 17.80 -38.37
CA ILE D 122 -38.79 16.54 -38.87
C ILE D 122 -39.16 15.39 -37.96
N ILE D 123 -38.86 15.58 -36.69
CA ILE D 123 -39.05 14.52 -35.71
C ILE D 123 -40.51 14.21 -35.52
N GLU D 124 -41.33 15.27 -35.42
CA GLU D 124 -42.76 15.03 -35.26
C GLU D 124 -43.37 14.36 -36.50
N GLU D 125 -42.95 14.79 -37.69
CA GLU D 125 -43.39 14.17 -38.92
C GLU D 125 -43.09 12.66 -38.92
N GLU D 126 -41.87 12.29 -38.57
CA GLU D 126 -41.46 10.88 -38.59
C GLU D 126 -42.01 10.03 -37.43
N GLU D 127 -42.06 10.60 -36.23
CA GLU D 127 -42.60 9.85 -35.10
C GLU D 127 -44.08 9.49 -35.30
N GLU D 128 -44.85 10.37 -35.96
CA GLU D 128 -46.25 10.05 -36.24
C GLU D 128 -46.33 8.77 -37.07
N ILE D 129 -45.60 8.70 -38.17
CA ILE D 129 -45.51 7.47 -38.96
C ILE D 129 -44.98 6.30 -38.11
N ASN D 130 -44.04 6.58 -37.20
CA ASN D 130 -43.49 5.54 -36.30
C ASN D 130 -44.57 4.94 -35.40
N TYR D 131 -45.36 5.81 -34.76
CA TYR D 131 -46.44 5.36 -33.87
C TYR D 131 -47.60 4.71 -34.66
N MET D 132 -47.98 5.30 -35.79
CA MET D 132 -49.14 4.83 -36.54
C MET D 132 -48.85 3.54 -37.31
N LYS D 133 -47.62 3.37 -37.76
CA LYS D 133 -47.30 2.21 -38.60
C LYS D 133 -45.99 1.50 -38.24
N ARG D 134 -44.88 2.22 -38.20
CA ARG D 134 -43.55 1.58 -38.24
C ARG D 134 -43.05 0.87 -36.98
N MET D 135 -43.40 1.35 -35.78
CA MET D 135 -42.89 0.69 -34.56
C MET D 135 -43.61 -0.65 -34.29
N GLY D 136 -44.90 -0.74 -34.64
CA GLY D 136 -45.63 -1.97 -34.42
C GLY D 136 -46.40 -1.97 -33.11
N HIS D 137 -47.42 -2.82 -33.03
CA HIS D 137 -48.34 -2.85 -31.89
C HIS D 137 -47.66 -3.03 -30.53
N ARG D 138 -46.80 -4.02 -30.43
CA ARG D 138 -46.19 -4.38 -29.14
C ARG D 138 -45.41 -3.19 -28.57
N TRP D 139 -44.63 -2.53 -29.42
CA TRP D 139 -43.81 -1.40 -29.01
C TRP D 139 -44.68 -0.25 -28.49
N VAL D 140 -45.71 0.11 -29.25
CA VAL D 140 -46.63 1.19 -28.86
C VAL D 140 -47.34 0.90 -27.54
N THR D 141 -47.72 -0.36 -27.33
CA THR D 141 -48.32 -0.77 -26.07
C THR D 141 -47.31 -0.61 -24.93
N ASP D 142 -46.07 -1.04 -25.20
CA ASP D 142 -44.99 -0.94 -24.21
C ASP D 142 -44.69 0.52 -23.85
N LEU D 143 -45.10 1.47 -24.70
CA LEU D 143 -44.88 2.87 -24.38
C LEU D 143 -46.05 3.54 -23.65
N LYS D 144 -47.17 2.84 -23.52
CA LYS D 144 -48.36 3.41 -22.88
C LYS D 144 -48.07 3.97 -21.49
N LYS D 145 -47.29 3.22 -20.70
CA LYS D 145 -46.92 3.66 -19.36
C LYS D 145 -46.16 5.01 -19.35
N LEU D 146 -45.59 5.40 -20.49
CA LEU D 146 -44.85 6.65 -20.56
C LEU D 146 -45.69 7.83 -21.08
N ARG D 147 -46.87 7.51 -21.63
CA ARG D 147 -47.79 8.53 -22.19
C ARG D 147 -47.12 9.41 -23.24
N THR D 148 -46.11 8.86 -23.90
CA THR D 148 -45.49 9.55 -25.00
C THR D 148 -46.33 9.39 -26.27
N ASN D 149 -46.23 10.39 -27.13
CA ASN D 149 -46.76 10.33 -28.48
C ASN D 149 -45.80 11.13 -29.34
N TRP D 150 -46.24 11.48 -30.54
CA TRP D 150 -45.38 12.17 -31.48
C TRP D 150 -45.28 13.69 -31.29
N ILE D 151 -45.94 14.24 -30.28
CA ILE D 151 -45.80 15.66 -30.03
C ILE D 151 -44.60 15.93 -29.14
N LYS D 152 -43.66 16.72 -29.64
CA LYS D 152 -42.42 16.97 -28.92
C LYS D 152 -42.18 18.46 -28.70
N GLU D 153 -42.93 19.02 -27.76
CA GLU D 153 -42.90 20.45 -27.52
C GLU D 153 -41.53 20.90 -26.97
N TYR D 154 -40.82 19.99 -26.29
CA TYR D 154 -39.51 20.31 -25.71
C TYR D 154 -38.46 20.66 -26.76
N LEU D 155 -38.67 20.21 -27.99
CA LEU D 155 -37.75 20.57 -29.06
C LEU D 155 -37.77 22.07 -29.35
N ASP D 156 -38.89 22.73 -29.02
CA ASP D 156 -38.96 24.19 -29.11
C ASP D 156 -38.67 24.85 -27.77
N THR D 157 -39.29 24.36 -26.69
CA THR D 157 -39.19 25.04 -25.41
C THR D 157 -37.79 25.01 -24.78
N ALA D 158 -37.11 23.87 -24.81
CA ALA D 158 -35.76 23.78 -24.24
C ALA D 158 -34.78 24.75 -24.91
N PRO D 159 -33.99 25.48 -24.10
CA PRO D 159 -33.03 26.44 -24.66
C PRO D 159 -32.01 25.79 -25.57
N ILE D 160 -31.68 24.54 -25.27
CA ILE D 160 -30.62 23.84 -25.96
C ILE D 160 -30.99 22.39 -26.33
N LEU D 161 -30.65 22.00 -27.55
CA LEU D 161 -30.69 20.61 -27.97
C LEU D 161 -29.26 20.08 -28.22
N ILE D 162 -28.91 18.96 -27.58
CA ILE D 162 -27.65 18.28 -27.87
C ILE D 162 -27.93 17.04 -28.72
N LEU D 163 -27.49 17.08 -29.97
CA LEU D 163 -27.59 15.91 -30.83
C LEU D 163 -26.26 15.19 -30.82
N ILE D 164 -26.25 13.94 -30.37
CA ILE D 164 -25.01 13.20 -30.33
C ILE D 164 -24.84 12.28 -31.52
N PHE D 165 -23.78 12.57 -32.30
CA PHE D 165 -23.47 11.82 -33.52
C PHE D 165 -22.27 10.92 -33.31
N LYS D 166 -22.41 9.67 -33.71
CA LYS D 166 -21.27 8.77 -33.74
C LYS D 166 -20.57 8.88 -35.10
N GLN D 167 -19.25 8.77 -35.07
CA GLN D 167 -18.45 8.68 -36.28
C GLN D 167 -18.15 7.23 -36.60
N VAL D 168 -18.83 6.68 -37.61
CA VAL D 168 -18.68 5.26 -37.92
C VAL D 168 -17.29 4.98 -38.50
N HIS D 169 -16.62 6.03 -38.98
CA HIS D 169 -15.17 6.01 -39.18
C HIS D 169 -14.68 7.45 -39.10
N GLY D 170 -13.37 7.66 -39.24
CA GLY D 170 -12.80 8.99 -39.23
C GLY D 170 -11.77 9.28 -40.34
N PHE D 171 -11.09 10.41 -40.23
CA PHE D 171 -10.05 10.75 -41.20
C PHE D 171 -8.77 11.29 -40.58
N ALA D 172 -7.63 10.81 -41.08
CA ALA D 172 -6.33 11.37 -40.74
C ALA D 172 -6.08 12.67 -41.49
N ALA D 173 -4.97 13.31 -41.20
CA ALA D 173 -4.60 14.55 -41.87
C ALA D 173 -4.31 14.33 -43.36
N ASN D 174 -3.72 13.19 -43.70
CA ASN D 174 -3.41 12.89 -45.09
C ASN D 174 -4.68 12.52 -45.90
N GLY D 175 -5.81 12.43 -45.20
CA GLY D 175 -7.09 12.14 -45.82
C GLY D 175 -7.51 10.69 -45.98
N LYS D 176 -6.74 9.76 -45.42
CA LYS D 176 -7.13 8.34 -45.45
C LYS D 176 -8.07 8.02 -44.28
N LYS D 177 -8.92 7.02 -44.47
CA LYS D 177 -9.90 6.62 -43.46
C LYS D 177 -9.20 5.94 -42.29
N LYS D 178 -9.47 6.39 -41.06
CA LYS D 178 -9.12 5.58 -39.89
C LYS D 178 -10.35 4.83 -39.38
N VAL D 179 -10.12 3.60 -38.93
CA VAL D 179 -11.16 2.75 -38.34
C VAL D 179 -11.51 3.19 -36.93
N HIS D 180 -12.81 3.24 -36.65
CA HIS D 180 -13.32 3.57 -35.33
C HIS D 180 -13.90 2.34 -34.62
N TYR D 181 -13.01 1.60 -33.97
CA TYR D 181 -13.34 0.40 -33.24
C TYR D 181 -14.43 0.66 -32.19
N TYR D 182 -15.49 -0.15 -32.28
CA TYR D 182 -16.61 -0.10 -31.37
C TYR D 182 -17.14 1.32 -31.18
N ASN D 183 -17.35 2.04 -32.28
CA ASN D 183 -17.71 3.44 -32.15
C ASN D 183 -19.05 3.62 -31.44
N GLU D 184 -20.04 2.77 -31.72
CA GLU D 184 -21.34 2.98 -31.11
C GLU D 184 -21.32 2.74 -29.60
N ILE D 185 -20.61 1.72 -29.14
CA ILE D 185 -20.52 1.50 -27.70
C ILE D 185 -19.81 2.68 -27.04
N SER D 186 -18.74 3.15 -27.69
CA SER D 186 -17.92 4.25 -27.23
C SER D 186 -18.73 5.54 -27.06
N VAL D 187 -19.50 5.91 -28.08
CA VAL D 187 -20.31 7.13 -28.02
C VAL D 187 -21.39 6.99 -26.96
N SER D 188 -22.01 5.81 -26.86
CA SER D 188 -23.02 5.53 -25.83
C SER D 188 -22.47 5.68 -24.43
N ILE D 189 -21.25 5.18 -24.21
CA ILE D 189 -20.57 5.34 -22.92
C ILE D 189 -20.40 6.83 -22.61
N ALA D 190 -19.98 7.61 -23.62
CA ALA D 190 -19.84 9.05 -23.47
C ALA D 190 -21.19 9.69 -23.12
N CYS D 191 -22.28 9.17 -23.70
CA CYS D 191 -23.58 9.70 -23.45
C CYS D 191 -24.00 9.44 -22.00
N GLY D 192 -23.70 8.25 -21.50
CA GLY D 192 -23.89 7.97 -20.08
C GLY D 192 -23.18 9.00 -19.21
N ILE D 193 -21.93 9.30 -19.57
CA ILE D 193 -21.14 10.26 -18.84
C ILE D 193 -21.73 11.67 -18.95
N LEU D 194 -22.21 12.03 -20.14
CA LEU D 194 -22.94 13.29 -20.34
C LEU D 194 -24.17 13.38 -19.42
N LEU D 195 -24.97 12.31 -19.37
CA LEU D 195 -26.18 12.28 -18.53
C LEU D 195 -25.80 12.50 -17.07
N ALA D 196 -24.72 11.86 -16.63
CA ALA D 196 -24.23 12.04 -15.25
C ALA D 196 -23.85 13.49 -15.03
N ALA D 197 -23.12 14.06 -15.97
CA ALA D 197 -22.69 15.45 -15.87
C ALA D 197 -23.87 16.41 -15.80
N LEU D 198 -24.88 16.17 -16.64
CA LEU D 198 -26.08 17.02 -16.62
C LEU D 198 -26.78 16.94 -15.28
N GLN D 199 -26.91 15.73 -14.75
CA GLN D 199 -27.52 15.58 -13.43
C GLN D 199 -26.72 16.30 -12.35
N ASN D 200 -25.39 16.18 -12.41
CA ASN D 200 -24.50 16.77 -11.42
C ASN D 200 -24.55 18.29 -11.44
N ALA D 201 -24.82 18.87 -12.59
CA ALA D 201 -24.88 20.31 -12.71
C ALA D 201 -26.33 20.81 -12.55
N GLY D 202 -27.21 19.89 -12.16
CA GLY D 202 -28.59 20.25 -11.90
C GLY D 202 -29.43 20.65 -13.09
N LEU D 203 -29.07 20.16 -14.28
CA LEU D 203 -29.91 20.30 -15.45
C LEU D 203 -30.68 18.97 -15.70
N VAL D 204 -31.72 19.01 -16.53
CA VAL D 204 -32.49 17.79 -16.82
C VAL D 204 -32.63 17.59 -18.32
N THR D 205 -32.98 16.36 -18.71
CA THR D 205 -33.13 16.00 -20.12
C THR D 205 -33.89 14.68 -20.24
N VAL D 206 -34.13 14.26 -21.47
CA VAL D 206 -34.55 12.90 -21.73
C VAL D 206 -33.70 12.32 -22.88
N THR D 207 -33.23 11.09 -22.69
CA THR D 207 -32.47 10.43 -23.75
C THR D 207 -33.40 9.99 -24.86
N THR D 208 -33.27 10.55 -26.06
CA THR D 208 -34.19 10.14 -27.13
C THR D 208 -33.50 9.58 -28.38
N THR D 209 -34.20 8.64 -29.00
CA THR D 209 -33.76 8.01 -30.24
C THR D 209 -34.86 8.16 -31.28
N PRO D 210 -34.84 9.27 -32.02
CA PRO D 210 -35.87 9.49 -33.04
C PRO D 210 -35.66 8.61 -34.28
N LEU D 211 -36.34 7.47 -34.32
CA LEU D 211 -36.30 6.53 -35.45
C LEU D 211 -36.48 7.22 -36.82
N ASN D 212 -35.63 6.86 -37.78
CA ASN D 212 -35.72 7.30 -39.17
C ASN D 212 -35.54 8.81 -39.38
N CYS D 213 -35.02 9.48 -38.36
CA CYS D 213 -34.79 10.92 -38.46
C CYS D 213 -33.35 11.29 -38.75
N GLY D 214 -32.45 10.31 -38.72
CA GLY D 214 -31.02 10.56 -38.81
C GLY D 214 -30.52 11.33 -40.03
N PRO D 215 -30.68 10.75 -41.22
CA PRO D 215 -30.25 11.39 -42.46
C PRO D 215 -30.79 12.82 -42.63
N ARG D 216 -32.08 13.01 -42.44
CA ARG D 216 -32.67 14.34 -42.58
C ARG D 216 -32.00 15.32 -41.62
N LEU D 217 -31.75 14.87 -40.41
CA LEU D 217 -31.19 15.74 -39.39
C LEU D 217 -29.71 15.99 -39.69
N ARG D 218 -29.06 14.99 -40.25
CA ARG D 218 -27.67 15.09 -40.67
C ARG D 218 -27.49 16.21 -41.71
N VAL D 219 -28.33 16.18 -42.75
CA VAL D 219 -28.30 17.18 -43.82
C VAL D 219 -28.66 18.58 -43.33
N LEU D 220 -29.72 18.67 -42.56
CA LEU D 220 -30.20 19.92 -42.01
C LEU D 220 -29.11 20.63 -41.19
N LEU D 221 -28.35 19.86 -40.43
CA LEU D 221 -27.35 20.42 -39.54
C LEU D 221 -25.96 20.44 -40.19
N GLY D 222 -25.89 20.08 -41.47
CA GLY D 222 -24.64 20.13 -42.23
C GLY D 222 -23.55 19.23 -41.69
N ARG D 223 -23.90 18.00 -41.36
CA ARG D 223 -22.92 17.07 -40.86
C ARG D 223 -22.46 16.09 -41.94
N PRO D 224 -21.18 15.71 -41.86
CA PRO D 224 -20.55 14.86 -42.88
C PRO D 224 -21.16 13.48 -42.89
N ALA D 225 -21.00 12.78 -44.01
CA ALA D 225 -21.65 11.50 -44.22
C ALA D 225 -21.19 10.42 -43.22
N HIS D 226 -19.98 10.55 -42.67
CA HIS D 226 -19.47 9.55 -41.73
C HIS D 226 -20.02 9.76 -40.30
N GLU D 227 -20.77 10.84 -40.10
CA GLU D 227 -21.46 11.05 -38.84
C GLU D 227 -22.91 10.55 -38.93
N LYS D 228 -23.33 9.80 -37.93
CA LYS D 228 -24.69 9.28 -37.86
C LYS D 228 -25.28 9.57 -36.49
N LEU D 229 -26.51 10.06 -36.47
CA LEU D 229 -27.15 10.42 -35.23
C LEU D 229 -27.40 9.19 -34.36
N LEU D 230 -26.98 9.24 -33.10
CA LEU D 230 -27.23 8.14 -32.17
C LEU D 230 -28.36 8.49 -31.22
N MET D 231 -28.37 9.70 -30.67
CA MET D 231 -29.48 10.15 -29.84
C MET D 231 -29.51 11.65 -29.68
N LEU D 232 -30.66 12.12 -29.18
CA LEU D 232 -30.91 13.54 -29.03
C LEU D 232 -31.38 13.86 -27.62
N LEU D 233 -30.72 14.82 -27.00
CA LEU D 233 -31.10 15.27 -25.66
C LEU D 233 -31.53 16.72 -25.65
N PRO D 234 -32.78 16.98 -25.30
CA PRO D 234 -33.18 18.36 -25.03
C PRO D 234 -32.66 18.75 -23.66
N VAL D 235 -32.04 19.93 -23.55
CA VAL D 235 -31.42 20.26 -22.26
C VAL D 235 -31.92 21.60 -21.71
N GLY D 236 -32.26 21.59 -20.43
CA GLY D 236 -32.63 22.81 -19.71
C GLY D 236 -33.07 22.54 -18.27
N TYR D 237 -33.78 23.49 -17.69
CA TYR D 237 -34.40 23.29 -16.38
C TYR D 237 -35.75 22.65 -16.65
N PRO D 238 -36.29 21.93 -15.66
CA PRO D 238 -37.65 21.37 -15.76
C PRO D 238 -38.70 22.47 -15.74
N SER D 239 -39.76 22.34 -16.54
CA SER D 239 -40.88 23.25 -16.45
C SER D 239 -41.60 23.02 -15.10
N LYS D 240 -42.39 24.00 -14.69
CA LYS D 240 -43.04 23.97 -13.38
C LYS D 240 -44.07 22.85 -13.24
N GLU D 241 -44.79 22.56 -14.32
CA GLU D 241 -45.82 21.53 -14.29
C GLU D 241 -45.27 20.18 -14.72
N ALA D 242 -43.95 20.03 -14.66
CA ALA D 242 -43.29 18.83 -15.15
C ALA D 242 -43.68 17.59 -14.36
N THR D 243 -43.94 16.51 -15.08
CA THR D 243 -44.19 15.23 -14.48
C THR D 243 -43.26 14.17 -15.04
N VAL D 244 -43.21 13.03 -14.35
CA VAL D 244 -42.55 11.84 -14.84
C VAL D 244 -43.42 10.63 -14.53
N PRO D 245 -43.25 9.54 -15.28
CA PRO D 245 -43.95 8.32 -14.89
C PRO D 245 -43.48 7.81 -13.54
N ASP D 246 -44.36 7.19 -12.76
CA ASP D 246 -43.98 6.65 -11.46
C ASP D 246 -43.36 5.27 -11.65
N LEU D 247 -42.13 5.27 -12.13
CA LEU D 247 -41.42 4.03 -12.41
C LEU D 247 -40.56 3.64 -11.23
N LYS D 248 -40.35 2.33 -11.07
CA LYS D 248 -39.51 1.81 -9.99
C LYS D 248 -38.31 1.12 -10.60
N ARG D 249 -37.12 1.35 -10.05
CA ARG D 249 -35.94 0.64 -10.51
C ARG D 249 -35.76 -0.67 -9.74
N LYS D 250 -35.22 -1.68 -10.41
CA LYS D 250 -34.94 -2.96 -9.78
C LYS D 250 -34.06 -2.80 -8.53
N PRO D 251 -34.30 -3.63 -7.52
CA PRO D 251 -33.43 -3.69 -6.35
C PRO D 251 -32.07 -4.25 -6.75
N LEU D 252 -31.01 -3.91 -6.01
CA LEU D 252 -29.64 -4.37 -6.32
C LEU D 252 -29.55 -5.87 -6.63
N ASP D 253 -30.20 -6.68 -5.81
CA ASP D 253 -30.07 -8.13 -5.98
C ASP D 253 -30.70 -8.66 -7.27
N GLN D 254 -31.26 -7.76 -8.07
CA GLN D 254 -31.84 -8.16 -9.35
C GLN D 254 -31.07 -7.63 -10.56
N ILE D 255 -30.06 -6.80 -10.32
CA ILE D 255 -29.17 -6.34 -11.37
C ILE D 255 -27.73 -6.76 -11.09
N MET D 256 -27.47 -7.28 -9.88
CA MET D 256 -26.11 -7.70 -9.51
C MET D 256 -26.03 -9.16 -9.04
N VAL D 257 -25.06 -9.89 -9.57
CA VAL D 257 -24.81 -11.29 -9.21
C VAL D 257 -23.36 -11.46 -8.77
N THR D 258 -23.14 -11.93 -7.54
CA THR D 258 -21.79 -12.16 -7.02
C THR D 258 -21.45 -13.63 -7.19
N VAL D 259 -20.21 -13.90 -7.61
CA VAL D 259 -19.82 -15.28 -7.92
C VAL D 259 -18.67 -15.79 -7.05
N HIS D 260 -18.83 -17.02 -6.55
CA HIS D 260 -17.81 -17.76 -5.80
C HIS D 260 -17.74 -19.23 -6.21
N VAL E 41 -22.18 -30.66 29.47
CA VAL E 41 -21.79 -29.53 28.62
C VAL E 41 -22.32 -29.67 27.18
N GLU E 42 -22.70 -28.56 26.57
CA GLU E 42 -23.36 -28.62 25.26
C GLU E 42 -22.39 -28.73 24.09
N HIS E 43 -22.88 -29.26 22.98
CA HIS E 43 -22.09 -29.37 21.76
C HIS E 43 -22.66 -28.46 20.69
N ILE E 44 -21.75 -27.77 20.00
CA ILE E 44 -22.10 -26.72 19.06
C ILE E 44 -21.46 -26.97 17.71
N PRO E 45 -21.99 -26.37 16.64
CA PRO E 45 -21.38 -26.55 15.32
C PRO E 45 -19.97 -25.97 15.26
N PHE E 46 -19.13 -26.56 14.41
CA PHE E 46 -17.75 -26.09 14.24
C PHE E 46 -17.63 -25.22 12.99
N SER E 47 -17.12 -24.01 13.19
CA SER E 47 -16.99 -23.00 12.14
C SER E 47 -15.57 -22.94 11.59
N HIS E 48 -15.44 -23.13 10.29
CA HIS E 48 -14.12 -23.24 9.68
C HIS E 48 -13.78 -22.11 8.69
N ASN E 49 -12.51 -21.69 8.69
CA ASN E 49 -11.98 -20.85 7.60
C ASN E 49 -11.51 -21.74 6.45
N HIS E 50 -12.24 -21.72 5.33
CA HIS E 50 -11.94 -22.58 4.18
C HIS E 50 -10.87 -21.98 3.28
N TYR E 51 -9.84 -22.76 2.96
CA TYR E 51 -8.80 -22.25 2.07
C TYR E 51 -8.82 -22.98 0.73
N PRO E 52 -8.61 -22.23 -0.38
CA PRO E 52 -8.35 -22.84 -1.69
C PRO E 52 -7.10 -23.71 -1.62
N GLU E 53 -7.10 -24.85 -2.31
CA GLU E 53 -5.94 -25.74 -2.35
C GLU E 53 -4.60 -25.01 -2.56
N LYS E 54 -4.60 -23.98 -3.40
CA LYS E 54 -3.37 -23.25 -3.72
C LYS E 54 -2.92 -22.36 -2.56
N GLU E 55 -3.89 -21.72 -1.91
CA GLU E 55 -3.59 -20.93 -0.71
C GLU E 55 -3.10 -21.86 0.42
N MET E 56 -3.62 -23.09 0.46
CA MET E 56 -3.20 -24.07 1.46
C MET E 56 -1.74 -24.45 1.25
N VAL E 57 -1.41 -24.78 0.01
CA VAL E 57 -0.04 -25.14 -0.33
C VAL E 57 0.96 -24.03 -0.03
N LYS E 58 0.58 -22.79 -0.30
CA LYS E 58 1.47 -21.65 -0.07
C LYS E 58 1.68 -21.42 1.43
N ARG E 59 0.60 -21.44 2.20
CA ARG E 59 0.67 -21.22 3.66
C ARG E 59 1.48 -22.32 4.35
N SER E 60 1.32 -23.55 3.88
CA SER E 60 2.01 -24.67 4.47
C SER E 60 3.49 -24.58 4.15
N GLN E 61 3.79 -24.09 2.94
CA GLN E 61 5.17 -23.92 2.49
C GLN E 61 5.86 -22.84 3.30
N GLU E 62 5.18 -21.72 3.50
CA GLU E 62 5.73 -20.60 4.24
C GLU E 62 6.05 -20.98 5.68
N PHE E 63 5.10 -21.67 6.30
CA PHE E 63 5.21 -22.05 7.70
C PHE E 63 6.41 -22.98 7.93
N TYR E 64 6.60 -23.94 7.03
CA TYR E 64 7.77 -24.82 7.10
C TYR E 64 9.07 -24.04 7.04
N GLU E 65 9.18 -23.14 6.07
CA GLU E 65 10.39 -22.34 5.88
C GLU E 65 10.64 -21.45 7.10
N LEU E 66 9.56 -20.95 7.69
CA LEU E 66 9.70 -20.17 8.91
C LEU E 66 10.25 -21.02 10.05
N LEU E 67 9.64 -22.18 10.29
CA LEU E 67 10.00 -22.99 11.45
C LEU E 67 11.34 -23.70 11.23
N ASN E 68 11.67 -23.99 9.98
CA ASN E 68 12.96 -24.60 9.68
C ASN E 68 14.14 -23.69 10.01
N LYS E 69 13.89 -22.38 10.12
CA LYS E 69 14.94 -21.44 10.51
C LYS E 69 15.17 -21.45 12.02
N ARG E 70 14.24 -22.05 12.76
CA ARG E 70 14.36 -22.13 14.22
C ARG E 70 15.53 -23.01 14.63
N ARG E 71 16.41 -22.47 15.46
CA ARG E 71 17.51 -23.22 16.01
C ARG E 71 17.57 -22.96 17.50
N SER E 72 18.03 -23.94 18.26
CA SER E 72 18.24 -23.75 19.69
C SER E 72 19.43 -22.81 19.86
N VAL E 73 19.18 -21.67 20.50
CA VAL E 73 20.21 -20.65 20.66
C VAL E 73 20.58 -20.54 22.14
N ARG E 74 21.83 -20.86 22.47
CA ARG E 74 22.25 -20.93 23.86
C ARG E 74 23.01 -19.68 24.30
N PHE E 75 22.91 -18.63 23.49
CA PHE E 75 23.61 -17.38 23.75
C PHE E 75 22.66 -16.22 23.53
N ILE E 76 22.20 -15.63 24.62
CA ILE E 76 21.05 -14.71 24.57
C ILE E 76 21.36 -13.34 25.14
N SER E 77 21.10 -12.32 24.34
CA SER E 77 21.24 -10.93 24.73
C SER E 77 20.42 -10.54 25.96
N ASN E 78 20.84 -9.47 26.62
CA ASN E 78 20.13 -8.98 27.81
C ASN E 78 19.09 -7.90 27.46
N GLU E 79 18.98 -7.61 26.17
CA GLU E 79 17.97 -6.66 25.69
C GLU E 79 16.56 -7.14 26.07
N GLN E 80 15.77 -6.26 26.69
CA GLN E 80 14.42 -6.60 27.13
C GLN E 80 13.52 -6.92 25.94
N VAL E 81 12.54 -7.79 26.20
CA VAL E 81 11.53 -8.15 25.22
C VAL E 81 10.19 -7.63 25.73
N PRO E 82 9.30 -7.26 24.80
CA PRO E 82 7.98 -6.70 25.17
C PRO E 82 7.11 -7.74 25.85
N MET E 83 6.71 -7.44 27.09
CA MET E 83 5.98 -8.40 27.92
C MET E 83 4.65 -8.86 27.31
N GLU E 84 4.17 -8.17 26.29
CA GLU E 84 2.93 -8.58 25.65
C GLU E 84 3.18 -9.74 24.69
N VAL E 85 4.36 -9.76 24.08
CA VAL E 85 4.70 -10.85 23.18
C VAL E 85 4.79 -12.15 23.98
N ILE E 86 5.40 -12.07 25.16
CA ILE E 86 5.46 -13.21 26.08
C ILE E 86 4.05 -13.67 26.50
N ASP E 87 3.21 -12.72 26.87
CA ASP E 87 1.84 -13.02 27.24
C ASP E 87 1.13 -13.76 26.10
N ASN E 88 1.32 -13.27 24.87
CA ASN E 88 0.64 -13.83 23.70
C ASN E 88 1.13 -15.21 23.38
N VAL E 89 2.43 -15.34 23.53
CA VAL E 89 3.12 -16.55 23.24
C VAL E 89 2.71 -17.68 24.21
N ILE E 90 2.49 -17.34 25.48
CA ILE E 90 1.98 -18.29 26.43
C ILE E 90 0.48 -18.58 26.23
N ARG E 91 -0.30 -17.53 25.94
CA ARG E 91 -1.71 -17.69 25.54
C ARG E 91 -1.85 -18.74 24.46
N THR E 92 -0.96 -18.67 23.47
CA THR E 92 -0.99 -19.59 22.35
C THR E 92 -0.71 -21.04 22.80
N ALA E 93 0.28 -21.18 23.68
CA ALA E 93 0.64 -22.48 24.21
C ALA E 93 -0.55 -23.11 24.90
N GLY E 94 -1.33 -22.27 25.59
CA GLY E 94 -2.51 -22.72 26.33
C GLY E 94 -3.69 -23.10 25.44
N THR E 95 -3.51 -22.94 24.12
CA THR E 95 -4.55 -23.37 23.17
C THR E 95 -4.34 -24.83 22.75
N ALA E 96 -3.26 -25.43 23.23
CA ALA E 96 -2.96 -26.83 22.92
C ALA E 96 -4.09 -27.78 23.38
N PRO E 97 -4.24 -28.90 22.68
CA PRO E 97 -5.11 -29.94 23.22
C PRO E 97 -4.53 -30.53 24.52
N SER E 98 -5.37 -31.14 25.34
CA SER E 98 -4.92 -31.82 26.55
C SER E 98 -5.88 -32.98 26.83
N GLY E 99 -5.37 -34.06 27.40
CA GLY E 99 -6.16 -35.24 27.70
C GLY E 99 -7.39 -34.94 28.54
N ALA E 100 -8.56 -35.34 28.04
CA ALA E 100 -9.85 -35.10 28.68
C ALA E 100 -10.04 -33.64 29.12
N HIS E 101 -9.47 -32.72 28.34
CA HIS E 101 -9.58 -31.27 28.57
C HIS E 101 -9.25 -30.86 30.00
N THR E 102 -8.00 -31.11 30.36
CA THR E 102 -7.49 -30.87 31.71
C THR E 102 -6.56 -29.68 31.84
N GLU E 103 -6.02 -29.22 30.71
CA GLU E 103 -5.08 -28.10 30.65
C GLU E 103 -4.02 -28.13 31.75
N PRO E 104 -3.26 -29.22 31.86
CA PRO E 104 -2.42 -29.46 33.04
C PRO E 104 -1.10 -28.71 33.00
N TRP E 105 -1.11 -27.44 32.64
CA TRP E 105 0.12 -26.70 32.46
C TRP E 105 0.16 -25.41 33.28
N THR E 106 1.32 -25.17 33.89
CA THR E 106 1.68 -23.92 34.53
C THR E 106 2.94 -23.37 33.88
N PHE E 107 2.84 -22.19 33.30
CA PHE E 107 4.01 -21.52 32.74
C PHE E 107 4.48 -20.46 33.74
N VAL E 108 5.57 -20.75 34.41
CA VAL E 108 6.17 -19.84 35.36
C VAL E 108 7.16 -18.91 34.66
N VAL E 109 6.86 -17.62 34.66
CA VAL E 109 7.73 -16.63 34.03
C VAL E 109 8.57 -15.83 35.02
N VAL E 110 9.87 -15.89 34.87
CA VAL E 110 10.78 -15.20 35.78
C VAL E 110 11.52 -14.05 35.10
N LYS E 111 11.31 -12.84 35.62
CA LYS E 111 11.92 -11.63 35.10
C LYS E 111 13.03 -11.16 36.05
N ASP E 112 12.82 -11.37 37.35
CA ASP E 112 13.70 -10.83 38.39
C ASP E 112 15.12 -11.36 38.36
N PRO E 113 16.09 -10.45 38.17
CA PRO E 113 17.52 -10.80 38.12
C PRO E 113 17.96 -11.59 39.34
N ASP E 114 17.38 -11.28 40.49
CA ASP E 114 17.73 -11.96 41.74
C ASP E 114 17.30 -13.41 41.74
N VAL E 115 16.06 -13.65 41.36
CA VAL E 115 15.53 -15.01 41.31
C VAL E 115 16.27 -15.79 40.23
N LYS E 116 16.48 -15.15 39.08
CA LYS E 116 17.16 -15.79 37.96
C LYS E 116 18.53 -16.30 38.37
N HIS E 117 19.24 -15.50 39.16
CA HIS E 117 20.59 -15.86 39.58
C HIS E 117 20.58 -17.07 40.53
N LYS E 118 19.58 -17.13 41.42
CA LYS E 118 19.44 -18.28 42.31
C LYS E 118 19.11 -19.53 41.50
N ILE E 119 18.39 -19.32 40.40
CA ILE E 119 18.07 -20.42 39.50
C ILE E 119 19.37 -20.90 38.85
N ARG E 120 20.20 -19.95 38.40
CA ARG E 120 21.48 -20.29 37.79
C ARG E 120 22.41 -21.07 38.73
N LYS E 121 22.51 -20.61 39.97
CA LYS E 121 23.33 -21.31 40.95
C LYS E 121 22.84 -22.75 41.06
N ILE E 122 21.53 -22.93 41.16
CA ILE E 122 20.95 -24.27 41.33
C ILE E 122 21.28 -25.16 40.14
N ILE E 123 21.00 -24.67 38.95
CA ILE E 123 21.19 -25.48 37.75
C ILE E 123 22.66 -25.78 37.48
N GLU E 124 23.55 -24.79 37.62
CA GLU E 124 24.97 -25.03 37.38
C GLU E 124 25.59 -26.02 38.36
N GLU E 125 25.16 -25.95 39.62
CA GLU E 125 25.58 -26.89 40.63
C GLU E 125 25.22 -28.32 40.25
N GLU E 126 23.97 -28.53 39.87
CA GLU E 126 23.52 -29.88 39.54
C GLU E 126 24.05 -30.35 38.20
N GLU E 127 24.09 -29.45 37.21
CA GLU E 127 24.60 -29.83 35.90
C GLU E 127 26.08 -30.26 35.99
N GLU E 128 26.88 -29.58 36.82
CA GLU E 128 28.28 -29.96 37.00
C GLU E 128 28.36 -31.43 37.46
N ILE E 129 27.64 -31.76 38.51
CA ILE E 129 27.52 -33.15 38.95
C ILE E 129 26.95 -34.06 37.85
N ASN E 130 26.03 -33.54 37.03
CA ASN E 130 25.49 -34.34 35.92
C ASN E 130 26.56 -34.73 34.90
N TYR E 131 27.36 -33.76 34.48
CA TYR E 131 28.43 -33.99 33.53
C TYR E 131 29.56 -34.85 34.09
N MET E 132 29.97 -34.58 35.33
CA MET E 132 31.12 -35.26 35.92
C MET E 132 30.77 -36.70 36.35
N LYS E 133 29.54 -36.93 36.79
CA LYS E 133 29.19 -38.23 37.33
C LYS E 133 27.85 -38.85 36.87
N ARG E 134 26.74 -38.11 36.98
CA ARG E 134 25.41 -38.74 36.87
C ARG E 134 24.91 -39.07 35.44
N MET E 135 25.25 -38.30 34.43
CA MET E 135 24.73 -38.63 33.10
C MET E 135 25.41 -39.84 32.46
N GLY E 136 26.71 -40.03 32.75
CA GLY E 136 27.45 -41.15 32.20
C GLY E 136 28.25 -40.88 30.92
N HIS E 137 29.24 -41.74 30.66
CA HIS E 137 30.19 -41.55 29.57
C HIS E 137 29.54 -41.36 28.22
N ARG E 138 28.62 -42.27 27.88
CA ARG E 138 27.99 -42.26 26.57
C ARG E 138 27.21 -40.98 26.34
N TRP E 139 26.42 -40.58 27.35
CA TRP E 139 25.60 -39.38 27.22
C TRP E 139 26.50 -38.14 26.99
N VAL E 140 27.55 -37.99 27.79
CA VAL E 140 28.47 -36.86 27.65
C VAL E 140 29.16 -36.83 26.29
N THR E 141 29.56 -38.00 25.81
CA THR E 141 30.15 -38.12 24.48
C THR E 141 29.18 -37.67 23.42
N ASP E 142 27.94 -38.09 23.58
CA ASP E 142 26.88 -37.74 22.64
C ASP E 142 26.59 -36.26 22.66
N LEU E 143 26.99 -35.58 23.73
CA LEU E 143 26.76 -34.12 23.82
C LEU E 143 27.94 -33.28 23.28
N LYS E 144 29.06 -33.93 22.98
CA LYS E 144 30.27 -33.24 22.50
C LYS E 144 30.01 -32.33 21.30
N LYS E 145 29.25 -32.82 20.33
CA LYS E 145 28.93 -32.04 19.13
C LYS E 145 28.22 -30.73 19.41
N LEU E 146 27.59 -30.63 20.60
CA LEU E 146 26.86 -29.44 20.98
C LEU E 146 27.71 -28.47 21.82
N ARG E 147 28.84 -28.97 22.31
CA ARG E 147 29.79 -28.19 23.11
C ARG E 147 29.15 -27.54 24.35
N THR E 148 28.09 -28.15 24.86
CA THR E 148 27.46 -27.70 26.07
C THR E 148 28.23 -28.20 27.28
N ASN E 149 28.16 -27.44 28.37
CA ASN E 149 28.64 -27.89 29.67
C ASN E 149 27.74 -27.29 30.74
N TRP E 150 28.16 -27.34 31.99
CA TRP E 150 27.32 -26.91 33.10
C TRP E 150 27.35 -25.42 33.32
N ILE E 151 28.06 -24.67 32.47
CA ILE E 151 28.02 -23.21 32.56
C ILE E 151 26.85 -22.68 31.73
N LYS E 152 25.90 -22.03 32.39
CA LYS E 152 24.67 -21.57 31.73
C LYS E 152 24.45 -20.07 31.88
N GLU E 153 25.22 -19.30 31.11
CA GLU E 153 25.22 -17.85 31.24
C GLU E 153 23.87 -17.24 30.90
N TYR E 154 23.13 -17.91 30.01
CA TYR E 154 21.85 -17.37 29.57
C TYR E 154 20.84 -17.26 30.73
N LEU E 155 21.05 -18.02 31.80
CA LEU E 155 20.18 -17.94 32.98
C LEU E 155 20.26 -16.55 33.64
N ASP E 156 21.37 -15.86 33.44
CA ASP E 156 21.50 -14.48 33.91
C ASP E 156 21.19 -13.50 32.78
N THR E 157 21.80 -13.71 31.62
CA THR E 157 21.69 -12.72 30.55
C THR E 157 20.29 -12.59 29.95
N ALA E 158 19.59 -13.71 29.72
CA ALA E 158 18.25 -13.66 29.12
C ALA E 158 17.29 -12.85 29.97
N PRO E 159 16.52 -11.96 29.34
CA PRO E 159 15.56 -11.13 30.09
C PRO E 159 14.51 -11.95 30.81
N ILE E 160 14.17 -13.09 30.21
CA ILE E 160 13.07 -13.92 30.69
C ILE E 160 13.40 -15.40 30.68
N LEU E 161 13.03 -16.08 31.77
CA LEU E 161 13.07 -17.52 31.82
C LEU E 161 11.64 -18.06 31.91
N ILE E 162 11.25 -18.95 31.00
CA ILE E 162 9.97 -19.63 31.18
C ILE E 162 10.17 -21.06 31.65
N LEU E 163 9.73 -21.36 32.86
CA LEU E 163 9.76 -22.71 33.38
C LEU E 163 8.38 -23.37 33.20
N ILE E 164 8.34 -24.46 32.44
CA ILE E 164 7.08 -25.12 32.18
C ILE E 164 6.90 -26.31 33.11
N PHE E 165 5.85 -26.23 33.94
CA PHE E 165 5.55 -27.27 34.92
C PHE E 165 4.36 -28.07 34.45
N LYS E 166 4.47 -29.39 34.51
CA LYS E 166 3.31 -30.22 34.27
C LYS E 166 2.60 -30.43 35.61
N GLN E 167 1.26 -30.41 35.57
CA GLN E 167 0.47 -30.74 36.75
C GLN E 167 0.14 -32.22 36.71
N VAL E 168 0.80 -33.02 37.54
CA VAL E 168 0.64 -34.49 37.49
C VAL E 168 -0.76 -34.94 37.95
N HIS E 169 -1.43 -34.10 38.73
CA HIS E 169 -2.88 -34.18 38.91
C HIS E 169 -3.32 -32.78 39.25
N GLY E 170 -4.63 -32.58 39.41
CA GLY E 170 -5.18 -31.29 39.74
C GLY E 170 -6.18 -31.32 40.88
N PHE E 171 -6.88 -30.21 41.08
CA PHE E 171 -7.89 -30.14 42.14
C PHE E 171 -9.19 -29.50 41.66
N ALA E 172 -10.30 -30.12 42.03
CA ALA E 172 -11.61 -29.52 41.79
C ALA E 172 -11.88 -28.38 42.76
N ALA E 173 -13.02 -27.73 42.57
CA ALA E 173 -13.38 -26.62 43.44
C ALA E 173 -13.61 -27.12 44.86
N ASN E 174 -14.18 -28.31 44.96
CA ASN E 174 -14.49 -28.93 46.26
C ASN E 174 -13.26 -29.51 46.95
N GLY E 175 -12.11 -29.45 46.26
CA GLY E 175 -10.84 -29.91 46.81
C GLY E 175 -10.50 -31.37 46.59
N LYS E 176 -11.31 -32.08 45.82
CA LYS E 176 -10.97 -33.45 45.46
C LYS E 176 -10.00 -33.45 44.27
N LYS E 177 -9.18 -34.48 44.17
CA LYS E 177 -8.21 -34.58 43.09
C LYS E 177 -8.91 -34.91 41.77
N LYS E 178 -8.61 -34.17 40.70
CA LYS E 178 -8.96 -34.64 39.35
C LYS E 178 -7.74 -35.23 38.65
N VAL E 179 -7.96 -36.32 37.91
CA VAL E 179 -6.91 -36.99 37.14
C VAL E 179 -6.50 -36.18 35.90
N HIS E 180 -5.20 -36.08 35.66
CA HIS E 180 -4.69 -35.40 34.47
C HIS E 180 -4.13 -36.42 33.48
N TYR E 181 -5.03 -36.97 32.68
CA TYR E 181 -4.68 -37.95 31.66
C TYR E 181 -3.60 -37.44 30.71
N TYR E 182 -2.54 -38.23 30.59
CA TYR E 182 -1.41 -37.95 29.71
C TYR E 182 -0.88 -36.54 29.90
N ASN E 183 -0.67 -36.15 31.14
CA ASN E 183 -0.28 -34.77 31.38
C ASN E 183 1.09 -34.44 30.77
N GLU E 184 2.04 -35.36 30.84
CA GLU E 184 3.34 -35.03 30.32
C GLU E 184 3.29 -34.87 28.80
N ILE E 185 2.55 -35.73 28.11
CA ILE E 185 2.44 -35.56 26.67
C ILE E 185 1.71 -34.26 26.37
N SER E 186 0.66 -33.99 27.12
CA SER E 186 -0.13 -32.79 26.91
C SER E 186 0.71 -31.54 27.03
N VAL E 187 1.49 -31.44 28.11
CA VAL E 187 2.32 -30.26 28.32
C VAL E 187 3.38 -30.15 27.22
N SER E 188 3.96 -31.29 26.85
CA SER E 188 4.96 -31.30 25.80
C SER E 188 4.40 -30.80 24.46
N ILE E 189 3.18 -31.21 24.14
CA ILE E 189 2.53 -30.73 22.94
C ILE E 189 2.40 -29.21 23.00
N ALA E 190 1.96 -28.70 24.14
CA ALA E 190 1.84 -27.27 24.36
C ALA E 190 3.19 -26.60 24.23
N CYS E 191 4.23 -27.27 24.72
CA CYS E 191 5.56 -26.71 24.61
C CYS E 191 6.03 -26.62 23.14
N GLY E 192 5.72 -27.64 22.34
CA GLY E 192 5.93 -27.57 20.90
C GLY E 192 5.23 -26.35 20.29
N ILE E 193 4.00 -26.11 20.71
CA ILE E 193 3.26 -24.96 20.24
C ILE E 193 3.89 -23.65 20.73
N LEU E 194 4.35 -23.64 21.96
CA LEU E 194 5.09 -22.49 22.47
C LEU E 194 6.32 -22.14 21.63
N LEU E 195 7.11 -23.16 21.29
CA LEU E 195 8.33 -22.98 20.49
C LEU E 195 8.02 -22.35 19.14
N ALA E 196 6.94 -22.83 18.52
CA ALA E 196 6.48 -22.32 17.24
C ALA E 196 6.12 -20.85 17.39
N ALA E 197 5.37 -20.54 18.43
CA ALA E 197 4.90 -19.17 18.68
C ALA E 197 6.09 -18.21 18.87
N LEU E 198 7.10 -18.65 19.61
CA LEU E 198 8.31 -17.85 19.78
C LEU E 198 9.04 -17.64 18.45
N GLN E 199 9.16 -18.68 17.64
CA GLN E 199 9.83 -18.54 16.35
C GLN E 199 9.13 -17.53 15.46
N ASN E 200 7.81 -17.60 15.48
CA ASN E 200 6.93 -16.75 14.68
C ASN E 200 6.99 -15.30 15.16
N ALA E 201 7.32 -15.11 16.44
CA ALA E 201 7.42 -13.79 17.01
C ALA E 201 8.88 -13.28 16.99
N GLY E 202 9.75 -14.04 16.32
CA GLY E 202 11.16 -13.67 16.16
C GLY E 202 12.02 -13.69 17.41
N LEU E 203 11.59 -14.46 18.40
CA LEU E 203 12.39 -14.69 19.60
C LEU E 203 13.11 -16.02 19.48
N VAL E 204 14.11 -16.21 20.33
CA VAL E 204 14.88 -17.43 20.31
C VAL E 204 14.94 -18.03 21.69
N THR E 205 15.30 -19.31 21.72
CA THR E 205 15.38 -20.02 22.97
C THR E 205 16.13 -21.32 22.75
N VAL E 206 16.36 -22.02 23.85
CA VAL E 206 16.74 -23.42 23.78
C VAL E 206 15.87 -24.20 24.76
N THR E 207 15.33 -25.33 24.31
CA THR E 207 14.58 -26.22 25.19
C THR E 207 15.56 -26.94 26.11
N THR E 208 15.51 -26.72 27.42
CA THR E 208 16.44 -27.42 28.30
C THR E 208 15.73 -28.28 29.34
N THR E 209 16.39 -29.36 29.72
CA THR E 209 15.88 -30.27 30.72
C THR E 209 16.96 -30.41 31.77
N PRO E 210 16.95 -29.53 32.77
CA PRO E 210 17.97 -29.58 33.83
C PRO E 210 17.78 -30.74 34.82
N LEU E 211 18.49 -31.84 34.57
CA LEU E 211 18.45 -33.04 35.44
C LEU E 211 18.64 -32.74 36.92
N ASN E 212 17.71 -33.30 37.71
CA ASN E 212 17.73 -33.24 39.18
C ASN E 212 17.52 -31.85 39.74
N CYS E 213 17.04 -30.93 38.91
CA CYS E 213 16.82 -29.58 39.38
C CYS E 213 15.38 -29.28 39.78
N GLY E 214 14.48 -30.23 39.51
CA GLY E 214 13.06 -30.00 39.66
C GLY E 214 12.63 -29.59 41.05
N PRO E 215 12.83 -30.48 42.05
CA PRO E 215 12.41 -30.17 43.42
C PRO E 215 12.95 -28.85 43.95
N ARG E 216 14.25 -28.62 43.84
CA ARG E 216 14.82 -27.36 44.31
C ARG E 216 14.15 -26.16 43.65
N LEU E 217 13.93 -26.24 42.34
CA LEU E 217 13.37 -25.11 41.60
C LEU E 217 11.88 -24.91 41.92
N ARG E 218 11.18 -26.01 42.17
CA ARG E 218 9.78 -25.95 42.59
C ARG E 218 9.63 -25.18 43.90
N VAL E 219 10.44 -25.55 44.90
CA VAL E 219 10.45 -24.89 46.20
C VAL E 219 10.84 -23.42 46.13
N LEU E 220 11.90 -23.13 45.38
CA LEU E 220 12.38 -21.77 45.21
C LEU E 220 11.29 -20.83 44.64
N LEU E 221 10.53 -21.33 43.66
CA LEU E 221 9.56 -20.49 42.97
C LEU E 221 8.17 -20.61 43.59
N GLY E 222 8.08 -21.32 44.71
CA GLY E 222 6.83 -21.47 45.45
C GLY E 222 5.72 -22.15 44.70
N ARG E 223 6.04 -23.25 44.02
CA ARG E 223 5.04 -24.00 43.28
C ARG E 223 4.56 -25.20 44.07
N PRO E 224 3.27 -25.53 43.90
CA PRO E 224 2.68 -26.62 44.69
C PRO E 224 3.27 -27.95 44.28
N ALA E 225 3.20 -28.94 45.15
CA ALA E 225 3.85 -30.23 44.94
C ALA E 225 3.31 -31.02 43.74
N HIS E 226 2.08 -30.73 43.32
CA HIS E 226 1.52 -31.47 42.20
C HIS E 226 2.08 -30.93 40.86
N GLU E 227 2.88 -29.86 40.95
CA GLU E 227 3.61 -29.35 39.79
C GLU E 227 5.05 -29.89 39.75
N LYS E 228 5.47 -30.33 38.57
CA LYS E 228 6.82 -30.85 38.39
C LYS E 228 7.41 -30.20 37.14
N LEU E 229 8.65 -29.71 37.26
CA LEU E 229 9.29 -29.02 36.16
C LEU E 229 9.52 -29.97 34.99
N LEU E 230 9.06 -29.58 33.81
CA LEU E 230 9.27 -30.44 32.64
C LEU E 230 10.41 -29.86 31.84
N MET E 231 10.42 -28.55 31.66
CA MET E 231 11.56 -27.90 31.03
C MET E 231 11.66 -26.40 31.25
N LEU E 232 12.81 -25.87 30.86
CA LEU E 232 13.14 -24.49 31.06
C LEU E 232 13.57 -23.87 29.75
N LEU E 233 12.94 -22.75 29.39
CA LEU E 233 13.33 -22.02 28.19
C LEU E 233 13.78 -20.61 28.54
N PRO E 234 15.06 -20.31 28.29
CA PRO E 234 15.50 -18.92 28.38
C PRO E 234 14.98 -18.18 27.15
N VAL E 235 14.41 -17.00 27.31
CA VAL E 235 13.83 -16.33 26.15
C VAL E 235 14.40 -14.92 25.96
N GLY E 236 14.79 -14.61 24.73
CA GLY E 236 15.26 -13.28 24.37
C GLY E 236 15.75 -13.19 22.94
N TYR E 237 16.52 -12.15 22.65
CA TYR E 237 17.14 -12.03 21.34
C TYR E 237 18.50 -12.74 21.36
N PRO E 238 18.98 -13.21 20.18
CA PRO E 238 20.33 -13.79 20.16
C PRO E 238 21.41 -12.73 20.41
N SER E 239 22.43 -13.05 21.19
CA SER E 239 23.55 -12.12 21.35
C SER E 239 24.29 -12.01 20.02
N LYS E 240 25.09 -10.96 19.85
CA LYS E 240 25.69 -10.69 18.55
C LYS E 240 26.62 -11.81 18.12
N GLU E 241 27.34 -12.37 19.08
CA GLU E 241 28.33 -13.42 18.81
C GLU E 241 27.76 -14.84 18.88
N ALA E 242 26.43 -14.94 18.72
CA ALA E 242 25.74 -16.22 18.86
C ALA E 242 26.16 -17.24 17.79
N THR E 243 26.36 -18.48 18.23
CA THR E 243 26.61 -19.54 17.29
C THR E 243 25.62 -20.70 17.50
N VAL E 244 25.54 -21.59 16.52
CA VAL E 244 24.81 -22.84 16.66
C VAL E 244 25.70 -23.95 16.12
N PRO E 245 25.45 -25.21 16.55
CA PRO E 245 26.16 -26.30 15.88
C PRO E 245 25.69 -26.42 14.43
N ASP E 246 26.57 -26.85 13.54
CA ASP E 246 26.19 -27.00 12.14
C ASP E 246 25.51 -28.35 11.93
N LEU E 247 24.27 -28.48 12.42
CA LEU E 247 23.54 -29.72 12.33
C LEU E 247 22.60 -29.74 11.14
N LYS E 248 22.38 -30.93 10.61
CA LYS E 248 21.51 -31.13 9.46
C LYS E 248 20.26 -31.91 9.87
N ARG E 249 19.11 -31.50 9.35
CA ARG E 249 17.90 -32.27 9.60
C ARG E 249 17.72 -33.35 8.55
N LYS E 250 17.15 -34.46 8.98
CA LYS E 250 16.82 -35.59 8.10
C LYS E 250 15.99 -35.13 6.91
N PRO E 251 16.21 -35.77 5.75
CA PRO E 251 15.33 -35.55 4.60
C PRO E 251 13.94 -36.15 4.85
N LEU E 252 12.91 -35.57 4.23
CA LEU E 252 11.53 -36.04 4.42
C LEU E 252 11.36 -37.55 4.34
N ASP E 253 11.99 -38.19 3.35
CA ASP E 253 11.83 -39.64 3.16
C ASP E 253 12.45 -40.44 4.31
N GLN E 254 13.04 -39.76 5.29
CA GLN E 254 13.62 -40.46 6.43
C GLN E 254 12.86 -40.23 7.73
N ILE E 255 11.82 -39.39 7.66
CA ILE E 255 10.92 -39.21 8.79
C ILE E 255 9.46 -39.53 8.43
N MET E 256 9.19 -39.74 7.14
CA MET E 256 7.83 -39.97 6.66
C MET E 256 7.75 -41.29 5.90
N VAL E 257 6.72 -42.07 6.22
CA VAL E 257 6.51 -43.34 5.55
C VAL E 257 5.08 -43.37 5.01
N THR E 258 4.91 -43.52 3.70
CA THR E 258 3.56 -43.59 3.13
C THR E 258 3.14 -45.03 2.88
N VAL E 259 1.90 -45.35 3.21
CA VAL E 259 1.46 -46.75 3.14
C VAL E 259 0.30 -46.99 2.18
N HIS E 260 0.42 -48.08 1.41
CA HIS E 260 -0.65 -48.56 0.52
C HIS E 260 -0.75 -50.09 0.56
N VAL F 41 31.71 -32.03 14.72
CA VAL F 41 30.95 -31.06 13.94
C VAL F 41 31.25 -29.59 14.32
N GLU F 42 31.23 -28.73 13.31
CA GLU F 42 31.60 -27.32 13.44
C GLU F 42 30.46 -26.44 13.93
N HIS F 43 30.80 -25.27 14.48
CA HIS F 43 29.82 -24.27 14.90
C HIS F 43 29.88 -23.01 14.05
N ILE F 44 28.72 -22.46 13.71
CA ILE F 44 28.63 -21.36 12.78
C ILE F 44 27.87 -20.20 13.40
N PRO F 45 28.05 -18.98 12.87
CA PRO F 45 27.27 -17.87 13.43
C PRO F 45 25.77 -18.06 13.17
N PHE F 46 24.95 -17.56 14.09
CA PHE F 46 23.52 -17.70 13.94
C PHE F 46 22.97 -16.41 13.36
N SER F 47 22.28 -16.55 12.24
CA SER F 47 21.72 -15.41 11.53
C SER F 47 20.24 -15.28 11.85
N HIS F 48 19.85 -14.13 12.36
CA HIS F 48 18.49 -13.95 12.82
C HIS F 48 17.68 -12.97 11.98
N ASN F 49 16.41 -13.32 11.78
CA ASN F 49 15.41 -12.38 11.29
C ASN F 49 14.89 -11.57 12.46
N HIS F 50 15.33 -10.31 12.55
CA HIS F 50 14.95 -9.42 13.63
C HIS F 50 13.67 -8.66 13.32
N TYR F 51 12.75 -8.66 14.28
CA TYR F 51 11.50 -7.92 14.16
C TYR F 51 11.46 -6.72 15.09
N PRO F 52 10.89 -5.61 14.59
CA PRO F 52 10.53 -4.44 15.38
C PRO F 52 9.58 -4.85 16.50
N GLU F 53 9.70 -4.25 17.66
CA GLU F 53 8.78 -4.54 18.77
C GLU F 53 7.29 -4.60 18.38
N LYS F 54 6.84 -3.69 17.51
CA LYS F 54 5.43 -3.63 17.14
C LYS F 54 5.04 -4.76 16.20
N GLU F 55 5.94 -5.08 15.27
CA GLU F 55 5.76 -6.22 14.37
C GLU F 55 5.75 -7.53 15.17
N MET F 56 6.54 -7.60 16.23
CA MET F 56 6.56 -8.77 17.08
C MET F 56 5.22 -8.94 17.76
N VAL F 57 4.74 -7.85 18.36
CA VAL F 57 3.45 -7.84 19.02
C VAL F 57 2.33 -8.22 18.06
N LYS F 58 2.39 -7.71 16.83
CA LYS F 58 1.34 -8.00 15.86
C LYS F 58 1.33 -9.47 15.44
N ARG F 59 2.50 -10.02 15.13
CA ARG F 59 2.63 -11.41 14.71
C ARG F 59 2.21 -12.37 15.82
N SER F 60 2.58 -12.01 17.05
CA SER F 60 2.27 -12.84 18.19
C SER F 60 0.77 -12.84 18.47
N GLN F 61 0.13 -11.69 18.27
CA GLN F 61 -1.32 -11.57 18.43
C GLN F 61 -2.02 -12.38 17.35
N GLU F 62 -1.57 -12.22 16.11
CA GLU F 62 -2.20 -12.93 15.01
C GLU F 62 -2.09 -14.43 15.17
N PHE F 63 -0.91 -14.92 15.53
CA PHE F 63 -0.69 -16.35 15.67
C PHE F 63 -1.59 -16.92 16.79
N TYR F 64 -1.71 -16.20 17.90
CA TYR F 64 -2.60 -16.64 18.95
C TYR F 64 -4.05 -16.81 18.48
N GLU F 65 -4.56 -15.81 17.76
CA GLU F 65 -5.94 -15.86 17.29
C GLU F 65 -6.20 -17.02 16.34
N LEU F 66 -5.19 -17.35 15.52
CA LEU F 66 -5.25 -18.49 14.59
C LEU F 66 -5.31 -19.82 15.31
N LEU F 67 -4.42 -20.01 16.28
CA LEU F 67 -4.34 -21.28 16.97
C LEU F 67 -5.48 -21.46 17.98
N ASN F 68 -5.99 -20.36 18.52
CA ASN F 68 -7.12 -20.46 19.44
C ASN F 68 -8.38 -20.95 18.71
N LYS F 69 -8.38 -20.81 17.39
CA LYS F 69 -9.46 -21.31 16.55
C LYS F 69 -9.35 -22.82 16.33
N ARG F 70 -8.18 -23.39 16.65
CA ARG F 70 -7.97 -24.83 16.51
C ARG F 70 -8.82 -25.61 17.52
N ARG F 71 -9.58 -26.57 17.01
CA ARG F 71 -10.36 -27.44 17.85
C ARG F 71 -10.17 -28.87 17.38
N SER F 72 -10.27 -29.81 18.31
CA SER F 72 -10.21 -31.21 17.97
C SER F 72 -11.51 -31.57 17.23
N VAL F 73 -11.37 -32.03 16.00
CA VAL F 73 -12.56 -32.32 15.21
C VAL F 73 -12.69 -33.81 14.98
N ARG F 74 -13.77 -34.41 15.49
CA ARG F 74 -13.96 -35.85 15.43
C ARG F 74 -14.89 -36.28 14.28
N PHE F 75 -15.16 -35.35 13.36
CA PHE F 75 -16.03 -35.58 12.22
C PHE F 75 -15.38 -34.98 10.97
N ILE F 76 -14.86 -35.84 10.11
CA ILE F 76 -13.99 -35.40 9.04
C ILE F 76 -14.49 -35.88 7.67
N SER F 77 -14.71 -34.93 6.78
CA SER F 77 -15.10 -35.22 5.40
C SER F 77 -14.09 -36.14 4.70
N ASN F 78 -14.55 -36.85 3.66
CA ASN F 78 -13.68 -37.74 2.90
C ASN F 78 -13.10 -37.02 1.69
N GLU F 79 -13.41 -35.74 1.56
CA GLU F 79 -12.84 -34.94 0.48
C GLU F 79 -11.32 -34.96 0.56
N GLN F 80 -10.68 -35.32 -0.55
CA GLN F 80 -9.25 -35.48 -0.62
C GLN F 80 -8.52 -34.17 -0.33
N VAL F 81 -7.33 -34.30 0.26
CA VAL F 81 -6.50 -33.16 0.60
C VAL F 81 -5.23 -33.23 -0.25
N PRO F 82 -4.67 -32.07 -0.58
CA PRO F 82 -3.45 -32.02 -1.40
C PRO F 82 -2.23 -32.60 -0.68
N MET F 83 -1.67 -33.64 -1.27
CA MET F 83 -0.57 -34.37 -0.64
C MET F 83 0.67 -33.50 -0.39
N GLU F 84 0.72 -32.34 -1.02
CA GLU F 84 1.85 -31.46 -0.81
C GLU F 84 1.69 -30.71 0.50
N VAL F 85 0.45 -30.44 0.89
CA VAL F 85 0.20 -29.80 2.19
C VAL F 85 0.61 -30.77 3.29
N ILE F 86 0.31 -32.04 3.11
CA ILE F 86 0.74 -33.05 4.05
C ILE F 86 2.27 -33.13 4.15
N ASP F 87 2.94 -33.17 3.01
CA ASP F 87 4.40 -33.20 2.96
C ASP F 87 5.05 -32.04 3.74
N ASN F 88 4.54 -30.83 3.52
CA ASN F 88 5.13 -29.65 4.14
C ASN F 88 4.86 -29.64 5.64
N VAL F 89 3.67 -30.09 6.00
CA VAL F 89 3.23 -30.11 7.38
C VAL F 89 4.04 -31.11 8.21
N ILE F 90 4.37 -32.25 7.62
CA ILE F 90 5.25 -33.20 8.29
C ILE F 90 6.70 -32.73 8.25
N ARG F 91 7.11 -32.14 7.14
CA ARG F 91 8.40 -31.45 7.02
C ARG F 91 8.58 -30.50 8.21
N THR F 92 7.50 -29.79 8.53
CA THR F 92 7.52 -28.80 9.59
C THR F 92 7.76 -29.43 10.96
N ALA F 93 7.04 -30.51 11.24
CA ALA F 93 7.16 -31.22 12.52
C ALA F 93 8.59 -31.72 12.76
N GLY F 94 9.25 -32.15 11.69
CA GLY F 94 10.60 -32.66 11.77
C GLY F 94 11.65 -31.60 12.03
N THR F 95 11.22 -30.34 12.09
CA THR F 95 12.10 -29.22 12.42
C THR F 95 12.13 -28.99 13.92
N ALA F 96 11.32 -29.76 14.65
CA ALA F 96 11.27 -29.67 16.10
C ALA F 96 12.64 -29.95 16.70
N PRO F 97 12.93 -29.36 17.86
CA PRO F 97 14.11 -29.76 18.62
C PRO F 97 13.99 -31.21 19.08
N SER F 98 15.13 -31.85 19.38
CA SER F 98 15.12 -33.21 19.93
C SER F 98 16.34 -33.37 20.83
N GLY F 99 16.20 -34.15 21.90
CA GLY F 99 17.31 -34.37 22.83
C GLY F 99 18.57 -34.87 22.14
N ALA F 100 19.68 -34.14 22.32
CA ALA F 100 20.96 -34.44 21.68
C ALA F 100 20.85 -34.63 20.17
N HIS F 101 19.93 -33.90 19.55
CA HIS F 101 19.72 -33.96 18.10
C HIS F 101 19.58 -35.40 17.59
N THR F 102 18.54 -36.10 18.05
CA THR F 102 18.33 -37.48 17.67
C THR F 102 17.20 -37.65 16.65
N GLU F 103 16.34 -36.63 16.54
CA GLU F 103 15.19 -36.69 15.64
C GLU F 103 14.46 -38.04 15.69
N PRO F 104 14.00 -38.43 16.90
CA PRO F 104 13.50 -39.80 17.11
C PRO F 104 12.03 -40.02 16.69
N TRP F 105 11.62 -39.49 15.53
CA TRP F 105 10.22 -39.54 15.08
C TRP F 105 10.04 -40.19 13.70
N THR F 106 9.03 -41.05 13.62
CA THR F 106 8.56 -41.59 12.36
C THR F 106 7.06 -41.28 12.21
N PHE F 107 6.76 -40.55 11.15
CA PHE F 107 5.38 -40.23 10.81
C PHE F 107 4.88 -41.18 9.71
N VAL F 108 4.05 -42.12 10.11
CA VAL F 108 3.44 -43.04 9.15
C VAL F 108 2.14 -42.49 8.60
N VAL F 109 2.12 -42.20 7.30
CA VAL F 109 0.95 -41.65 6.62
C VAL F 109 0.19 -42.74 5.87
N VAL F 110 -1.09 -42.91 6.21
CA VAL F 110 -1.89 -43.97 5.60
C VAL F 110 -2.98 -43.40 4.70
N LYS F 111 -2.92 -43.74 3.43
CA LYS F 111 -3.87 -43.22 2.45
C LYS F 111 -4.87 -44.29 2.07
N ASP F 112 -4.39 -45.53 2.03
CA ASP F 112 -5.13 -46.68 1.53
C ASP F 112 -6.38 -47.02 2.36
N PRO F 113 -7.56 -47.00 1.70
CA PRO F 113 -8.83 -47.33 2.33
C PRO F 113 -8.79 -48.70 3.00
N ASP F 114 -8.10 -49.64 2.37
CA ASP F 114 -8.05 -51.00 2.91
C ASP F 114 -7.30 -51.04 4.22
N VAL F 115 -6.12 -50.41 4.25
CA VAL F 115 -5.31 -50.37 5.46
C VAL F 115 -6.03 -49.54 6.51
N LYS F 116 -6.58 -48.41 6.08
CA LYS F 116 -7.34 -47.56 6.98
C LYS F 116 -8.49 -48.31 7.65
N HIS F 117 -9.17 -49.16 6.91
CA HIS F 117 -10.28 -49.92 7.48
C HIS F 117 -9.78 -50.96 8.49
N LYS F 118 -8.63 -51.56 8.22
CA LYS F 118 -8.08 -52.52 9.19
C LYS F 118 -7.66 -51.84 10.49
N ILE F 119 -7.24 -50.58 10.39
CA ILE F 119 -6.92 -49.77 11.55
C ILE F 119 -8.18 -49.46 12.36
N ARG F 120 -9.26 -49.12 11.68
CA ARG F 120 -10.54 -48.86 12.33
C ARG F 120 -11.03 -50.07 13.13
N LYS F 121 -10.98 -51.24 12.51
CA LYS F 121 -11.35 -52.45 13.23
C LYS F 121 -10.52 -52.62 14.49
N ILE F 122 -9.21 -52.42 14.37
CA ILE F 122 -8.33 -52.63 15.51
C ILE F 122 -8.68 -51.69 16.65
N ILE F 123 -8.79 -50.42 16.32
CA ILE F 123 -9.03 -49.39 17.32
C ILE F 123 -10.43 -49.50 17.93
N GLU F 124 -11.46 -49.77 17.13
CA GLU F 124 -12.80 -49.94 17.70
C GLU F 124 -12.87 -51.15 18.60
N GLU F 125 -12.20 -52.23 18.19
CA GLU F 125 -12.14 -53.44 19.00
C GLU F 125 -11.52 -53.17 20.37
N GLU F 126 -10.36 -52.52 20.38
CA GLU F 126 -9.66 -52.26 21.64
C GLU F 126 -10.33 -51.15 22.47
N GLU F 127 -10.80 -50.09 21.82
CA GLU F 127 -11.50 -49.02 22.53
C GLU F 127 -12.77 -49.54 23.23
N GLU F 128 -13.46 -50.49 22.61
CA GLU F 128 -14.62 -51.08 23.28
C GLU F 128 -14.24 -51.67 24.63
N ILE F 129 -13.20 -52.51 24.67
CA ILE F 129 -12.68 -53.03 25.95
C ILE F 129 -12.20 -51.92 26.90
N ASN F 130 -11.61 -50.86 26.34
CA ASN F 130 -11.14 -49.73 27.14
C ASN F 130 -12.30 -49.02 27.85
N TYR F 131 -13.38 -48.74 27.11
CA TYR F 131 -14.56 -48.10 27.71
C TYR F 131 -15.28 -49.03 28.69
N MET F 132 -15.40 -50.30 28.34
CA MET F 132 -16.15 -51.22 29.20
C MET F 132 -15.38 -51.69 30.41
N LYS F 133 -14.05 -51.78 30.32
CA LYS F 133 -13.30 -52.38 31.41
C LYS F 133 -12.02 -51.65 31.83
N ARG F 134 -11.14 -51.35 30.88
CA ARG F 134 -9.77 -50.96 31.22
C ARG F 134 -9.54 -49.54 31.75
N MET F 135 -10.29 -48.56 31.27
CA MET F 135 -10.08 -47.17 31.71
C MET F 135 -10.63 -46.89 33.12
N GLY F 136 -11.71 -47.58 33.47
CA GLY F 136 -12.27 -47.43 34.79
C GLY F 136 -13.36 -46.39 34.85
N HIS F 137 -14.19 -46.48 35.88
CA HIS F 137 -15.36 -45.64 36.05
C HIS F 137 -15.03 -44.16 35.95
N ARG F 138 -14.00 -43.75 36.68
CA ARG F 138 -13.62 -42.34 36.80
C ARG F 138 -13.30 -41.71 35.43
N TRP F 139 -12.45 -42.40 34.67
CA TRP F 139 -12.02 -41.96 33.35
C TRP F 139 -13.19 -41.84 32.38
N VAL F 140 -14.02 -42.89 32.32
CA VAL F 140 -15.21 -42.89 31.47
C VAL F 140 -16.16 -41.73 31.82
N THR F 141 -16.31 -41.44 33.11
CA THR F 141 -17.09 -40.29 33.57
C THR F 141 -16.43 -38.98 33.12
N ASP F 142 -15.11 -38.92 33.25
CA ASP F 142 -14.38 -37.72 32.84
C ASP F 142 -14.51 -37.46 31.35
N LEU F 143 -14.88 -38.50 30.61
CA LEU F 143 -15.06 -38.38 29.16
C LEU F 143 -16.49 -38.06 28.72
N LYS F 144 -17.46 -38.12 29.64
CA LYS F 144 -18.87 -37.92 29.25
C LYS F 144 -19.07 -36.58 28.56
N LYS F 145 -18.47 -35.53 29.10
CA LYS F 145 -18.61 -34.21 28.53
C LYS F 145 -18.19 -34.17 27.06
N LEU F 146 -17.42 -35.17 26.63
CA LEU F 146 -16.95 -35.17 25.24
C LEU F 146 -17.82 -36.02 24.33
N ARG F 147 -18.69 -36.83 24.94
CA ARG F 147 -19.60 -37.71 24.18
C ARG F 147 -18.87 -38.66 23.22
N THR F 148 -17.62 -38.98 23.56
CA THR F 148 -16.83 -39.96 22.81
C THR F 148 -17.23 -41.39 23.21
N ASN F 149 -17.10 -42.31 22.26
CA ASN F 149 -17.33 -43.73 22.49
C ASN F 149 -16.38 -44.58 21.66
N TRP F 150 -16.61 -45.89 21.56
CA TRP F 150 -15.64 -46.70 20.82
C TRP F 150 -15.86 -46.71 19.31
N ILE F 151 -16.90 -46.02 18.81
CA ILE F 151 -17.09 -45.91 17.36
C ILE F 151 -16.28 -44.75 16.80
N LYS F 152 -15.39 -45.06 15.86
CA LYS F 152 -14.47 -44.05 15.30
C LYS F 152 -14.60 -43.97 13.79
N GLU F 153 -15.67 -43.34 13.33
CA GLU F 153 -15.97 -43.35 11.91
C GLU F 153 -14.89 -42.60 11.09
N TYR F 154 -14.21 -41.66 11.73
CA TYR F 154 -13.19 -40.86 11.04
C TYR F 154 -11.99 -41.69 10.53
N LEU F 155 -11.75 -42.85 11.14
CA LEU F 155 -10.68 -43.74 10.69
C LEU F 155 -10.88 -44.25 9.25
N ASP F 156 -12.13 -44.28 8.78
CA ASP F 156 -12.46 -44.58 7.38
C ASP F 156 -12.69 -43.31 6.54
N THR F 157 -13.45 -42.37 7.06
CA THR F 157 -13.83 -41.20 6.28
C THR F 157 -12.67 -40.26 6.00
N ALA F 158 -11.82 -40.01 6.99
CA ALA F 158 -10.69 -39.08 6.78
C ALA F 158 -9.78 -39.59 5.66
N PRO F 159 -9.42 -38.69 4.73
CA PRO F 159 -8.59 -39.06 3.60
C PRO F 159 -7.23 -39.59 4.06
N ILE F 160 -6.76 -39.05 5.18
CA ILE F 160 -5.41 -39.35 5.66
C ILE F 160 -5.37 -39.64 7.16
N LEU F 161 -4.61 -40.68 7.52
CA LEU F 161 -4.27 -40.97 8.90
C LEU F 161 -2.79 -40.75 9.10
N ILE F 162 -2.42 -39.94 10.08
CA ILE F 162 -1.00 -39.82 10.44
C ILE F 162 -0.76 -40.54 11.78
N LEU F 163 -0.02 -41.63 11.74
CA LEU F 163 0.33 -42.33 12.96
C LEU F 163 1.74 -41.93 13.33
N ILE F 164 1.91 -41.32 14.49
CA ILE F 164 3.21 -40.86 14.90
C ILE F 164 3.88 -41.83 15.85
N PHE F 165 5.02 -42.37 15.43
CA PHE F 165 5.75 -43.36 16.23
C PHE F 165 6.97 -42.72 16.87
N LYS F 166 7.20 -42.98 18.14
CA LYS F 166 8.45 -42.57 18.75
C LYS F 166 9.48 -43.68 18.59
N GLN F 167 10.73 -43.32 18.34
CA GLN F 167 11.80 -44.29 18.32
C GLN F 167 12.45 -44.32 19.71
N VAL F 168 12.21 -45.39 20.46
CA VAL F 168 12.65 -45.44 21.86
C VAL F 168 14.15 -45.61 21.95
N HIS F 169 14.76 -46.09 20.87
CA HIS F 169 16.21 -45.99 20.69
C HIS F 169 16.48 -46.03 19.20
N GLY F 170 17.75 -45.93 18.82
CA GLY F 170 18.13 -46.01 17.41
C GLY F 170 19.33 -46.94 17.17
N PHE F 171 19.85 -46.89 15.94
CA PHE F 171 21.04 -47.67 15.60
C PHE F 171 22.03 -46.85 14.78
N ALA F 172 23.31 -46.95 15.12
CA ALA F 172 24.35 -46.34 14.28
C ALA F 172 24.57 -47.15 12.99
N ALA F 173 25.42 -46.64 12.11
CA ALA F 173 25.70 -47.33 10.84
C ALA F 173 26.37 -48.68 11.10
N ASN F 174 27.17 -48.73 12.17
CA ASN F 174 27.84 -49.96 12.58
C ASN F 174 26.94 -50.97 13.30
N GLY F 175 25.70 -50.61 13.58
CA GLY F 175 24.80 -51.54 14.24
C GLY F 175 24.71 -51.55 15.76
N LYS F 176 25.34 -50.58 16.40
CA LYS F 176 25.22 -50.41 17.85
C LYS F 176 24.01 -49.51 18.17
N LYS F 177 23.40 -49.69 19.36
CA LYS F 177 22.26 -48.86 19.75
C LYS F 177 22.65 -47.44 20.10
N LYS F 178 22.05 -46.44 19.47
CA LYS F 178 22.22 -45.09 20.00
C LYS F 178 21.03 -44.72 20.88
N VAL F 179 21.33 -44.04 21.99
CA VAL F 179 20.32 -43.58 22.94
C VAL F 179 19.50 -42.42 22.40
N HIS F 180 18.18 -42.49 22.58
CA HIS F 180 17.33 -41.38 22.19
C HIS F 180 16.83 -40.65 23.44
N TYR F 181 17.67 -39.76 23.96
CA TYR F 181 17.38 -38.99 25.17
C TYR F 181 16.07 -38.24 25.10
N TYR F 182 15.22 -38.48 26.10
CA TYR F 182 13.92 -37.84 26.18
C TYR F 182 13.09 -37.99 24.91
N ASN F 183 13.03 -39.20 24.34
CA ASN F 183 12.37 -39.34 23.05
C ASN F 183 10.88 -39.04 23.07
N GLU F 184 10.17 -39.43 24.11
CA GLU F 184 8.73 -39.21 24.10
C GLU F 184 8.42 -37.72 24.12
N ILE F 185 9.16 -36.99 24.94
CA ILE F 185 8.95 -35.55 25.00
C ILE F 185 9.29 -34.91 23.65
N SER F 186 10.40 -35.34 23.04
CA SER F 186 10.83 -34.76 21.77
C SER F 186 9.74 -34.95 20.72
N VAL F 187 9.28 -36.19 20.58
CA VAL F 187 8.25 -36.49 19.62
C VAL F 187 6.96 -35.74 19.94
N SER F 188 6.60 -35.65 21.22
CA SER F 188 5.40 -34.91 21.59
C SER F 188 5.50 -33.45 21.17
N ILE F 189 6.68 -32.86 21.36
CA ILE F 189 6.94 -31.49 20.95
C ILE F 189 6.73 -31.37 19.45
N ALA F 190 7.24 -32.34 18.70
CA ALA F 190 7.07 -32.34 17.24
C ALA F 190 5.59 -32.41 16.88
N CYS F 191 4.82 -33.16 17.64
CA CYS F 191 3.41 -33.27 17.39
C CYS F 191 2.67 -31.94 17.66
N GLY F 192 3.05 -31.25 18.72
CA GLY F 192 2.54 -29.90 18.97
C GLY F 192 2.76 -29.00 17.76
N ILE F 193 3.96 -29.10 17.18
CA ILE F 193 4.30 -28.31 16.00
C ILE F 193 3.50 -28.74 14.78
N LEU F 194 3.33 -30.06 14.63
CA LEU F 194 2.49 -30.64 13.60
C LEU F 194 1.06 -30.10 13.71
N LEU F 195 0.54 -30.07 14.93
CA LEU F 195 -0.80 -29.54 15.17
C LEU F 195 -0.88 -28.07 14.76
N ALA F 196 0.16 -27.29 15.08
CA ALA F 196 0.18 -25.90 14.68
C ALA F 196 0.13 -25.78 13.16
N ALA F 197 0.99 -26.55 12.48
CA ALA F 197 1.05 -26.53 11.02
C ALA F 197 -0.28 -26.92 10.37
N LEU F 198 -0.94 -27.96 10.89
CA LEU F 198 -2.25 -28.34 10.37
C LEU F 198 -3.28 -27.23 10.52
N GLN F 199 -3.30 -26.56 11.66
CA GLN F 199 -4.22 -25.43 11.86
C GLN F 199 -3.93 -24.31 10.87
N ASN F 200 -2.65 -24.04 10.68
CA ASN F 200 -2.18 -23.00 9.79
C ASN F 200 -2.50 -23.33 8.33
N ALA F 201 -2.59 -24.61 8.00
CA ALA F 201 -2.85 -24.98 6.63
C ALA F 201 -4.34 -25.20 6.41
N GLY F 202 -5.14 -24.89 7.41
CA GLY F 202 -6.57 -25.02 7.32
C GLY F 202 -7.08 -26.45 7.24
N LEU F 203 -6.31 -27.39 7.78
CA LEU F 203 -6.81 -28.76 7.98
C LEU F 203 -7.19 -28.96 9.43
N VAL F 204 -7.96 -30.01 9.71
CA VAL F 204 -8.36 -30.28 11.08
C VAL F 204 -8.04 -31.70 11.46
N THR F 205 -8.02 -31.94 12.75
CA THR F 205 -7.72 -33.27 13.28
C THR F 205 -8.14 -33.38 14.74
N VAL F 206 -8.01 -34.60 15.28
CA VAL F 206 -8.08 -34.80 16.73
C VAL F 206 -6.91 -35.63 17.18
N THR F 207 -6.23 -35.17 18.23
CA THR F 207 -5.09 -35.89 18.78
C THR F 207 -5.63 -37.09 19.55
N THR F 208 -5.33 -38.33 19.12
CA THR F 208 -5.86 -39.47 19.87
C THR F 208 -4.77 -40.41 20.37
N THR F 209 -5.03 -41.04 21.51
CA THR F 209 -4.11 -42.01 22.06
C THR F 209 -4.89 -43.30 22.29
N PRO F 210 -4.97 -44.13 21.25
CA PRO F 210 -5.72 -45.39 21.31
C PRO F 210 -5.00 -46.43 22.18
N LEU F 211 -5.44 -46.53 23.44
CA LEU F 211 -4.90 -47.47 24.41
C LEU F 211 -4.74 -48.90 23.89
N ASN F 212 -3.56 -49.49 24.11
CA ASN F 212 -3.29 -50.91 23.84
C ASN F 212 -3.35 -51.27 22.37
N CYS F 213 -3.32 -50.28 21.52
CA CYS F 213 -3.38 -50.55 20.10
C CYS F 213 -2.00 -50.54 19.45
N GLY F 214 -0.99 -50.14 20.22
CA GLY F 214 0.35 -49.92 19.69
C GLY F 214 0.93 -51.12 18.97
N PRO F 215 1.15 -52.22 19.71
CA PRO F 215 1.71 -53.45 19.12
C PRO F 215 0.96 -53.94 17.87
N ARG F 216 -0.37 -54.07 17.93
CA ARG F 216 -1.11 -54.52 16.76
C ARG F 216 -0.89 -53.61 15.55
N LEU F 217 -0.89 -52.30 15.77
CA LEU F 217 -0.74 -51.34 14.68
C LEU F 217 0.70 -51.29 14.13
N ARG F 218 1.67 -51.48 15.02
CA ARG F 218 3.07 -51.52 14.59
C ARG F 218 3.27 -52.64 13.57
N VAL F 219 2.84 -53.84 13.95
CA VAL F 219 2.95 -55.02 13.09
C VAL F 219 2.15 -54.86 11.81
N LEU F 220 0.94 -54.33 11.94
CA LEU F 220 0.10 -54.09 10.79
C LEU F 220 0.80 -53.21 9.74
N LEU F 221 1.48 -52.17 10.20
CA LEU F 221 2.06 -51.20 9.27
C LEU F 221 3.54 -51.47 8.96
N GLY F 222 4.07 -52.60 9.44
CA GLY F 222 5.46 -52.97 9.17
C GLY F 222 6.51 -52.04 9.75
N ARG F 223 6.34 -51.65 11.01
CA ARG F 223 7.29 -50.77 11.67
C ARG F 223 8.16 -51.60 12.58
N PRO F 224 9.43 -51.21 12.71
CA PRO F 224 10.45 -51.92 13.49
C PRO F 224 10.18 -51.88 14.98
N ALA F 225 10.79 -52.81 15.72
CA ALA F 225 10.51 -52.99 17.13
C ALA F 225 10.88 -51.79 18.02
N HIS F 226 11.79 -50.94 17.54
CA HIS F 226 12.21 -49.80 18.34
C HIS F 226 11.23 -48.61 18.19
N GLU F 227 10.24 -48.76 17.31
CA GLU F 227 9.17 -47.76 17.15
C GLU F 227 7.92 -48.13 17.97
N LYS F 228 7.39 -47.15 18.70
CA LYS F 228 6.18 -47.35 19.49
C LYS F 228 5.20 -46.22 19.22
N LEU F 229 3.95 -46.58 18.94
CA LEU F 229 2.94 -45.58 18.58
C LEU F 229 2.70 -44.63 19.73
N LEU F 230 2.80 -43.34 19.45
CA LEU F 230 2.54 -42.34 20.48
C LEU F 230 1.15 -41.71 20.32
N MET F 231 0.76 -41.38 19.08
CA MET F 231 -0.60 -40.93 18.80
C MET F 231 -0.99 -41.03 17.35
N LEU F 232 -2.30 -40.88 17.11
CA LEU F 232 -2.88 -41.02 15.79
C LEU F 232 -3.72 -39.77 15.53
N LEU F 233 -3.49 -39.14 14.38
CA LEU F 233 -4.30 -37.99 13.99
C LEU F 233 -5.02 -38.29 12.67
N PRO F 234 -6.36 -38.34 12.70
CA PRO F 234 -7.07 -38.36 11.42
C PRO F 234 -7.04 -36.96 10.82
N VAL F 235 -6.70 -36.84 9.55
CA VAL F 235 -6.55 -35.49 8.98
C VAL F 235 -7.40 -35.30 7.73
N GLY F 236 -8.10 -34.16 7.67
CA GLY F 236 -8.86 -33.80 6.49
C GLY F 236 -9.63 -32.51 6.71
N TYR F 237 -10.64 -32.27 5.88
CA TYR F 237 -11.50 -31.12 6.11
C TYR F 237 -12.58 -31.54 7.09
N PRO F 238 -13.11 -30.57 7.85
CA PRO F 238 -14.23 -30.91 8.72
C PRO F 238 -15.46 -31.21 7.89
N SER F 239 -16.21 -32.24 8.25
CA SER F 239 -17.47 -32.52 7.57
C SER F 239 -18.45 -31.40 7.85
N LYS F 240 -19.50 -31.30 7.03
CA LYS F 240 -20.44 -30.19 7.13
C LYS F 240 -21.19 -30.16 8.47
N GLU F 241 -21.56 -31.33 8.96
CA GLU F 241 -22.34 -31.40 10.20
C GLU F 241 -21.46 -31.56 11.44
N ALA F 242 -20.18 -31.22 11.31
CA ALA F 242 -19.23 -31.41 12.40
C ALA F 242 -19.54 -30.53 13.60
N THR F 243 -19.45 -31.12 14.80
CA THR F 243 -19.60 -30.36 16.04
C THR F 243 -18.39 -30.53 16.94
N VAL F 244 -18.28 -29.65 17.93
CA VAL F 244 -17.28 -29.78 18.98
C VAL F 244 -17.96 -29.53 20.31
N PRO F 245 -17.38 -30.06 21.39
CA PRO F 245 -17.92 -29.68 22.69
C PRO F 245 -17.68 -28.21 22.91
N ASP F 246 -18.56 -27.55 23.66
CA ASP F 246 -18.40 -26.14 23.98
C ASP F 246 -17.44 -25.98 25.17
N LEU F 247 -16.15 -26.16 24.92
CA LEU F 247 -15.16 -26.09 25.98
C LEU F 247 -14.52 -24.71 26.06
N LYS F 248 -14.16 -24.32 27.28
CA LYS F 248 -13.55 -23.03 27.55
C LYS F 248 -12.11 -23.20 28.02
N ARG F 249 -11.21 -22.42 27.46
CA ARG F 249 -9.84 -22.48 27.93
C ARG F 249 -9.62 -21.50 29.07
N LYS F 250 -8.72 -21.86 29.98
CA LYS F 250 -8.34 -21.02 31.12
C LYS F 250 -7.89 -19.64 30.66
N PRO F 251 -8.21 -18.61 31.45
CA PRO F 251 -7.62 -17.30 31.20
C PRO F 251 -6.13 -17.32 31.47
N LEU F 252 -5.41 -16.41 30.84
CA LEU F 252 -3.96 -16.30 31.01
C LEU F 252 -3.50 -16.38 32.46
N ASP F 253 -4.16 -15.64 33.35
CA ASP F 253 -3.72 -15.59 34.76
C ASP F 253 -3.90 -16.92 35.49
N GLN F 254 -4.38 -17.94 34.79
CA GLN F 254 -4.56 -19.26 35.40
C GLN F 254 -3.64 -20.31 34.80
N ILE F 255 -2.89 -19.95 33.76
CA ILE F 255 -1.89 -20.86 33.22
C ILE F 255 -0.50 -20.22 33.30
N MET F 256 -0.46 -18.93 33.64
CA MET F 256 0.80 -18.17 33.71
C MET F 256 1.00 -17.53 35.09
N VAL F 257 2.19 -17.70 35.65
CA VAL F 257 2.54 -17.09 36.93
C VAL F 257 3.84 -16.34 36.77
N THR F 258 3.85 -15.04 37.03
CA THR F 258 5.04 -14.21 36.89
C THR F 258 5.68 -14.01 38.27
N VAL F 259 7.01 -14.09 38.36
CA VAL F 259 7.69 -14.06 39.66
C VAL F 259 8.63 -12.86 39.79
N HIS F 260 8.56 -12.24 40.98
CA HIS F 260 9.42 -11.11 41.37
C HIS F 260 10.01 -11.18 42.79
#